data_6IK8
#
_entry.id   6IK8
#
_cell.length_a   92.940
_cell.length_b   95.950
_cell.length_c   158.959
_cell.angle_alpha   90.00
_cell.angle_beta   90.00
_cell.angle_gamma   90.00
#
_symmetry.space_group_name_H-M   'P 21 21 21'
#
loop_
_entity.id
_entity.type
_entity.pdbx_description
1 polymer Beta-galactosidase
2 branched 2-acetamido-2-deoxy-beta-D-glucopyranose-(1-4)-2-acetamido-2-deoxy-beta-D-glucopyranose
3 branched beta-D-galactopyranose-(1-6)-beta-D-galactopyranose
4 non-polymer 2-acetamido-2-deoxy-beta-D-glucopyranose
5 non-polymer beta-D-galactopyranose
6 water water
#
_entity_poly.entity_id   1
_entity_poly.type   'polypeptide(L)'
_entity_poly.pdbx_seq_one_letter_code
;EAEAEFSVSYDDRAIIINGKRKILISGSIHYPRSTPQMWPDLIQKAKDGGLDVIETYVFWNGHEPSPGKYNFEGRYDLVR
FIKMVQRAGLYVNLRIGPYVCAEWNFGGFPVWLKYVPGMEFRTNNQPFKVAMQGFVQKIVNMMKSENLFESQGGPIIMAQ
IENAYGPVEWEIGAPGKAYTKWAAQMAVGLKTGVPWIMCKQEDAPDPVIDTCNGFYCEGFRPNKPYKPKMWTEVWTGWYT
KFGGPIPQRPAEDIAFSVARFVQNNGSFFNYYMYHGGTNFGRTSSGLFIATSYDYDAPLDEYGLLNEPKYGHLRDLHKAI
KLSEPALVSSYAAVTSLGSNQEAHVYRSKSGACAAFLSNYDSRYSVKVTFQNRPYNLPPWSISILPDCKTAVYNTAQVNS
QSSSIKMTPAGGGLSWQSYNEETPTADDSDTLTANGLWEQKNVTRDSSDYLWYMTNVNIASNEGFLKNGKDPYLTVMSAG
HVLHVFVNGKLSGTVYGTLDNPKLTYSGNVKLRAGINKISLLSVSVGLPNVGVHYDTWNAGVLGPVTLSGLNEGSRNLAK
QKWSYKVGLKGESLSLHSLSGSSSVEWVRGSLMAQKQPLTWYKATFNAPGGNDPLALDMASMGKGQIWINGEGVGRHWPG
YIAQGDCSKCSYAGTFNEKKCQTNCGQPSQRWYHVPRSWLKPSGNLLVVFEEWGGNPTGISLVRRSRSAAAASFLEQK
;
_entity_poly.pdbx_strand_id   B,A
#
loop_
_chem_comp.id
_chem_comp.type
_chem_comp.name
_chem_comp.formula
GAL D-saccharide, beta linking beta-D-galactopyranose 'C6 H12 O6'
NAG D-saccharide, beta linking 2-acetamido-2-deoxy-beta-D-glucopyranose 'C8 H15 N O6'
#
# COMPACT_ATOMS: atom_id res chain seq x y z
N GLU A 5 -54.45 0.74 -8.78
CA GLU A 5 -54.39 1.79 -9.84
C GLU A 5 -52.95 2.03 -10.27
N PHE A 6 -52.04 2.15 -9.29
CA PHE A 6 -50.60 2.28 -9.53
C PHE A 6 -49.87 1.14 -8.85
N SER A 7 -48.77 0.68 -9.44
CA SER A 7 -47.96 -0.39 -8.87
C SER A 7 -46.54 -0.28 -9.41
N VAL A 8 -45.60 -0.91 -8.70
CA VAL A 8 -44.30 -1.21 -9.28
C VAL A 8 -43.98 -2.67 -9.01
N SER A 9 -43.75 -3.43 -10.08
CA SER A 9 -43.18 -4.77 -9.97
C SER A 9 -41.95 -4.90 -10.89
N TYR A 10 -41.57 -6.14 -11.18
CA TYR A 10 -40.43 -6.42 -12.04
C TYR A 10 -40.49 -7.87 -12.52
N ASP A 11 -39.97 -8.12 -13.72
CA ASP A 11 -39.81 -9.47 -14.23
C ASP A 11 -38.34 -9.63 -14.63
N ASP A 12 -38.03 -10.70 -15.39
CA ASP A 12 -36.66 -10.97 -15.84
C ASP A 12 -36.14 -9.85 -16.78
N ARG A 13 -37.06 -9.10 -17.38
CA ARG A 13 -36.69 -8.16 -18.43
C ARG A 13 -36.47 -6.75 -17.88
N ALA A 14 -37.33 -6.29 -16.94
CA ALA A 14 -37.36 -4.88 -16.55
C ALA A 14 -38.11 -4.67 -15.24
N ILE A 15 -37.96 -3.46 -14.69
CA ILE A 15 -38.92 -2.88 -13.76
C ILE A 15 -40.22 -2.64 -14.54
N ILE A 16 -41.35 -3.01 -13.92
CA ILE A 16 -42.66 -2.79 -14.53
C ILE A 16 -43.37 -1.70 -13.73
N ILE A 17 -43.65 -0.55 -14.39
CA ILE A 17 -44.31 0.57 -13.73
C ILE A 17 -45.72 0.73 -14.30
N ASN A 18 -46.72 0.66 -13.41
CA ASN A 18 -48.12 0.77 -13.79
C ASN A 18 -48.36 -0.18 -14.97
N GLY A 19 -47.89 -1.42 -14.83
CA GLY A 19 -48.21 -2.48 -15.77
C GLY A 19 -47.40 -2.40 -17.06
N LYS A 20 -46.50 -1.43 -17.19
CA LYS A 20 -45.67 -1.25 -18.37
C LYS A 20 -44.18 -1.44 -18.03
N ARG A 21 -43.48 -2.29 -18.80
CA ARG A 21 -42.04 -2.44 -18.66
C ARG A 21 -41.33 -1.19 -19.21
N LYS A 22 -40.23 -0.82 -18.55
CA LYS A 22 -39.54 0.41 -18.85
C LYS A 22 -38.04 0.11 -18.91
N ILE A 23 -37.34 0.86 -19.79
CA ILE A 23 -35.89 0.96 -19.77
C ILE A 23 -35.59 2.31 -19.12
N LEU A 24 -35.33 2.29 -17.81
CA LEU A 24 -35.21 3.49 -16.97
C LEU A 24 -33.81 4.08 -17.03
N ILE A 25 -33.73 5.34 -17.47
CA ILE A 25 -32.53 6.15 -17.49
C ILE A 25 -32.56 7.06 -16.25
N SER A 26 -31.55 6.88 -15.38
CA SER A 26 -31.49 7.52 -14.07
C SER A 26 -30.19 8.33 -13.91
N GLY A 27 -30.20 9.28 -12.98
CA GLY A 27 -28.98 9.98 -12.61
C GLY A 27 -29.05 10.49 -11.17
N SER A 28 -27.90 10.54 -10.50
CA SER A 28 -27.83 10.89 -9.09
C SER A 28 -27.73 12.40 -8.90
N ILE A 29 -28.56 12.94 -8.00
CA ILE A 29 -28.48 14.31 -7.50
C ILE A 29 -28.68 14.28 -5.99
N HIS A 30 -27.65 14.66 -5.23
CA HIS A 30 -27.73 14.61 -3.78
C HIS A 30 -28.29 15.92 -3.23
N TYR A 31 -29.50 15.86 -2.65
CA TYR A 31 -30.23 17.05 -2.21
C TYR A 31 -29.35 18.01 -1.41
N PRO A 32 -28.56 17.56 -0.41
CA PRO A 32 -27.83 18.50 0.43
C PRO A 32 -26.54 19.02 -0.21
N ARG A 33 -26.25 18.60 -1.44
CA ARG A 33 -25.06 19.01 -2.18
C ARG A 33 -25.35 20.17 -3.14
N SER A 34 -26.57 20.73 -3.06
CA SER A 34 -26.99 21.95 -3.74
C SER A 34 -28.04 22.61 -2.87
N THR A 35 -28.61 23.76 -3.27
CA THR A 35 -29.61 24.47 -2.46
C THR A 35 -31.02 24.25 -2.99
N PRO A 36 -32.06 24.48 -2.16
CA PRO A 36 -33.43 24.33 -2.63
C PRO A 36 -33.80 25.18 -3.86
N GLN A 37 -33.11 26.32 -4.06
CA GLN A 37 -33.38 27.16 -5.21
C GLN A 37 -32.81 26.51 -6.44
N MET A 38 -31.70 25.78 -6.28
CA MET A 38 -31.03 25.11 -7.38
C MET A 38 -31.80 23.87 -7.85
N TRP A 39 -32.51 23.20 -6.93
CA TRP A 39 -33.10 21.90 -7.21
C TRP A 39 -33.95 21.90 -8.49
N PRO A 40 -34.99 22.76 -8.62
CA PRO A 40 -35.87 22.70 -9.77
C PRO A 40 -35.06 22.82 -11.07
N ASP A 41 -34.01 23.65 -11.07
CA ASP A 41 -33.21 23.89 -12.27
C ASP A 41 -32.41 22.63 -12.60
N LEU A 42 -31.68 22.13 -11.60
CA LEU A 42 -30.98 20.85 -11.69
C LEU A 42 -31.90 19.78 -12.25
N ILE A 43 -33.11 19.68 -11.67
CA ILE A 43 -34.02 18.59 -12.02
C ILE A 43 -34.48 18.77 -13.46
N GLN A 44 -34.77 20.03 -13.85
CA GLN A 44 -35.24 20.32 -15.19
C GLN A 44 -34.16 20.00 -16.21
N LYS A 45 -32.90 20.28 -15.85
CA LYS A 45 -31.81 19.99 -16.77
C LYS A 45 -31.67 18.47 -16.96
N ALA A 46 -31.88 17.70 -15.88
CA ALA A 46 -31.96 16.24 -15.88
C ALA A 46 -33.03 15.76 -16.87
N LYS A 47 -34.24 16.34 -16.75
CA LYS A 47 -35.35 15.97 -17.61
C LYS A 47 -34.96 16.22 -19.06
N ASP A 48 -34.49 17.44 -19.38
CA ASP A 48 -34.08 17.76 -20.74
C ASP A 48 -32.87 16.91 -21.14
N GLY A 49 -32.19 16.36 -20.13
CA GLY A 49 -31.02 15.53 -20.35
C GLY A 49 -31.40 14.11 -20.78
N GLY A 50 -32.69 13.76 -20.65
CA GLY A 50 -33.23 12.48 -21.03
C GLY A 50 -33.33 11.49 -19.86
N LEU A 51 -33.38 12.02 -18.63
CA LEU A 51 -33.44 11.13 -17.47
C LEU A 51 -34.89 10.88 -17.12
N ASP A 52 -35.19 9.65 -16.67
CA ASP A 52 -36.53 9.23 -16.28
C ASP A 52 -36.60 9.21 -14.77
N VAL A 53 -35.43 9.02 -14.15
CA VAL A 53 -35.32 8.80 -12.71
C VAL A 53 -34.17 9.66 -12.19
N ILE A 54 -34.40 10.28 -11.03
CA ILE A 54 -33.37 10.89 -10.21
C ILE A 54 -33.19 10.01 -8.98
N GLU A 55 -31.91 9.77 -8.66
CA GLU A 55 -31.50 8.84 -7.63
C GLU A 55 -30.77 9.62 -6.54
N THR A 56 -31.11 9.35 -5.26
CA THR A 56 -30.39 10.01 -4.19
C THR A 56 -30.25 9.12 -2.96
N TYR A 57 -29.14 9.30 -2.25
CA TYR A 57 -28.98 8.76 -0.91
C TYR A 57 -29.81 9.59 0.07
N VAL A 58 -30.02 9.04 1.27
CA VAL A 58 -30.49 9.79 2.42
C VAL A 58 -29.28 9.94 3.34
N PHE A 59 -29.14 11.10 4.00
CA PHE A 59 -27.94 11.39 4.77
C PHE A 59 -28.32 11.51 6.23
N TRP A 60 -28.13 10.43 6.97
CA TRP A 60 -28.62 10.30 8.33
C TRP A 60 -27.96 11.35 9.21
N ASN A 61 -26.64 11.52 9.04
CA ASN A 61 -25.89 12.34 9.97
C ASN A 61 -26.31 13.79 9.79
N GLY A 62 -26.78 14.14 8.59
CA GLY A 62 -27.41 15.44 8.37
C GLY A 62 -28.77 15.56 9.05
N HIS A 63 -29.53 14.45 9.03
CA HIS A 63 -30.94 14.45 9.44
C HIS A 63 -31.09 14.22 10.95
N GLU A 64 -30.04 13.71 11.63
CA GLU A 64 -30.08 13.45 13.06
C GLU A 64 -28.75 13.82 13.71
N PRO A 65 -28.41 15.12 13.89
CA PRO A 65 -27.13 15.50 14.50
C PRO A 65 -27.06 15.30 16.01
N SER A 66 -28.07 14.63 16.59
CA SER A 66 -28.22 14.45 18.02
C SER A 66 -29.34 13.43 18.23
N PRO A 67 -29.25 12.39 19.10
CA PRO A 67 -30.27 11.34 19.11
C PRO A 67 -31.64 11.94 19.39
N GLY A 68 -32.64 11.59 18.55
CA GLY A 68 -34.01 12.08 18.71
C GLY A 68 -34.26 13.47 18.12
N LYS A 69 -33.20 14.23 17.81
CA LYS A 69 -33.34 15.60 17.32
C LYS A 69 -33.10 15.64 15.81
N TYR A 70 -34.12 16.01 15.02
CA TYR A 70 -34.04 15.82 13.56
C TYR A 70 -33.91 17.14 12.81
N ASN A 71 -33.39 17.08 11.58
CA ASN A 71 -33.25 18.25 10.71
C ASN A 71 -33.76 17.87 9.32
N PHE A 72 -34.75 18.62 8.85
CA PHE A 72 -35.33 18.44 7.52
C PHE A 72 -35.59 19.81 6.91
N GLU A 73 -34.73 20.78 7.26
CA GLU A 73 -34.93 22.16 6.84
C GLU A 73 -33.84 22.50 5.83
N GLY A 74 -34.09 23.52 5.01
CA GLY A 74 -33.18 23.97 3.97
C GLY A 74 -32.83 22.84 3.00
N ARG A 75 -31.53 22.78 2.67
CA ARG A 75 -31.00 21.78 1.76
C ARG A 75 -31.23 20.37 2.30
N TYR A 76 -31.70 20.23 3.55
CA TYR A 76 -31.98 18.91 4.10
C TYR A 76 -33.48 18.58 4.10
N ASP A 77 -34.29 19.43 3.45
CA ASP A 77 -35.71 19.14 3.22
C ASP A 77 -35.89 18.03 2.17
N LEU A 78 -35.64 16.78 2.58
CA LEU A 78 -35.72 15.59 1.74
C LEU A 78 -37.06 15.55 1.01
N VAL A 79 -38.15 15.76 1.74
CA VAL A 79 -39.49 15.65 1.18
C VAL A 79 -39.67 16.70 0.08
N ARG A 80 -39.19 17.93 0.35
CA ARG A 80 -39.28 19.01 -0.63
C ARG A 80 -38.62 18.59 -1.93
N PHE A 81 -37.43 17.95 -1.83
CA PHE A 81 -36.64 17.51 -2.96
C PHE A 81 -37.45 16.52 -3.81
N ILE A 82 -37.85 15.41 -3.18
CA ILE A 82 -38.59 14.33 -3.82
C ILE A 82 -39.81 14.89 -4.52
N LYS A 83 -40.53 15.79 -3.85
CA LYS A 83 -41.70 16.43 -4.43
C LYS A 83 -41.33 17.25 -5.68
N MET A 84 -40.12 17.85 -5.72
CA MET A 84 -39.75 18.64 -6.88
C MET A 84 -39.45 17.75 -8.08
N VAL A 85 -38.93 16.54 -7.81
CA VAL A 85 -38.68 15.53 -8.83
C VAL A 85 -40.02 15.09 -9.43
N GLN A 86 -40.99 14.83 -8.54
CA GLN A 86 -42.33 14.44 -8.94
C GLN A 86 -42.94 15.50 -9.84
N ARG A 87 -42.79 16.78 -9.48
CA ARG A 87 -43.33 17.90 -10.24
C ARG A 87 -42.71 17.96 -11.63
N ALA A 88 -41.47 17.47 -11.77
CA ALA A 88 -40.80 17.42 -13.06
C ALA A 88 -41.27 16.20 -13.85
N GLY A 89 -42.07 15.34 -13.22
CA GLY A 89 -42.58 14.13 -13.85
C GLY A 89 -41.49 13.09 -14.00
N LEU A 90 -40.58 13.05 -13.03
CA LEU A 90 -39.55 12.02 -12.97
C LEU A 90 -39.79 11.09 -11.78
N TYR A 91 -39.16 9.92 -11.83
CA TYR A 91 -39.23 8.98 -10.73
C TYR A 91 -38.05 9.18 -9.77
N VAL A 92 -38.10 8.54 -8.60
CA VAL A 92 -37.02 8.61 -7.62
C VAL A 92 -36.57 7.19 -7.26
N ASN A 93 -35.24 6.99 -7.18
CA ASN A 93 -34.65 5.83 -6.53
C ASN A 93 -34.08 6.29 -5.19
N LEU A 94 -34.79 6.02 -4.09
CA LEU A 94 -34.36 6.49 -2.77
C LEU A 94 -33.44 5.46 -2.13
N ARG A 95 -32.15 5.81 -2.06
CA ARG A 95 -31.13 4.93 -1.54
C ARG A 95 -30.94 5.30 -0.09
N ILE A 96 -31.66 4.61 0.79
CA ILE A 96 -31.80 5.14 2.14
C ILE A 96 -30.55 4.84 2.95
N GLY A 97 -29.97 3.66 2.71
CA GLY A 97 -28.77 3.23 3.41
C GLY A 97 -29.16 2.51 4.69
N PRO A 98 -28.94 3.13 5.87
CA PRO A 98 -28.40 4.48 5.97
C PRO A 98 -26.87 4.62 5.94
N TYR A 99 -26.13 3.50 5.92
CA TYR A 99 -24.75 3.62 5.44
C TYR A 99 -24.83 3.91 3.94
N VAL A 100 -24.09 4.91 3.50
CA VAL A 100 -24.33 5.47 2.19
C VAL A 100 -23.01 5.59 1.43
N CYS A 101 -21.87 5.58 2.13
CA CYS A 101 -20.56 5.83 1.53
C CYS A 101 -20.50 7.25 0.98
N ALA A 102 -20.70 7.39 -0.34
CA ALA A 102 -21.01 8.67 -0.98
C ALA A 102 -19.89 9.70 -0.84
N GLU A 103 -18.68 9.28 -0.42
CA GLU A 103 -17.59 10.20 -0.12
C GLU A 103 -18.04 11.24 0.91
N TRP A 104 -18.92 10.78 1.80
CA TRP A 104 -19.62 11.64 2.73
C TRP A 104 -19.12 11.31 4.15
N ASN A 105 -18.91 12.36 4.96
CA ASN A 105 -18.43 12.29 6.33
C ASN A 105 -18.95 11.04 7.06
N PHE A 106 -18.05 10.13 7.43
CA PHE A 106 -18.36 8.95 8.22
C PHE A 106 -19.26 7.96 7.50
N GLY A 107 -19.45 8.13 6.18
CA GLY A 107 -20.28 7.24 5.38
C GLY A 107 -21.77 7.50 5.60
N GLY A 108 -22.05 8.60 6.32
CA GLY A 108 -23.40 9.06 6.58
C GLY A 108 -23.83 8.81 8.02
N PHE A 109 -23.09 7.95 8.75
CA PHE A 109 -23.40 7.68 10.15
C PHE A 109 -23.22 8.94 11.00
N PRO A 110 -24.15 9.21 11.95
CA PRO A 110 -23.97 10.26 12.95
C PRO A 110 -22.82 9.80 13.85
N VAL A 111 -21.92 10.73 14.22
CA VAL A 111 -20.73 10.38 14.98
C VAL A 111 -21.14 9.83 16.35
N TRP A 112 -22.20 10.42 16.92
CA TRP A 112 -22.70 10.01 18.23
C TRP A 112 -23.07 8.52 18.26
N LEU A 113 -23.39 7.95 17.10
CA LEU A 113 -23.88 6.59 17.06
C LEU A 113 -22.75 5.65 17.46
N LYS A 114 -21.51 6.11 17.33
CA LYS A 114 -20.34 5.26 17.55
C LYS A 114 -20.23 4.98 19.04
N TYR A 115 -20.68 5.96 19.83
CA TYR A 115 -20.45 6.00 21.28
C TYR A 115 -21.65 5.48 22.08
N VAL A 116 -22.64 4.92 21.39
CA VAL A 116 -23.74 4.23 22.05
C VAL A 116 -23.17 2.94 22.64
N PRO A 117 -23.46 2.60 23.92
CA PRO A 117 -22.91 1.39 24.51
C PRO A 117 -23.34 0.15 23.72
N GLY A 118 -22.38 -0.78 23.53
CA GLY A 118 -22.62 -2.05 22.84
C GLY A 118 -22.56 -1.93 21.33
N MET A 119 -22.35 -0.71 20.80
CA MET A 119 -22.52 -0.42 19.38
C MET A 119 -21.43 -1.07 18.54
N GLU A 120 -21.80 -1.52 17.34
CA GLU A 120 -20.86 -1.95 16.32
C GLU A 120 -21.52 -1.73 14.95
N PHE A 121 -20.81 -1.08 14.02
CA PHE A 121 -21.39 -0.70 12.75
C PHE A 121 -21.48 -1.91 11.80
N ARG A 122 -22.52 -1.88 10.95
CA ARG A 122 -22.62 -2.70 9.75
C ARG A 122 -22.27 -4.15 10.05
N THR A 123 -22.98 -4.74 11.03
CA THR A 123 -22.81 -6.13 11.43
C THR A 123 -24.02 -6.56 12.26
N ASN A 124 -24.07 -7.83 12.67
CA ASN A 124 -25.26 -8.34 13.33
C ASN A 124 -25.28 -7.89 14.78
N ASN A 125 -25.55 -6.60 15.02
CA ASN A 125 -25.36 -5.93 16.30
C ASN A 125 -26.67 -5.25 16.74
N GLN A 126 -27.09 -5.52 17.98
CA GLN A 126 -28.41 -5.14 18.46
C GLN A 126 -28.55 -3.62 18.53
N PRO A 127 -27.65 -2.87 19.20
CA PRO A 127 -27.73 -1.41 19.18
C PRO A 127 -27.77 -0.86 17.75
N PHE A 128 -26.97 -1.44 16.85
CA PHE A 128 -26.90 -0.94 15.48
C PHE A 128 -28.23 -1.15 14.76
N LYS A 129 -28.73 -2.39 14.82
CA LYS A 129 -29.97 -2.82 14.19
C LYS A 129 -31.16 -1.98 14.66
N VAL A 130 -31.17 -1.57 15.94
CA VAL A 130 -32.25 -0.78 16.50
C VAL A 130 -32.17 0.63 15.93
N ALA A 131 -30.96 1.18 15.91
CA ALA A 131 -30.75 2.53 15.42
C ALA A 131 -31.04 2.58 13.92
N MET A 132 -30.45 1.64 13.16
CA MET A 132 -30.65 1.56 11.72
C MET A 132 -32.13 1.41 11.41
N GLN A 133 -32.79 0.41 12.01
CA GLN A 133 -34.21 0.12 11.78
C GLN A 133 -35.03 1.38 12.02
N GLY A 134 -34.77 2.04 13.17
CA GLY A 134 -35.51 3.21 13.63
C GLY A 134 -35.51 4.32 12.60
N PHE A 135 -34.31 4.63 12.08
CA PHE A 135 -34.18 5.71 11.13
C PHE A 135 -34.75 5.29 9.77
N VAL A 136 -34.53 4.04 9.34
CA VAL A 136 -35.07 3.62 8.04
C VAL A 136 -36.60 3.67 8.09
N GLN A 137 -37.18 3.29 9.24
CA GLN A 137 -38.63 3.33 9.40
C GLN A 137 -39.12 4.78 9.38
N LYS A 138 -38.41 5.68 10.07
CA LYS A 138 -38.70 7.10 10.04
C LYS A 138 -38.78 7.60 8.60
N ILE A 139 -37.80 7.26 7.76
CA ILE A 139 -37.72 7.75 6.38
C ILE A 139 -38.86 7.15 5.54
N VAL A 140 -39.15 5.86 5.74
CA VAL A 140 -40.16 5.19 4.93
C VAL A 140 -41.54 5.75 5.29
N ASN A 141 -41.82 5.88 6.60
CA ASN A 141 -43.08 6.44 7.06
C ASN A 141 -43.22 7.89 6.62
N MET A 142 -42.12 8.67 6.57
CA MET A 142 -42.22 10.06 6.12
C MET A 142 -42.71 10.12 4.68
N MET A 143 -42.18 9.20 3.84
CA MET A 143 -42.50 9.10 2.42
C MET A 143 -43.95 8.66 2.25
N LYS A 144 -44.34 7.59 2.97
CA LYS A 144 -45.67 6.97 2.92
C LYS A 144 -46.75 7.97 3.32
N SER A 145 -46.47 8.78 4.36
CA SER A 145 -47.41 9.75 4.90
C SER A 145 -47.88 10.73 3.82
N GLU A 146 -47.03 11.01 2.83
CA GLU A 146 -47.39 11.94 1.76
C GLU A 146 -47.50 11.22 0.43
N ASN A 147 -47.75 9.90 0.49
CA ASN A 147 -48.07 9.06 -0.66
C ASN A 147 -47.01 9.20 -1.75
N LEU A 148 -45.72 9.05 -1.37
CA LEU A 148 -44.61 9.42 -2.24
C LEU A 148 -43.97 8.19 -2.88
N PHE A 149 -44.36 6.99 -2.42
CA PHE A 149 -44.02 5.78 -3.18
C PHE A 149 -44.94 5.67 -4.39
N GLU A 150 -44.40 5.12 -5.49
CA GLU A 150 -45.11 5.03 -6.77
C GLU A 150 -46.43 4.29 -6.58
N SER A 151 -46.39 3.22 -5.75
CA SER A 151 -47.55 2.43 -5.37
C SER A 151 -48.72 3.32 -4.91
N GLN A 152 -48.41 4.45 -4.25
CA GLN A 152 -49.43 5.33 -3.71
C GLN A 152 -49.66 6.52 -4.64
N GLY A 153 -49.02 6.49 -5.82
CA GLY A 153 -49.14 7.53 -6.82
C GLY A 153 -47.97 8.48 -6.83
N GLY A 154 -46.97 8.24 -5.94
CA GLY A 154 -45.81 9.12 -5.79
C GLY A 154 -44.66 8.73 -6.73
N PRO A 155 -43.50 9.41 -6.66
CA PRO A 155 -42.42 9.14 -7.62
C PRO A 155 -41.45 8.02 -7.26
N ILE A 156 -41.43 7.56 -6.00
CA ILE A 156 -40.41 6.62 -5.58
C ILE A 156 -40.72 5.23 -6.15
N ILE A 157 -39.81 4.71 -6.98
CA ILE A 157 -40.08 3.48 -7.70
C ILE A 157 -39.27 2.31 -7.11
N MET A 158 -38.40 2.60 -6.14
CA MET A 158 -37.58 1.58 -5.50
C MET A 158 -36.70 2.27 -4.45
N ALA A 159 -36.10 1.48 -3.54
CA ALA A 159 -35.26 2.03 -2.49
C ALA A 159 -34.08 1.09 -2.23
N GLN A 160 -32.97 1.65 -1.75
CA GLN A 160 -31.79 0.84 -1.46
C GLN A 160 -31.64 0.72 0.05
N ILE A 161 -31.43 -0.52 0.51
CA ILE A 161 -31.04 -0.79 1.88
C ILE A 161 -29.55 -1.10 1.91
N GLU A 162 -28.82 -0.44 2.83
CA GLU A 162 -27.38 -0.57 2.98
C GLU A 162 -26.71 0.01 1.73
N ASN A 163 -25.41 -0.28 1.51
CA ASN A 163 -24.70 0.21 0.34
C ASN A 163 -23.39 -0.56 0.16
N ALA A 164 -23.27 -1.31 -0.95
CA ALA A 164 -22.06 -2.05 -1.29
C ALA A 164 -21.54 -2.87 -0.09
N TYR A 165 -22.44 -3.60 0.58
CA TYR A 165 -22.04 -4.36 1.74
C TYR A 165 -21.31 -5.65 1.34
N GLY A 166 -21.60 -6.14 0.13
CA GLY A 166 -21.06 -7.37 -0.42
C GLY A 166 -19.58 -7.55 -0.08
N PRO A 167 -18.69 -6.62 -0.48
CA PRO A 167 -17.27 -6.75 -0.19
C PRO A 167 -16.94 -6.86 1.29
N VAL A 168 -17.68 -6.12 2.13
CA VAL A 168 -17.47 -6.05 3.56
C VAL A 168 -17.85 -7.39 4.20
N GLU A 169 -18.94 -7.99 3.71
CA GLU A 169 -19.42 -9.32 4.08
C GLU A 169 -18.26 -10.32 4.04
N TRP A 170 -17.56 -10.37 2.90
CA TRP A 170 -16.56 -11.41 2.61
C TRP A 170 -15.49 -11.44 3.71
N GLU A 171 -15.21 -10.27 4.31
CA GLU A 171 -14.16 -10.18 5.32
C GLU A 171 -14.73 -10.39 6.72
N ILE A 172 -15.97 -9.94 6.96
CA ILE A 172 -16.58 -9.96 8.29
C ILE A 172 -17.11 -11.35 8.63
N GLY A 173 -17.38 -12.18 7.62
CA GLY A 173 -17.84 -13.55 7.80
C GLY A 173 -19.35 -13.68 8.06
N ALA A 174 -19.70 -14.75 8.79
CA ALA A 174 -21.09 -15.15 9.02
C ALA A 174 -21.90 -14.00 9.59
N PRO A 175 -21.40 -13.19 10.56
CA PRO A 175 -22.23 -12.14 11.14
C PRO A 175 -22.68 -11.16 10.05
N GLY A 176 -21.84 -10.97 9.03
CA GLY A 176 -22.22 -10.18 7.87
C GLY A 176 -23.40 -10.82 7.12
N LYS A 177 -23.29 -12.13 6.83
CA LYS A 177 -24.35 -12.86 6.15
C LYS A 177 -25.67 -12.69 6.89
N ALA A 178 -25.65 -12.75 8.24
CA ALA A 178 -26.84 -12.62 9.07
C ALA A 178 -27.38 -11.17 9.03
N TYR A 179 -26.47 -10.20 8.93
CA TYR A 179 -26.84 -8.79 8.88
C TYR A 179 -27.50 -8.48 7.53
N THR A 180 -26.96 -9.06 6.47
CA THR A 180 -27.48 -8.92 5.12
C THR A 180 -28.94 -9.40 5.08
N LYS A 181 -29.17 -10.63 5.55
CA LYS A 181 -30.49 -11.24 5.54
C LYS A 181 -31.43 -10.39 6.39
N TRP A 182 -30.97 -9.95 7.56
CA TRP A 182 -31.76 -9.07 8.42
C TRP A 182 -32.11 -7.77 7.69
N ALA A 183 -31.10 -7.09 7.13
CA ALA A 183 -31.33 -5.78 6.53
C ALA A 183 -32.35 -5.88 5.40
N ALA A 184 -32.23 -6.92 4.56
CA ALA A 184 -33.15 -7.08 3.44
C ALA A 184 -34.58 -7.31 3.93
N GLN A 185 -34.74 -8.24 4.88
CA GLN A 185 -36.03 -8.65 5.39
C GLN A 185 -36.72 -7.47 6.08
N MET A 186 -35.97 -6.70 6.89
CA MET A 186 -36.51 -5.58 7.66
C MET A 186 -36.95 -4.49 6.69
N ALA A 187 -36.15 -4.25 5.67
CA ALA A 187 -36.50 -3.26 4.66
C ALA A 187 -37.80 -3.69 4.00
N VAL A 188 -37.86 -4.93 3.48
CA VAL A 188 -39.06 -5.41 2.79
C VAL A 188 -40.25 -5.30 3.76
N GLY A 189 -40.01 -5.59 5.04
CA GLY A 189 -41.05 -5.61 6.06
C GLY A 189 -41.72 -4.25 6.27
N LEU A 190 -41.09 -3.15 5.77
CA LEU A 190 -41.64 -1.82 5.94
C LEU A 190 -42.77 -1.57 4.94
N LYS A 191 -42.97 -2.50 3.99
CA LYS A 191 -44.11 -2.52 3.07
C LYS A 191 -44.20 -1.18 2.34
N THR A 192 -43.21 -0.88 1.49
CA THR A 192 -43.18 0.35 0.71
C THR A 192 -44.12 0.25 -0.49
N GLY A 193 -44.31 -1.00 -0.97
CA GLY A 193 -45.17 -1.25 -2.11
C GLY A 193 -44.36 -1.39 -3.41
N VAL A 194 -43.09 -0.97 -3.37
CA VAL A 194 -42.23 -0.94 -4.54
C VAL A 194 -40.98 -1.78 -4.25
N PRO A 195 -40.26 -2.27 -5.30
CA PRO A 195 -39.09 -3.13 -5.09
C PRO A 195 -38.06 -2.47 -4.16
N TRP A 196 -37.19 -3.31 -3.60
CA TRP A 196 -36.01 -2.88 -2.86
C TRP A 196 -34.79 -3.46 -3.57
N ILE A 197 -33.67 -2.73 -3.52
CA ILE A 197 -32.43 -3.09 -4.17
C ILE A 197 -31.29 -3.08 -3.14
N MET A 198 -30.23 -3.83 -3.44
CA MET A 198 -28.98 -3.68 -2.72
C MET A 198 -27.88 -3.75 -3.77
N CYS A 199 -26.92 -2.84 -3.70
CA CYS A 199 -25.87 -2.77 -4.70
C CYS A 199 -24.67 -3.60 -4.23
N LYS A 200 -24.01 -4.27 -5.18
CA LYS A 200 -22.85 -5.09 -4.89
C LYS A 200 -23.18 -6.03 -3.74
N GLN A 201 -24.19 -6.90 -3.97
CA GLN A 201 -24.71 -7.80 -2.97
C GLN A 201 -25.14 -9.09 -3.64
N GLU A 202 -24.18 -9.89 -4.12
CA GLU A 202 -24.39 -11.10 -4.91
C GLU A 202 -25.37 -12.07 -4.25
N ASP A 203 -25.52 -11.95 -2.93
CA ASP A 203 -26.32 -12.92 -2.19
C ASP A 203 -27.61 -12.29 -1.67
N ALA A 204 -28.08 -11.20 -2.31
CA ALA A 204 -29.25 -10.50 -1.81
C ALA A 204 -30.42 -11.48 -1.79
N PRO A 205 -31.07 -11.72 -0.63
CA PRO A 205 -32.29 -12.52 -0.59
C PRO A 205 -33.48 -11.90 -1.33
N ASP A 206 -34.24 -12.74 -2.03
CA ASP A 206 -35.53 -12.38 -2.59
C ASP A 206 -36.38 -11.72 -1.50
N PRO A 207 -37.23 -10.72 -1.84
CA PRO A 207 -37.41 -10.27 -3.23
C PRO A 207 -36.54 -9.06 -3.60
N VAL A 208 -35.35 -8.93 -2.99
CA VAL A 208 -34.46 -7.80 -3.19
C VAL A 208 -33.67 -7.99 -4.48
N ILE A 209 -33.57 -6.95 -5.33
CA ILE A 209 -32.82 -7.02 -6.58
C ILE A 209 -31.39 -6.60 -6.29
N ASP A 210 -30.40 -7.43 -6.67
CA ASP A 210 -29.02 -7.04 -6.48
C ASP A 210 -28.54 -6.31 -7.73
N THR A 211 -27.89 -5.16 -7.53
CA THR A 211 -27.49 -4.33 -8.65
C THR A 211 -25.97 -4.24 -8.69
N CYS A 212 -25.49 -3.58 -9.74
CA CYS A 212 -24.07 -3.46 -10.07
C CYS A 212 -23.67 -1.99 -9.98
N ASN A 213 -22.42 -1.73 -9.58
CA ASN A 213 -21.80 -0.42 -9.57
C ASN A 213 -20.44 -0.51 -10.23
N GLY A 214 -20.02 0.53 -10.97
CA GLY A 214 -18.67 0.65 -11.48
C GLY A 214 -18.59 1.46 -12.76
N PHE A 215 -17.47 1.32 -13.49
CA PHE A 215 -17.28 2.00 -14.76
C PHE A 215 -17.97 1.23 -15.88
N TYR A 216 -17.98 -0.10 -15.76
CA TYR A 216 -18.65 -0.99 -16.71
C TYR A 216 -19.35 -2.07 -15.89
N CYS A 217 -20.56 -2.47 -16.33
CA CYS A 217 -21.32 -3.52 -15.66
C CYS A 217 -22.00 -4.45 -16.67
N GLU A 218 -21.41 -4.58 -17.88
CA GLU A 218 -22.11 -5.21 -18.98
C GLU A 218 -22.22 -6.72 -18.80
N GLY A 219 -21.28 -7.31 -18.04
CA GLY A 219 -21.23 -8.75 -17.80
C GLY A 219 -22.05 -9.19 -16.59
N PHE A 220 -22.51 -8.22 -15.78
CA PHE A 220 -23.20 -8.43 -14.53
C PHE A 220 -24.52 -9.16 -14.77
N ARG A 221 -24.96 -9.95 -13.79
CA ARG A 221 -26.24 -10.65 -13.88
C ARG A 221 -26.84 -10.68 -12.47
N PRO A 222 -28.13 -10.30 -12.27
CA PRO A 222 -28.70 -10.33 -10.93
C PRO A 222 -28.76 -11.78 -10.44
N ASN A 223 -28.90 -11.99 -9.14
CA ASN A 223 -28.66 -13.29 -8.54
C ASN A 223 -29.81 -14.27 -8.80
N LYS A 224 -30.85 -13.84 -9.52
CA LYS A 224 -31.95 -14.70 -9.92
C LYS A 224 -32.37 -14.38 -11.34
N PRO A 225 -32.80 -15.37 -12.14
CA PRO A 225 -33.23 -15.10 -13.52
C PRO A 225 -34.47 -14.21 -13.62
N TYR A 226 -35.25 -14.13 -12.54
CA TYR A 226 -36.53 -13.40 -12.54
C TYR A 226 -36.37 -11.99 -11.94
N LYS A 227 -35.13 -11.51 -11.85
CA LYS A 227 -34.83 -10.14 -11.44
C LYS A 227 -34.25 -9.39 -12.62
N PRO A 228 -34.62 -8.10 -12.84
CA PRO A 228 -34.05 -7.33 -13.94
C PRO A 228 -32.58 -7.02 -13.63
N LYS A 229 -31.82 -6.72 -14.69
CA LYS A 229 -30.42 -6.34 -14.61
C LYS A 229 -30.35 -4.81 -14.50
N MET A 230 -29.75 -4.31 -13.39
CA MET A 230 -29.73 -2.89 -13.06
C MET A 230 -28.33 -2.44 -12.61
N TRP A 231 -27.93 -1.25 -13.07
CA TRP A 231 -26.63 -0.66 -12.83
C TRP A 231 -26.81 0.64 -12.03
N THR A 232 -26.68 0.57 -10.69
CA THR A 232 -27.06 1.68 -9.84
C THR A 232 -26.04 2.82 -9.86
N GLU A 233 -24.79 2.55 -10.24
CA GLU A 233 -23.79 3.60 -10.24
C GLU A 233 -22.90 3.48 -11.47
N VAL A 234 -23.24 4.23 -12.54
CA VAL A 234 -22.34 4.44 -13.67
C VAL A 234 -21.45 5.63 -13.28
N TRP A 235 -20.19 5.33 -12.94
CA TRP A 235 -19.27 6.37 -12.50
C TRP A 235 -18.93 7.30 -13.68
N THR A 236 -19.29 8.58 -13.53
CA THR A 236 -19.18 9.58 -14.58
C THR A 236 -17.81 10.23 -14.55
N GLY A 237 -16.96 9.77 -13.62
CA GLY A 237 -15.71 10.41 -13.26
C GLY A 237 -15.18 9.79 -11.97
N TRP A 238 -14.70 10.63 -11.06
CA TRP A 238 -14.27 10.22 -9.73
C TRP A 238 -14.28 11.48 -8.87
N TYR A 239 -14.29 11.29 -7.55
CA TYR A 239 -14.23 12.42 -6.64
C TYR A 239 -12.88 13.13 -6.73
N THR A 240 -12.88 14.41 -6.35
CA THR A 240 -11.63 15.13 -6.19
C THR A 240 -11.25 15.10 -4.71
N LYS A 241 -10.01 14.71 -4.41
CA LYS A 241 -9.54 14.80 -3.05
C LYS A 241 -8.59 15.99 -2.92
N PHE A 242 -8.56 16.64 -1.74
CA PHE A 242 -7.51 17.57 -1.41
C PHE A 242 -6.17 16.84 -1.52
N GLY A 243 -5.23 17.41 -2.28
CA GLY A 243 -3.97 16.76 -2.54
C GLY A 243 -3.94 16.03 -3.88
N GLY A 244 -5.12 15.92 -4.52
CA GLY A 244 -5.31 15.07 -5.70
C GLY A 244 -5.68 15.90 -6.94
N PRO A 245 -5.60 15.29 -8.15
CA PRO A 245 -5.98 15.96 -9.39
C PRO A 245 -7.48 15.91 -9.65
N ILE A 246 -7.94 16.71 -10.63
CA ILE A 246 -9.32 16.68 -11.08
C ILE A 246 -9.48 15.51 -12.06
N PRO A 247 -10.21 14.43 -11.69
CA PRO A 247 -10.32 13.27 -12.56
C PRO A 247 -11.49 13.44 -13.54
N GLN A 248 -11.28 13.13 -14.81
CA GLN A 248 -12.35 13.20 -15.81
C GLN A 248 -12.56 11.81 -16.38
N ARG A 249 -13.80 11.57 -16.87
CA ARG A 249 -14.08 10.40 -17.67
C ARG A 249 -14.67 10.86 -18.99
N PRO A 250 -14.13 10.38 -20.13
CA PRO A 250 -14.58 10.81 -21.46
C PRO A 250 -15.99 10.35 -21.80
N ALA A 251 -16.82 11.30 -22.26
CA ALA A 251 -18.22 11.08 -22.61
C ALA A 251 -18.37 9.88 -23.55
N GLU A 252 -17.45 9.74 -24.53
CA GLU A 252 -17.49 8.65 -25.49
C GLU A 252 -17.32 7.31 -24.79
N ASP A 253 -16.58 7.30 -23.66
CA ASP A 253 -16.37 6.05 -22.94
C ASP A 253 -17.61 5.70 -22.10
N ILE A 254 -18.20 6.73 -21.48
CA ILE A 254 -19.42 6.55 -20.71
C ILE A 254 -20.51 6.02 -21.64
N ALA A 255 -20.78 6.73 -22.75
CA ALA A 255 -21.83 6.33 -23.67
C ALA A 255 -21.58 4.88 -24.12
N PHE A 256 -20.31 4.53 -24.39
CA PHE A 256 -19.96 3.16 -24.72
C PHE A 256 -20.40 2.24 -23.59
N SER A 257 -20.00 2.58 -22.36
CA SER A 257 -20.22 1.70 -21.22
C SER A 257 -21.73 1.46 -21.06
N VAL A 258 -22.53 2.52 -21.26
CA VAL A 258 -23.98 2.45 -21.09
C VAL A 258 -24.58 1.60 -22.20
N ALA A 259 -24.20 1.91 -23.46
CA ALA A 259 -24.69 1.18 -24.61
C ALA A 259 -24.42 -0.30 -24.38
N ARG A 260 -23.22 -0.61 -23.87
CA ARG A 260 -22.75 -1.97 -23.73
C ARG A 260 -23.60 -2.74 -22.72
N PHE A 261 -24.14 -2.02 -21.72
CA PHE A 261 -24.99 -2.59 -20.68
C PHE A 261 -26.39 -2.82 -21.26
N VAL A 262 -27.01 -1.76 -21.79
CA VAL A 262 -28.31 -1.79 -22.42
C VAL A 262 -28.39 -2.87 -23.52
N GLN A 263 -27.34 -3.04 -24.32
CA GLN A 263 -27.40 -3.95 -25.46
C GLN A 263 -27.46 -5.37 -24.96
N ASN A 264 -27.05 -5.54 -23.69
CA ASN A 264 -26.95 -6.85 -23.08
C ASN A 264 -27.98 -6.97 -21.95
N ASN A 265 -29.25 -6.68 -22.27
CA ASN A 265 -30.38 -6.95 -21.38
C ASN A 265 -30.43 -6.03 -20.16
N GLY A 266 -29.57 -4.99 -20.13
CA GLY A 266 -29.65 -3.97 -19.10
C GLY A 266 -30.93 -3.14 -19.23
N SER A 267 -31.56 -2.84 -18.10
CA SER A 267 -32.87 -2.21 -18.12
C SER A 267 -32.94 -1.03 -17.15
N PHE A 268 -31.90 -0.86 -16.31
CA PHE A 268 -31.80 0.31 -15.44
C PHE A 268 -30.33 0.70 -15.30
N PHE A 269 -30.02 1.96 -15.68
CA PHE A 269 -28.70 2.52 -15.41
C PHE A 269 -28.81 3.94 -14.84
N ASN A 270 -27.89 4.27 -13.93
CA ASN A 270 -27.93 5.52 -13.20
C ASN A 270 -26.53 6.14 -13.16
N TYR A 271 -26.40 7.33 -13.75
CA TYR A 271 -25.16 8.09 -13.67
C TYR A 271 -24.90 8.47 -12.19
N TYR A 272 -23.72 8.08 -11.69
CA TYR A 272 -23.19 8.56 -10.43
C TYR A 272 -21.95 9.38 -10.73
N MET A 273 -22.00 10.72 -10.75
CA MET A 273 -23.14 11.58 -10.44
C MET A 273 -23.73 12.13 -11.74
N TYR A 274 -25.01 12.53 -11.71
CA TYR A 274 -25.55 13.35 -12.78
C TYR A 274 -25.32 14.82 -12.45
N HIS A 275 -25.60 15.21 -11.20
CA HIS A 275 -25.11 16.46 -10.61
C HIS A 275 -24.36 16.12 -9.33
N GLY A 276 -23.04 16.37 -9.32
CA GLY A 276 -22.21 16.10 -8.16
C GLY A 276 -22.40 17.15 -7.07
N GLY A 277 -22.27 18.42 -7.44
CA GLY A 277 -22.47 19.52 -6.52
C GLY A 277 -21.30 19.68 -5.55
N THR A 278 -21.65 20.13 -4.33
CA THR A 278 -20.66 20.70 -3.42
C THR A 278 -20.82 20.10 -2.04
N ASN A 279 -19.70 19.75 -1.40
CA ASN A 279 -19.68 19.38 -0.01
C ASN A 279 -19.62 20.65 0.84
N PHE A 280 -20.82 21.20 1.16
CA PHE A 280 -20.91 22.38 1.99
C PHE A 280 -20.49 22.06 3.43
N GLY A 281 -20.29 23.12 4.24
CA GLY A 281 -20.13 23.00 5.67
C GLY A 281 -18.88 22.20 6.06
N ARG A 282 -18.98 21.42 7.13
CA ARG A 282 -17.85 20.74 7.73
C ARG A 282 -18.25 19.33 8.20
N THR A 283 -19.49 18.92 7.88
CA THR A 283 -19.95 17.56 8.14
C THR A 283 -20.55 17.00 6.85
N SER A 284 -19.96 17.34 5.70
CA SER A 284 -20.42 16.87 4.40
C SER A 284 -19.39 15.95 3.76
N SER A 285 -18.22 16.50 3.41
CA SER A 285 -17.23 15.69 2.72
C SER A 285 -16.66 14.67 3.71
N GLY A 286 -16.30 13.49 3.20
CA GLY A 286 -15.56 12.50 3.95
C GLY A 286 -14.05 12.74 3.89
N LEU A 287 -13.30 11.78 4.43
CA LEU A 287 -11.86 11.88 4.65
C LEU A 287 -11.17 12.37 3.36
N PHE A 288 -10.63 13.59 3.41
CA PHE A 288 -9.79 14.17 2.38
C PHE A 288 -10.58 14.47 1.10
N ILE A 289 -11.90 14.26 1.13
CA ILE A 289 -12.70 14.63 -0.02
C ILE A 289 -12.75 16.15 -0.09
N ALA A 290 -12.46 16.71 -1.27
CA ALA A 290 -12.41 18.14 -1.54
C ALA A 290 -13.80 18.73 -1.43
N THR A 291 -13.90 20.06 -1.30
CA THR A 291 -15.18 20.72 -1.19
C THR A 291 -16.00 20.44 -2.45
N SER A 292 -15.35 20.61 -3.60
CA SER A 292 -15.94 20.34 -4.91
C SER A 292 -16.18 18.83 -5.10
N TYR A 293 -17.43 18.47 -5.43
CA TYR A 293 -17.77 17.08 -5.70
C TYR A 293 -18.20 16.99 -7.16
N ASP A 294 -17.40 17.57 -8.05
CA ASP A 294 -17.84 17.83 -9.41
C ASP A 294 -18.11 16.50 -10.13
N TYR A 295 -17.18 15.55 -9.94
CA TYR A 295 -17.28 14.23 -10.51
C TYR A 295 -17.30 14.28 -12.03
N ASP A 296 -16.89 15.38 -12.66
CA ASP A 296 -17.01 15.50 -14.11
C ASP A 296 -18.40 15.05 -14.53
N ALA A 297 -19.40 15.38 -13.70
CA ALA A 297 -20.79 15.04 -13.93
C ALA A 297 -21.34 15.81 -15.14
N PRO A 298 -22.37 15.27 -15.84
CA PRO A 298 -23.00 15.99 -16.96
C PRO A 298 -23.48 17.39 -16.55
N LEU A 299 -23.95 17.55 -15.31
CA LEU A 299 -24.15 18.86 -14.72
C LEU A 299 -22.98 19.13 -13.77
N ASP A 300 -22.22 20.21 -14.06
CA ASP A 300 -21.05 20.54 -13.27
C ASP A 300 -21.48 20.94 -11.85
N GLU A 301 -20.48 21.20 -11.00
CA GLU A 301 -20.66 21.52 -9.58
C GLU A 301 -21.65 22.67 -9.43
N TYR A 302 -21.56 23.63 -10.37
CA TYR A 302 -22.26 24.90 -10.31
C TYR A 302 -23.64 24.79 -10.93
N GLY A 303 -23.90 23.66 -11.58
CA GLY A 303 -25.19 23.32 -12.14
C GLY A 303 -25.28 23.66 -13.63
N LEU A 304 -24.13 23.99 -14.23
CA LEU A 304 -24.07 24.33 -15.65
C LEU A 304 -23.90 23.04 -16.46
N LEU A 305 -24.22 23.11 -17.76
CA LEU A 305 -24.11 21.95 -18.63
C LEU A 305 -22.65 21.66 -18.89
N ASN A 306 -22.23 20.41 -18.60
CA ASN A 306 -20.87 19.97 -18.90
C ASN A 306 -20.87 19.42 -20.33
N GLU A 307 -20.68 20.33 -21.29
CA GLU A 307 -20.64 19.95 -22.70
C GLU A 307 -19.21 19.51 -23.06
N PRO A 308 -19.06 18.50 -23.96
CA PRO A 308 -20.20 17.91 -24.65
C PRO A 308 -20.90 16.76 -23.90
N LYS A 309 -20.42 16.37 -22.71
CA LYS A 309 -20.91 15.14 -22.12
C LYS A 309 -22.44 15.14 -22.00
N TYR A 310 -22.99 16.27 -21.52
CA TYR A 310 -24.40 16.36 -21.21
C TYR A 310 -25.18 16.06 -22.48
N GLY A 311 -24.77 16.68 -23.58
CA GLY A 311 -25.47 16.54 -24.85
C GLY A 311 -25.31 15.14 -25.44
N HIS A 312 -24.08 14.61 -25.36
CA HIS A 312 -23.76 13.32 -25.94
C HIS A 312 -24.62 12.25 -25.29
N LEU A 313 -24.86 12.40 -23.97
CA LEU A 313 -25.71 11.47 -23.25
C LEU A 313 -27.20 11.75 -23.50
N ARG A 314 -27.58 13.04 -23.72
CA ARG A 314 -28.93 13.36 -24.16
C ARG A 314 -29.21 12.62 -25.47
N ASP A 315 -28.23 12.61 -26.38
CA ASP A 315 -28.40 11.97 -27.68
C ASP A 315 -28.56 10.47 -27.48
N LEU A 316 -27.74 9.88 -26.58
CA LEU A 316 -27.80 8.44 -26.28
C LEU A 316 -29.20 8.07 -25.80
N HIS A 317 -29.71 8.84 -24.83
CA HIS A 317 -31.03 8.59 -24.28
C HIS A 317 -32.10 8.61 -25.38
N LYS A 318 -32.10 9.66 -26.22
CA LYS A 318 -33.03 9.79 -27.34
C LYS A 318 -33.03 8.51 -28.16
N ALA A 319 -31.84 7.91 -28.38
CA ALA A 319 -31.69 6.74 -29.21
C ALA A 319 -32.25 5.53 -28.47
N ILE A 320 -32.02 5.45 -27.16
CA ILE A 320 -32.57 4.36 -26.36
C ILE A 320 -34.09 4.41 -26.39
N LYS A 321 -34.65 5.63 -26.40
CA LYS A 321 -36.10 5.80 -26.35
C LYS A 321 -36.70 5.31 -27.66
N LEU A 322 -36.05 5.65 -28.78
CA LEU A 322 -36.49 5.18 -30.09
C LEU A 322 -36.49 3.65 -30.08
N SER A 323 -35.56 3.02 -29.36
CA SER A 323 -35.42 1.58 -29.33
C SER A 323 -36.36 0.94 -28.30
N GLU A 324 -36.86 1.72 -27.35
CA GLU A 324 -37.51 1.18 -26.16
C GLU A 324 -38.62 0.19 -26.51
N PRO A 325 -39.58 0.50 -27.44
CA PRO A 325 -40.69 -0.43 -27.67
C PRO A 325 -40.19 -1.82 -28.05
N ALA A 326 -39.15 -1.88 -28.89
CA ALA A 326 -38.51 -3.13 -29.24
C ALA A 326 -37.77 -3.72 -28.02
N LEU A 327 -37.08 -2.85 -27.25
CA LEU A 327 -36.23 -3.26 -26.12
C LEU A 327 -37.04 -4.01 -25.07
N VAL A 328 -38.28 -3.60 -24.90
CA VAL A 328 -39.10 -3.96 -23.73
C VAL A 328 -40.00 -5.13 -24.09
N SER A 329 -40.01 -5.53 -25.38
CA SER A 329 -40.83 -6.63 -25.85
C SER A 329 -39.97 -7.68 -26.57
N SER A 330 -38.71 -7.84 -26.16
CA SER A 330 -37.82 -8.91 -26.63
C SER A 330 -36.63 -9.07 -25.69
N TYR A 331 -35.67 -9.91 -26.09
CA TYR A 331 -34.46 -10.14 -25.30
C TYR A 331 -33.27 -9.99 -26.24
N ALA A 332 -32.10 -9.68 -25.69
CA ALA A 332 -30.93 -9.44 -26.52
C ALA A 332 -30.46 -10.77 -27.12
N ALA A 333 -30.44 -10.85 -28.45
CA ALA A 333 -29.84 -11.95 -29.20
C ALA A 333 -28.51 -11.47 -29.80
N VAL A 334 -27.45 -12.27 -29.62
CA VAL A 334 -26.12 -11.85 -30.07
C VAL A 334 -25.72 -12.58 -31.36
N THR A 335 -25.32 -11.79 -32.37
CA THR A 335 -24.72 -12.29 -33.61
C THR A 335 -23.31 -11.71 -33.70
N SER A 336 -22.32 -12.60 -33.81
CA SER A 336 -20.93 -12.21 -34.04
C SER A 336 -20.83 -11.51 -35.38
N LEU A 337 -20.06 -10.41 -35.44
CA LEU A 337 -19.91 -9.67 -36.68
C LEU A 337 -18.49 -9.74 -37.22
N GLY A 338 -17.52 -10.01 -36.35
CA GLY A 338 -16.10 -9.99 -36.70
C GLY A 338 -15.25 -10.45 -35.52
N SER A 339 -13.92 -10.34 -35.65
CA SER A 339 -13.00 -10.75 -34.60
C SER A 339 -13.47 -10.20 -33.26
N ASN A 340 -13.95 -8.96 -33.28
CA ASN A 340 -14.10 -8.24 -32.03
C ASN A 340 -15.32 -7.32 -32.10
N GLN A 341 -16.32 -7.78 -32.86
CA GLN A 341 -17.47 -6.96 -33.21
C GLN A 341 -18.72 -7.83 -33.08
N GLU A 342 -19.81 -7.24 -32.57
CA GLU A 342 -21.02 -7.97 -32.31
C GLU A 342 -22.24 -7.16 -32.76
N ALA A 343 -23.34 -7.88 -33.05
CA ALA A 343 -24.66 -7.28 -33.15
C ALA A 343 -25.50 -7.80 -32.00
N HIS A 344 -26.20 -6.88 -31.31
CA HIS A 344 -27.17 -7.20 -30.28
C HIS A 344 -28.54 -6.77 -30.78
N VAL A 345 -29.41 -7.76 -31.03
CA VAL A 345 -30.62 -7.47 -31.76
C VAL A 345 -31.81 -7.78 -30.88
N TYR A 346 -32.76 -6.84 -30.83
CA TYR A 346 -34.02 -6.98 -30.12
C TYR A 346 -35.15 -6.97 -31.14
N ARG A 347 -35.54 -8.18 -31.58
CA ARG A 347 -36.61 -8.39 -32.55
C ARG A 347 -37.80 -9.00 -31.80
N SER A 348 -38.91 -8.27 -31.83
CA SER A 348 -40.17 -8.67 -31.23
C SER A 348 -41.04 -9.34 -32.30
N LYS A 349 -42.11 -10.00 -31.84
CA LYS A 349 -42.97 -10.72 -32.76
C LYS A 349 -43.86 -9.70 -33.46
N SER A 350 -44.09 -8.54 -32.79
CA SER A 350 -44.90 -7.46 -33.33
C SER A 350 -44.25 -6.92 -34.60
N GLY A 351 -42.96 -7.24 -34.79
CA GLY A 351 -42.16 -6.76 -35.91
C GLY A 351 -41.12 -5.71 -35.52
N ALA A 352 -41.34 -5.01 -34.38
CA ALA A 352 -40.44 -4.00 -33.86
C ALA A 352 -39.05 -4.59 -33.60
N CYS A 353 -38.01 -3.85 -33.98
CA CYS A 353 -36.65 -4.38 -34.05
C CYS A 353 -35.70 -3.24 -33.70
N ALA A 354 -34.75 -3.49 -32.79
CA ALA A 354 -33.70 -2.53 -32.49
C ALA A 354 -32.40 -3.32 -32.47
N ALA A 355 -31.32 -2.75 -33.03
CA ALA A 355 -30.04 -3.43 -33.09
C ALA A 355 -28.94 -2.52 -32.53
N PHE A 356 -27.96 -3.12 -31.84
CA PHE A 356 -26.75 -2.45 -31.39
C PHE A 356 -25.57 -3.13 -32.08
N LEU A 357 -24.76 -2.34 -32.81
CA LEU A 357 -23.57 -2.84 -33.48
C LEU A 357 -22.36 -2.34 -32.72
N SER A 358 -21.53 -3.28 -32.22
CA SER A 358 -20.43 -2.97 -31.33
C SER A 358 -19.07 -3.24 -31.98
N ASN A 359 -18.06 -2.46 -31.59
CA ASN A 359 -16.67 -2.73 -31.91
C ASN A 359 -15.82 -2.56 -30.65
N TYR A 360 -15.34 -3.69 -30.10
CA TYR A 360 -14.59 -3.70 -28.85
C TYR A 360 -13.10 -3.42 -29.08
N ASP A 361 -12.67 -3.39 -30.35
CA ASP A 361 -11.30 -3.03 -30.67
C ASP A 361 -11.06 -1.59 -30.22
N SER A 362 -9.99 -1.38 -29.45
CA SER A 362 -9.72 -0.06 -28.89
C SER A 362 -8.78 0.74 -29.79
N ARG A 363 -8.38 0.13 -30.93
CA ARG A 363 -7.33 0.68 -31.77
C ARG A 363 -7.84 0.96 -33.19
N TYR A 364 -8.68 0.07 -33.75
CA TYR A 364 -9.03 0.13 -35.16
C TYR A 364 -10.52 0.39 -35.38
N SER A 365 -10.86 1.12 -36.44
CA SER A 365 -12.21 1.13 -36.98
C SER A 365 -12.46 -0.22 -37.66
N VAL A 366 -13.71 -0.69 -37.67
CA VAL A 366 -14.03 -1.85 -38.48
C VAL A 366 -15.31 -1.57 -39.26
N LYS A 367 -15.31 -1.96 -40.55
CA LYS A 367 -16.50 -1.93 -41.38
C LYS A 367 -17.18 -3.27 -41.22
N VAL A 368 -18.48 -3.24 -40.90
CA VAL A 368 -19.24 -4.43 -40.57
C VAL A 368 -20.47 -4.46 -41.46
N THR A 369 -20.96 -5.66 -41.79
CA THR A 369 -22.12 -5.75 -42.65
C THR A 369 -23.29 -6.33 -41.86
N PHE A 370 -24.37 -5.55 -41.77
CA PHE A 370 -25.52 -5.93 -40.98
C PHE A 370 -26.77 -5.71 -41.83
N GLN A 371 -27.50 -6.81 -42.07
CA GLN A 371 -28.72 -6.83 -42.87
C GLN A 371 -28.48 -6.11 -44.20
N ASN A 372 -27.33 -6.43 -44.82
CA ASN A 372 -27.01 -6.04 -46.18
C ASN A 372 -26.48 -4.62 -46.26
N ARG A 373 -26.35 -3.94 -45.12
CA ARG A 373 -25.88 -2.55 -45.09
C ARG A 373 -24.50 -2.49 -44.44
N PRO A 374 -23.61 -1.57 -44.90
CA PRO A 374 -22.31 -1.39 -44.27
C PRO A 374 -22.38 -0.40 -43.12
N TYR A 375 -21.68 -0.67 -42.01
CA TYR A 375 -21.55 0.29 -40.92
C TYR A 375 -20.09 0.43 -40.50
N ASN A 376 -19.60 1.67 -40.50
CA ASN A 376 -18.30 1.99 -39.93
C ASN A 376 -18.43 2.18 -38.43
N LEU A 377 -17.75 1.31 -37.67
CA LEU A 377 -17.69 1.41 -36.22
C LEU A 377 -16.33 1.93 -35.81
N PRO A 378 -16.25 3.20 -35.35
CA PRO A 378 -15.02 3.72 -34.72
C PRO A 378 -14.60 2.79 -33.59
N PRO A 379 -13.30 2.81 -33.18
CA PRO A 379 -12.82 1.93 -32.12
C PRO A 379 -13.61 2.19 -30.84
N TRP A 380 -13.91 1.13 -30.09
CA TRP A 380 -14.49 1.27 -28.76
C TRP A 380 -15.81 2.05 -28.84
N SER A 381 -16.66 1.67 -29.80
CA SER A 381 -17.91 2.37 -30.03
C SER A 381 -19.02 1.37 -30.29
N ILE A 382 -20.27 1.84 -30.09
CA ILE A 382 -21.46 1.09 -30.45
C ILE A 382 -22.38 2.02 -31.24
N SER A 383 -23.00 1.48 -32.29
CA SER A 383 -24.02 2.17 -33.07
C SER A 383 -25.39 1.61 -32.72
N ILE A 384 -26.36 2.51 -32.46
CA ILE A 384 -27.72 2.13 -32.10
C ILE A 384 -28.64 2.34 -33.31
N LEU A 385 -29.24 1.25 -33.79
CA LEU A 385 -30.21 1.28 -34.88
C LEU A 385 -31.59 1.01 -34.30
N PRO A 386 -32.40 2.04 -33.96
CA PRO A 386 -33.69 1.83 -33.30
C PRO A 386 -34.67 1.00 -34.13
N ASP A 387 -34.54 1.02 -35.46
CA ASP A 387 -35.43 0.29 -36.33
C ASP A 387 -34.68 -0.87 -36.99
N CYS A 388 -33.42 -1.09 -36.59
CA CYS A 388 -32.58 -2.15 -37.13
C CYS A 388 -32.03 -1.79 -38.52
N LYS A 389 -32.26 -0.55 -39.00
CA LYS A 389 -31.88 -0.13 -40.35
C LYS A 389 -30.92 1.05 -40.33
N THR A 390 -31.27 2.15 -39.65
CA THR A 390 -30.43 3.34 -39.76
C THR A 390 -29.83 3.70 -38.40
N ALA A 391 -28.51 3.89 -38.38
CA ALA A 391 -27.77 4.20 -37.17
C ALA A 391 -28.03 5.66 -36.81
N VAL A 392 -28.92 5.88 -35.84
CA VAL A 392 -29.23 7.24 -35.41
C VAL A 392 -28.11 7.78 -34.50
N TYR A 393 -27.27 6.88 -33.97
CA TYR A 393 -26.30 7.30 -32.96
C TYR A 393 -25.13 6.33 -32.88
N ASN A 394 -23.97 6.84 -32.49
CA ASN A 394 -22.82 5.99 -32.20
C ASN A 394 -22.05 6.59 -31.02
N THR A 395 -21.51 5.74 -30.15
CA THR A 395 -21.06 6.19 -28.84
C THR A 395 -19.81 7.07 -28.96
N ALA A 396 -19.09 6.93 -30.08
CA ALA A 396 -17.85 7.68 -30.25
C ALA A 396 -18.03 8.90 -31.16
N GLN A 397 -19.21 9.08 -31.76
CA GLN A 397 -19.43 10.17 -32.69
C GLN A 397 -20.20 11.24 -31.94
N VAL A 398 -19.47 12.22 -31.38
CA VAL A 398 -20.02 13.19 -30.44
C VAL A 398 -20.44 14.43 -31.22
N ASN A 399 -21.76 14.73 -31.24
CA ASN A 399 -22.32 15.77 -32.11
C ASN A 399 -22.74 17.01 -31.33
N SER A 400 -22.51 17.02 -30.01
CA SER A 400 -22.61 18.21 -29.19
C SER A 400 -21.28 18.99 -29.30
N GLN A 401 -21.37 20.33 -29.19
CA GLN A 401 -20.19 21.18 -29.16
C GLN A 401 -19.57 21.10 -27.77
N SER A 402 -18.23 21.13 -27.72
CA SER A 402 -17.52 21.11 -26.44
C SER A 402 -17.74 22.44 -25.72
N SER A 403 -17.47 22.47 -24.41
CA SER A 403 -17.54 23.69 -23.60
C SER A 403 -16.40 23.69 -22.59
N SER A 404 -15.84 24.88 -22.32
CA SER A 404 -14.85 25.02 -21.27
C SER A 404 -15.26 26.14 -20.30
N ILE A 405 -14.55 26.19 -19.18
CA ILE A 405 -14.94 26.95 -18.00
C ILE A 405 -14.25 28.31 -18.04
N LYS A 406 -15.01 29.40 -17.84
CA LYS A 406 -14.35 30.64 -17.47
C LYS A 406 -14.86 31.16 -16.14
N MET A 407 -13.91 31.71 -15.35
CA MET A 407 -14.20 32.38 -14.09
C MET A 407 -13.83 33.85 -14.26
N THR A 408 -14.84 34.72 -14.37
CA THR A 408 -14.69 36.14 -14.64
C THR A 408 -14.83 36.92 -13.33
N PRO A 409 -13.74 37.51 -12.78
CA PRO A 409 -13.80 38.19 -11.48
C PRO A 409 -14.90 39.26 -11.47
N ALA A 410 -15.59 39.42 -10.33
CA ALA A 410 -16.69 40.39 -10.25
C ALA A 410 -16.75 41.02 -8.86
N GLY A 411 -16.70 42.35 -8.77
CA GLY A 411 -16.78 43.05 -7.50
C GLY A 411 -15.43 43.65 -7.08
N GLY A 412 -14.43 42.79 -6.86
CA GLY A 412 -13.06 43.21 -6.62
C GLY A 412 -12.53 42.66 -5.29
N GLY A 413 -11.52 43.35 -4.73
CA GLY A 413 -11.02 43.13 -3.37
C GLY A 413 -11.83 43.95 -2.36
N LEU A 414 -12.30 43.28 -1.31
CA LEU A 414 -13.12 43.88 -0.26
C LEU A 414 -12.20 44.42 0.84
N SER A 415 -12.77 45.08 1.85
CA SER A 415 -12.00 45.52 3.00
C SER A 415 -12.06 44.45 4.09
N TRP A 416 -10.87 44.02 4.52
CA TRP A 416 -10.72 42.91 5.44
C TRP A 416 -10.42 43.40 6.86
N GLN A 417 -10.96 42.69 7.86
CA GLN A 417 -10.53 42.82 9.25
C GLN A 417 -10.08 41.45 9.74
N SER A 418 -9.08 41.40 10.63
CA SER A 418 -8.57 40.12 11.10
C SER A 418 -8.93 39.91 12.57
N TYR A 419 -8.79 38.66 13.03
CA TYR A 419 -8.93 38.30 14.43
C TYR A 419 -8.06 37.07 14.72
N ASN A 420 -6.98 37.26 15.48
CA ASN A 420 -5.97 36.22 15.65
C ASN A 420 -6.45 35.20 16.70
N GLU A 421 -6.41 33.92 16.31
CA GLU A 421 -6.66 32.82 17.23
C GLU A 421 -5.48 32.68 18.18
N GLU A 422 -5.75 32.36 19.45
CA GLU A 422 -4.68 32.16 20.42
C GLU A 422 -4.13 30.74 20.29
N THR A 423 -2.81 30.58 20.51
CA THR A 423 -2.14 29.29 20.51
C THR A 423 -2.07 28.78 21.96
N PRO A 424 -2.99 27.92 22.46
CA PRO A 424 -3.07 27.58 23.87
C PRO A 424 -1.96 26.68 24.41
N THR A 425 -1.44 27.02 25.58
CA THR A 425 -0.38 26.32 26.28
C THR A 425 -1.04 25.68 27.50
N ALA A 426 -0.79 24.39 27.76
CA ALA A 426 -1.33 23.72 28.94
C ALA A 426 -0.74 24.37 30.18
N ASP A 427 -1.34 24.09 31.35
CA ASP A 427 -0.76 24.50 32.62
C ASP A 427 -1.35 23.66 33.76
N ASP A 428 -0.82 23.91 34.96
CA ASP A 428 -1.15 23.25 36.22
C ASP A 428 -2.65 23.34 36.53
N SER A 429 -3.39 24.26 35.90
CA SER A 429 -4.72 24.64 36.37
C SER A 429 -5.80 24.31 35.34
N ASP A 430 -5.61 23.23 34.56
CA ASP A 430 -6.47 22.90 33.43
C ASP A 430 -7.69 22.11 33.89
N THR A 431 -8.65 21.92 32.98
CA THR A 431 -9.94 21.31 33.29
C THR A 431 -9.93 19.83 32.86
N LEU A 432 -9.66 19.59 31.57
CA LEU A 432 -9.88 18.31 30.89
C LEU A 432 -8.52 17.67 30.55
N THR A 433 -8.14 16.68 31.36
CA THR A 433 -6.80 16.10 31.37
C THR A 433 -6.89 14.57 31.45
N ALA A 434 -5.73 13.91 31.29
CA ALA A 434 -5.61 12.46 31.37
C ALA A 434 -4.13 12.07 31.33
N ASN A 435 -3.81 10.88 31.88
CA ASN A 435 -2.46 10.35 31.92
C ASN A 435 -2.21 9.50 30.67
N GLY A 436 -2.36 10.13 29.50
CA GLY A 436 -2.19 9.45 28.24
C GLY A 436 -2.87 10.19 27.08
N LEU A 437 -2.82 9.56 25.91
CA LEU A 437 -3.24 10.18 24.67
C LEU A 437 -4.62 9.66 24.30
N TRP A 438 -5.55 10.58 24.04
CA TRP A 438 -6.92 10.27 23.65
C TRP A 438 -7.12 10.44 22.15
N GLU A 439 -7.88 9.51 21.55
CA GLU A 439 -8.29 9.55 20.15
C GLU A 439 -9.26 10.73 19.91
N GLN A 440 -8.97 11.51 18.85
CA GLN A 440 -9.57 12.80 18.58
C GLN A 440 -11.10 12.72 18.49
N LYS A 441 -11.62 11.86 17.61
CA LYS A 441 -13.07 11.67 17.46
C LYS A 441 -13.73 11.49 18.83
N ASN A 442 -13.11 10.70 19.73
CA ASN A 442 -13.66 10.41 21.06
C ASN A 442 -13.81 11.71 21.86
N VAL A 443 -12.79 12.56 21.80
CA VAL A 443 -12.75 13.79 22.57
C VAL A 443 -13.65 14.86 21.95
N THR A 444 -13.59 15.04 20.62
CA THR A 444 -14.25 16.16 19.97
C THR A 444 -15.69 15.82 19.57
N ARG A 445 -15.97 14.52 19.44
CA ARG A 445 -17.21 14.00 18.89
C ARG A 445 -17.50 14.68 17.55
N ASP A 446 -16.43 15.16 16.90
CA ASP A 446 -16.53 15.72 15.56
C ASP A 446 -17.28 17.05 15.62
N SER A 447 -17.30 17.71 16.79
CA SER A 447 -17.96 19.00 16.94
C SER A 447 -17.18 20.08 16.22
N SER A 448 -15.88 19.81 15.99
CA SER A 448 -14.97 20.71 15.33
C SER A 448 -13.88 19.86 14.68
N ASP A 449 -13.16 20.43 13.72
CA ASP A 449 -12.05 19.72 13.10
C ASP A 449 -10.84 19.68 14.04
N TYR A 450 -10.86 20.54 15.09
CA TYR A 450 -9.67 20.91 15.85
C TYR A 450 -9.68 20.31 17.27
N LEU A 451 -8.55 19.71 17.65
CA LEU A 451 -8.27 19.31 19.02
C LEU A 451 -6.83 19.66 19.35
N TRP A 452 -6.66 20.42 20.46
CA TRP A 452 -5.33 20.73 20.99
C TRP A 452 -4.92 19.62 21.98
N TYR A 453 -3.71 19.09 21.78
CA TYR A 453 -3.09 18.12 22.66
C TYR A 453 -1.95 18.85 23.34
N MET A 454 -2.00 18.97 24.67
CA MET A 454 -1.10 19.86 25.39
C MET A 454 -0.42 19.14 26.57
N THR A 455 0.88 19.42 26.78
CA THR A 455 1.66 18.83 27.86
C THR A 455 2.80 19.76 28.24
N ASN A 456 3.33 19.52 29.44
CA ASN A 456 4.53 20.18 29.95
C ASN A 456 5.71 19.22 29.82
N VAL A 457 6.85 19.74 29.38
CA VAL A 457 8.08 18.96 29.42
C VAL A 457 9.09 19.68 30.33
N ASN A 458 9.46 19.03 31.45
CA ASN A 458 10.46 19.53 32.39
C ASN A 458 11.89 19.24 31.92
N ILE A 459 12.71 20.28 31.77
CA ILE A 459 14.11 20.07 31.39
C ILE A 459 15.02 20.43 32.57
N ALA A 460 15.81 19.46 33.03
CA ALA A 460 16.77 19.68 34.12
C ALA A 460 17.94 20.50 33.58
N SER A 461 18.44 21.44 34.40
CA SER A 461 19.38 22.44 33.92
C SER A 461 20.77 21.86 33.70
N ASN A 462 20.97 20.57 34.06
CA ASN A 462 22.21 19.84 33.81
C ASN A 462 22.13 19.04 32.52
N GLU A 463 21.05 19.18 31.75
CA GLU A 463 20.89 18.44 30.51
C GLU A 463 22.09 18.72 29.60
N GLY A 464 22.63 17.65 28.99
CA GLY A 464 23.75 17.73 28.06
C GLY A 464 23.58 18.80 26.99
N PHE A 465 22.39 18.86 26.37
CA PHE A 465 22.17 19.75 25.23
C PHE A 465 22.28 21.21 25.65
N LEU A 466 22.03 21.50 26.94
CA LEU A 466 22.10 22.86 27.47
C LEU A 466 23.55 23.34 27.49
N LYS A 467 24.47 22.44 27.89
CA LYS A 467 25.90 22.72 27.96
C LYS A 467 26.43 23.11 26.60
N ASN A 468 25.96 22.44 25.53
CA ASN A 468 26.36 22.72 24.16
C ASN A 468 25.31 23.60 23.46
N GLY A 469 25.40 23.74 22.14
CA GLY A 469 24.47 24.56 21.39
C GLY A 469 23.24 23.78 20.90
N LYS A 470 23.18 22.49 21.25
CA LYS A 470 22.31 21.51 20.60
C LYS A 470 20.87 21.68 21.07
N ASP A 471 19.94 21.17 20.25
CA ASP A 471 18.53 21.08 20.59
C ASP A 471 18.10 19.62 20.60
N PRO A 472 17.26 19.17 21.56
CA PRO A 472 16.75 17.80 21.56
C PRO A 472 15.90 17.54 20.31
N TYR A 473 15.55 16.28 20.09
CA TYR A 473 14.83 15.87 18.89
C TYR A 473 13.43 15.39 19.27
N LEU A 474 12.41 15.98 18.62
CA LEU A 474 11.03 15.64 18.93
C LEU A 474 10.39 14.84 17.78
N THR A 475 9.76 13.72 18.17
CA THR A 475 9.02 12.88 17.25
C THR A 475 7.55 12.86 17.70
N VAL A 476 6.65 13.31 16.81
CA VAL A 476 5.23 13.21 17.06
C VAL A 476 4.59 12.36 15.95
N MET A 477 4.17 11.14 16.29
CA MET A 477 3.39 10.26 15.42
C MET A 477 1.90 10.50 15.67
N SER A 478 1.16 10.72 14.59
CA SER A 478 -0.27 11.01 14.64
C SER A 478 -1.00 10.14 13.62
N ALA A 479 -2.24 9.78 13.96
CA ALA A 479 -3.11 8.99 13.10
C ALA A 479 -3.68 9.88 12.01
N GLY A 480 -3.46 11.20 12.12
CA GLY A 480 -3.80 12.16 11.09
C GLY A 480 -4.77 13.23 11.61
N HIS A 481 -5.14 14.19 10.74
CA HIS A 481 -4.79 14.22 9.32
C HIS A 481 -3.81 15.35 9.02
N VAL A 482 -3.90 16.44 9.79
CA VAL A 482 -2.89 17.49 9.80
C VAL A 482 -2.43 17.69 11.24
N LEU A 483 -1.16 18.05 11.41
CA LEU A 483 -0.60 18.30 12.73
C LEU A 483 0.29 19.53 12.69
N HIS A 484 0.04 20.46 13.62
CA HIS A 484 0.88 21.61 13.88
C HIS A 484 1.54 21.43 15.24
N VAL A 485 2.88 21.37 15.24
CA VAL A 485 3.64 21.25 16.47
C VAL A 485 4.06 22.64 16.91
N PHE A 486 3.58 23.05 18.09
CA PHE A 486 3.91 24.31 18.74
C PHE A 486 4.80 24.07 19.96
N VAL A 487 5.98 24.68 19.99
CA VAL A 487 6.88 24.51 21.11
C VAL A 487 7.10 25.87 21.78
N ASN A 488 6.84 25.94 23.09
CA ASN A 488 7.00 27.18 23.84
C ASN A 488 6.43 28.35 23.04
N GLY A 489 5.17 28.18 22.58
CA GLY A 489 4.42 29.26 21.97
C GLY A 489 4.60 29.39 20.46
N LYS A 490 5.76 28.98 19.90
CA LYS A 490 6.08 29.22 18.49
C LYS A 490 5.83 27.96 17.63
N LEU A 491 5.43 28.17 16.36
CA LEU A 491 5.15 27.07 15.44
C LEU A 491 6.45 26.40 15.03
N SER A 492 6.54 25.08 15.22
CA SER A 492 7.81 24.40 15.01
C SER A 492 7.81 23.59 13.71
N GLY A 493 6.62 23.24 13.23
CA GLY A 493 6.47 22.55 11.96
C GLY A 493 5.03 22.13 11.75
N THR A 494 4.71 21.76 10.50
CA THR A 494 3.42 21.28 10.07
C THR A 494 3.63 20.06 9.16
N VAL A 495 2.99 18.94 9.51
CA VAL A 495 3.03 17.75 8.69
C VAL A 495 1.58 17.36 8.36
N TYR A 496 1.34 16.80 7.16
CA TYR A 496 0.00 16.47 6.71
C TYR A 496 0.03 15.30 5.72
N GLY A 497 -1.11 14.63 5.57
CA GLY A 497 -1.15 13.30 4.96
C GLY A 497 -1.91 13.28 3.64
N THR A 498 -2.30 12.09 3.19
CA THR A 498 -3.09 11.94 1.98
C THR A 498 -4.28 11.04 2.32
N LEU A 499 -5.21 10.88 1.36
CA LEU A 499 -6.35 10.02 1.59
C LEU A 499 -5.87 8.60 1.88
N ASP A 500 -4.86 8.15 1.14
CA ASP A 500 -4.38 6.78 1.23
C ASP A 500 -3.56 6.61 2.50
N ASN A 501 -2.73 7.62 2.84
CA ASN A 501 -1.85 7.55 4.00
C ASN A 501 -2.07 8.75 4.90
N PRO A 502 -3.19 8.78 5.66
CA PRO A 502 -3.47 9.86 6.60
C PRO A 502 -2.56 9.93 7.82
N LYS A 503 -1.77 8.88 8.08
CA LYS A 503 -0.83 8.87 9.19
C LYS A 503 0.22 9.98 9.03
N LEU A 504 0.70 10.54 10.15
CA LEU A 504 1.70 11.61 10.16
C LEU A 504 2.80 11.26 11.16
N THR A 505 4.05 11.68 10.85
CA THR A 505 5.08 11.85 11.85
C THR A 505 5.75 13.20 11.60
N TYR A 506 5.79 14.03 12.65
CA TYR A 506 6.67 15.18 12.69
C TYR A 506 7.98 14.77 13.37
N SER A 507 9.09 15.26 12.82
CA SER A 507 10.41 14.90 13.31
C SER A 507 11.33 16.11 13.17
N GLY A 508 11.73 16.73 14.30
CA GLY A 508 12.59 17.90 14.20
C GLY A 508 13.23 18.32 15.53
N ASN A 509 14.34 19.06 15.40
CA ASN A 509 15.03 19.65 16.53
C ASN A 509 14.16 20.77 17.11
N VAL A 510 13.91 20.72 18.43
CA VAL A 510 13.12 21.75 19.08
C VAL A 510 13.94 22.42 20.17
N LYS A 511 14.00 23.76 20.14
CA LYS A 511 14.77 24.54 21.11
C LYS A 511 14.00 24.60 22.43
N LEU A 512 14.29 23.66 23.34
CA LEU A 512 13.77 23.71 24.71
C LEU A 512 14.78 24.44 25.60
N ARG A 513 14.30 24.92 26.76
CA ARG A 513 15.12 25.61 27.75
C ARG A 513 14.91 24.93 29.11
N ALA A 514 15.77 25.21 30.09
CA ALA A 514 15.70 24.61 31.42
C ALA A 514 14.41 25.04 32.12
N GLY A 515 13.83 24.10 32.88
CA GLY A 515 12.55 24.29 33.56
C GLY A 515 11.39 23.64 32.79
N ILE A 516 10.18 24.18 33.02
CA ILE A 516 8.95 23.70 32.41
C ILE A 516 8.81 24.32 31.01
N ASN A 517 8.66 23.45 29.98
CA ASN A 517 8.44 23.83 28.59
C ASN A 517 7.04 23.41 28.17
N LYS A 518 6.43 24.16 27.23
CA LYS A 518 5.07 23.91 26.79
C LYS A 518 5.06 23.36 25.36
N ILE A 519 4.55 22.14 25.22
CA ILE A 519 4.24 21.57 23.91
C ILE A 519 2.73 21.60 23.71
N SER A 520 2.31 22.18 22.56
CA SER A 520 0.92 22.20 22.11
C SER A 520 0.81 21.67 20.69
N LEU A 521 0.00 20.63 20.51
CA LEU A 521 -0.18 20.03 19.19
C LEU A 521 -1.61 20.29 18.72
N LEU A 522 -1.72 20.98 17.57
CA LEU A 522 -3.02 21.15 16.91
C LEU A 522 -3.25 20.00 15.93
N SER A 523 -4.17 19.11 16.29
CA SER A 523 -4.54 17.98 15.47
C SER A 523 -5.81 18.30 14.68
N VAL A 524 -5.77 18.08 13.38
CA VAL A 524 -6.87 18.47 12.53
C VAL A 524 -7.33 17.24 11.73
N SER A 525 -8.65 16.97 11.76
CA SER A 525 -9.26 16.01 10.85
C SER A 525 -9.85 16.73 9.64
N VAL A 526 -9.72 16.12 8.44
CA VAL A 526 -10.28 16.68 7.22
C VAL A 526 -11.32 15.71 6.64
N GLY A 527 -12.52 15.73 7.23
CA GLY A 527 -13.56 14.74 6.97
C GLY A 527 -13.22 13.44 7.69
N LEU A 528 -14.23 12.62 7.95
CA LEU A 528 -14.09 11.30 8.58
C LEU A 528 -14.17 10.18 7.54
N PRO A 529 -13.38 9.09 7.69
CA PRO A 529 -13.37 8.01 6.71
C PRO A 529 -14.79 7.49 6.48
N ASN A 530 -15.05 6.97 5.26
CA ASN A 530 -16.41 6.73 4.79
C ASN A 530 -16.49 5.40 4.06
N VAL A 531 -15.41 4.61 4.08
CA VAL A 531 -15.35 3.39 3.29
C VAL A 531 -14.24 2.48 3.82
N GLY A 532 -14.55 1.19 3.90
CA GLY A 532 -13.59 0.20 4.37
C GLY A 532 -14.21 -0.65 5.47
N VAL A 533 -13.68 -1.87 5.60
CA VAL A 533 -14.06 -2.77 6.68
C VAL A 533 -13.57 -2.16 7.99
N HIS A 534 -14.50 -1.93 8.94
CA HIS A 534 -14.21 -1.38 10.25
C HIS A 534 -13.62 0.04 10.14
N TYR A 535 -14.13 0.83 9.20
CA TYR A 535 -13.55 2.15 8.98
C TYR A 535 -13.86 3.08 10.15
N ASP A 536 -14.92 2.76 10.90
CA ASP A 536 -15.39 3.55 12.04
C ASP A 536 -14.40 3.43 13.20
N THR A 537 -13.52 2.43 13.16
CA THR A 537 -12.64 2.13 14.29
C THR A 537 -11.29 2.80 14.07
N TRP A 538 -11.07 3.31 12.86
CA TRP A 538 -9.85 3.99 12.49
C TRP A 538 -9.71 5.28 13.28
N ASN A 539 -8.46 5.58 13.63
CA ASN A 539 -8.14 6.63 14.59
C ASN A 539 -7.85 7.93 13.86
N ALA A 540 -8.03 9.01 14.61
CA ALA A 540 -7.59 10.34 14.25
C ALA A 540 -6.91 10.90 15.50
N GLY A 541 -5.92 11.78 15.27
CA GLY A 541 -5.32 12.50 16.36
C GLY A 541 -3.97 11.91 16.74
N VAL A 542 -3.35 12.52 17.75
CA VAL A 542 -2.01 12.15 18.14
C VAL A 542 -2.10 11.06 19.19
N LEU A 543 -1.97 9.80 18.76
CA LEU A 543 -1.93 8.69 19.69
C LEU A 543 -0.50 8.21 19.84
N GLY A 544 0.44 8.94 19.24
CA GLY A 544 1.87 8.64 19.41
C GLY A 544 2.33 7.46 18.57
N PRO A 545 3.55 6.92 18.82
CA PRO A 545 4.38 7.37 19.95
C PRO A 545 4.90 8.80 19.83
N VAL A 546 5.15 9.43 20.98
CA VAL A 546 5.73 10.78 21.06
C VAL A 546 7.00 10.70 21.90
N THR A 547 8.16 10.99 21.30
CA THR A 547 9.44 10.85 21.99
C THR A 547 10.22 12.15 21.93
N LEU A 548 11.01 12.37 23.00
CA LEU A 548 11.99 13.45 23.08
C LEU A 548 13.38 12.86 23.33
N SER A 549 14.27 12.98 22.33
CA SER A 549 15.57 12.33 22.31
C SER A 549 16.69 13.37 22.39
N GLY A 550 17.92 12.95 22.73
CA GLY A 550 19.05 13.85 22.81
C GLY A 550 19.23 14.42 24.23
N LEU A 551 18.67 13.72 25.23
CA LEU A 551 18.73 14.12 26.63
C LEU A 551 19.73 13.23 27.37
N ASN A 552 19.97 13.55 28.66
CA ASN A 552 20.88 12.77 29.51
C ASN A 552 20.40 11.34 29.65
N GLU A 553 19.09 11.19 29.83
CA GLU A 553 18.39 9.89 29.78
C GLU A 553 18.33 9.51 28.30
N GLY A 554 17.73 8.38 27.93
CA GLY A 554 17.84 8.01 26.53
C GLY A 554 16.96 8.86 25.61
N SER A 555 15.70 8.44 25.53
CA SER A 555 14.62 9.23 24.95
C SER A 555 13.62 9.31 26.08
N ARG A 556 12.63 10.21 25.95
CA ARG A 556 11.54 10.28 26.90
C ARG A 556 10.22 10.05 26.16
N ASN A 557 9.48 9.06 26.64
CA ASN A 557 8.15 8.75 26.16
C ASN A 557 7.16 9.77 26.75
N LEU A 558 6.71 10.74 25.92
CA LEU A 558 5.85 11.81 26.38
C LEU A 558 4.38 11.39 26.33
N ALA A 559 4.05 10.26 25.67
CA ALA A 559 2.73 9.65 25.78
C ALA A 559 2.42 9.23 27.22
N LYS A 560 3.47 9.07 28.06
CA LYS A 560 3.34 8.54 29.40
C LYS A 560 3.23 9.61 30.49
N GLN A 561 3.07 10.89 30.10
CA GLN A 561 2.87 11.97 31.06
C GLN A 561 1.39 12.35 31.08
N LYS A 562 1.09 13.47 31.76
CA LYS A 562 -0.24 14.07 31.80
C LYS A 562 -0.42 14.94 30.56
N TRP A 563 -1.55 14.73 29.85
CA TRP A 563 -1.96 15.58 28.74
C TRP A 563 -3.24 16.36 29.10
N SER A 564 -3.38 17.57 28.54
CA SER A 564 -4.60 18.37 28.62
C SER A 564 -5.15 18.61 27.22
N TYR A 565 -6.45 18.90 27.10
CA TYR A 565 -7.15 18.95 25.82
C TYR A 565 -8.03 20.20 25.71
N LYS A 566 -8.06 20.81 24.52
CA LYS A 566 -9.00 21.86 24.17
C LYS A 566 -9.63 21.54 22.81
N VAL A 567 -10.94 21.27 22.84
CA VAL A 567 -11.74 20.96 21.66
C VAL A 567 -12.03 22.28 20.95
N GLY A 568 -11.85 22.31 19.62
CA GLY A 568 -12.32 23.42 18.80
C GLY A 568 -11.50 24.69 18.95
N LEU A 569 -11.87 25.73 18.18
CA LEU A 569 -11.21 27.03 18.24
C LEU A 569 -12.06 27.97 19.09
N LYS A 570 -11.46 29.07 19.59
CA LYS A 570 -12.22 30.04 20.38
C LYS A 570 -13.15 30.83 19.45
N GLY A 571 -12.74 31.00 18.19
CA GLY A 571 -13.55 31.66 17.17
C GLY A 571 -14.83 30.89 16.90
N GLU A 572 -14.72 29.56 17.01
CA GLU A 572 -15.83 28.65 16.90
C GLU A 572 -16.74 28.83 18.12
N SER A 573 -16.16 28.86 19.33
CA SER A 573 -16.96 29.01 20.54
C SER A 573 -17.65 30.37 20.59
N LEU A 574 -17.09 31.37 19.86
CA LEU A 574 -17.62 32.72 19.76
C LEU A 574 -18.48 32.91 18.52
N SER A 575 -18.56 31.88 17.65
CA SER A 575 -19.27 31.93 16.38
C SER A 575 -18.94 33.21 15.60
N LEU A 576 -17.64 33.42 15.31
CA LEU A 576 -17.19 34.56 14.53
C LEU A 576 -17.69 34.49 13.09
N HIS A 577 -18.24 33.33 12.71
CA HIS A 577 -18.77 33.04 11.39
C HIS A 577 -20.19 33.57 11.19
N SER A 578 -20.97 33.70 12.29
CA SER A 578 -22.32 34.26 12.26
C SER A 578 -22.26 35.77 12.40
N LEU A 579 -23.35 36.45 12.03
CA LEU A 579 -23.41 37.91 12.03
C LEU A 579 -23.40 38.45 13.47
N SER A 580 -24.00 37.69 14.41
CA SER A 580 -24.19 38.14 15.78
C SER A 580 -22.88 38.08 16.56
N GLY A 581 -22.21 36.92 16.49
CA GLY A 581 -20.99 36.63 17.23
C GLY A 581 -19.78 37.35 16.66
N SER A 582 -19.79 37.60 15.33
CA SER A 582 -18.73 38.32 14.63
C SER A 582 -18.63 39.75 15.13
N SER A 583 -19.77 40.41 15.34
CA SER A 583 -19.78 41.78 15.84
C SER A 583 -20.05 41.79 17.34
N SER A 584 -19.62 40.74 18.05
CA SER A 584 -19.65 40.70 19.51
C SER A 584 -18.23 40.77 20.04
N VAL A 585 -17.26 40.71 19.12
CA VAL A 585 -15.86 40.92 19.41
C VAL A 585 -15.39 42.07 18.52
N GLU A 586 -14.11 42.46 18.65
CA GLU A 586 -13.52 43.61 17.97
C GLU A 586 -12.32 43.15 17.13
N TRP A 587 -12.28 43.61 15.87
CA TRP A 587 -11.31 43.08 14.90
C TRP A 587 -10.30 44.17 14.57
N VAL A 588 -9.11 43.73 14.19
CA VAL A 588 -8.02 44.58 13.76
C VAL A 588 -8.30 45.05 12.32
N ARG A 589 -7.99 46.32 12.00
CA ARG A 589 -8.22 46.89 10.68
C ARG A 589 -6.92 47.42 10.07
N GLY A 590 -7.02 47.92 8.83
CA GLY A 590 -6.02 48.77 8.21
C GLY A 590 -4.70 48.07 7.96
N SER A 591 -3.60 48.75 8.34
CA SER A 591 -2.22 48.34 8.12
C SER A 591 -1.93 47.03 8.85
N LEU A 592 -2.20 47.03 10.18
CA LEU A 592 -2.09 45.88 11.06
C LEU A 592 -3.20 44.88 10.71
N MET A 593 -3.05 44.26 9.52
CA MET A 593 -3.88 43.16 9.03
C MET A 593 -3.05 41.90 9.03
N ALA A 594 -3.60 40.80 9.57
CA ALA A 594 -2.90 39.52 9.66
C ALA A 594 -2.46 39.05 8.27
N GLN A 595 -1.13 38.97 8.10
CA GLN A 595 -0.47 38.70 6.84
C GLN A 595 0.30 37.40 7.02
N LYS A 596 -0.16 36.34 6.33
CA LYS A 596 0.59 35.08 6.23
C LYS A 596 0.82 34.45 7.60
N GLN A 597 -0.12 34.70 8.54
CA GLN A 597 -0.03 34.23 9.92
C GLN A 597 -1.07 33.14 10.16
N PRO A 598 -0.67 32.00 10.76
CA PRO A 598 -1.58 30.88 11.04
C PRO A 598 -2.71 31.19 12.01
N LEU A 599 -3.76 30.35 11.97
CA LEU A 599 -4.90 30.43 12.88
C LEU A 599 -5.43 31.87 12.96
N THR A 600 -5.85 32.41 11.83
CA THR A 600 -6.39 33.76 11.78
C THR A 600 -7.80 33.76 11.19
N TRP A 601 -8.69 34.60 11.74
CA TRP A 601 -10.00 34.88 11.17
C TRP A 601 -9.93 36.13 10.29
N TYR A 602 -10.71 36.14 9.20
CA TYR A 602 -10.84 37.31 8.34
C TYR A 602 -12.31 37.53 7.99
N LYS A 603 -12.72 38.80 7.89
CA LYS A 603 -14.12 39.17 7.72
C LYS A 603 -14.18 40.40 6.82
N ALA A 604 -15.22 40.44 5.97
CA ALA A 604 -15.45 41.46 4.95
C ALA A 604 -16.92 41.42 4.54
N THR A 605 -17.43 42.55 4.01
CA THR A 605 -18.84 42.74 3.69
C THR A 605 -18.94 43.24 2.25
N PHE A 606 -19.81 42.59 1.44
CA PHE A 606 -19.86 42.81 -0.01
C PHE A 606 -21.29 42.85 -0.53
N ASN A 607 -21.44 43.42 -1.74
CA ASN A 607 -22.66 43.35 -2.52
C ASN A 607 -22.63 42.12 -3.43
N ALA A 608 -23.78 41.42 -3.53
CA ALA A 608 -23.97 40.40 -4.54
C ALA A 608 -23.73 41.03 -5.91
N PRO A 609 -22.88 40.45 -6.80
CA PRO A 609 -22.90 40.82 -8.21
C PRO A 609 -24.28 40.59 -8.83
N GLY A 610 -24.60 41.37 -9.87
CA GLY A 610 -25.77 41.09 -10.69
C GLY A 610 -25.48 39.92 -11.62
N GLY A 611 -26.41 39.65 -12.55
CA GLY A 611 -26.30 38.51 -13.44
C GLY A 611 -26.91 37.27 -12.81
N ASN A 612 -26.95 36.20 -13.60
CA ASN A 612 -27.56 34.92 -13.23
C ASN A 612 -26.56 33.79 -13.38
N ASP A 613 -25.27 34.14 -13.55
CA ASP A 613 -24.16 33.20 -13.65
C ASP A 613 -23.69 32.76 -12.26
N PRO A 614 -23.61 31.44 -11.96
CA PRO A 614 -23.12 30.95 -10.68
C PRO A 614 -21.83 31.63 -10.20
N LEU A 615 -21.62 31.63 -8.88
CA LEU A 615 -20.59 32.42 -8.21
C LEU A 615 -19.65 31.51 -7.42
N ALA A 616 -18.36 31.89 -7.37
CA ALA A 616 -17.38 31.19 -6.55
C ALA A 616 -16.46 32.19 -5.86
N LEU A 617 -15.68 31.71 -4.88
CA LEU A 617 -14.61 32.46 -4.25
C LEU A 617 -13.27 31.94 -4.79
N ASP A 618 -12.45 32.87 -5.31
CA ASP A 618 -11.08 32.61 -5.71
C ASP A 618 -10.19 32.68 -4.46
N MET A 619 -9.76 31.51 -3.97
CA MET A 619 -9.10 31.39 -2.68
C MET A 619 -7.63 31.03 -2.88
N ALA A 620 -7.11 31.26 -4.09
CA ALA A 620 -5.73 30.91 -4.44
C ALA A 620 -4.74 31.57 -3.49
N SER A 621 -5.10 32.75 -2.99
CA SER A 621 -4.21 33.53 -2.14
C SER A 621 -4.17 32.99 -0.71
N MET A 622 -4.93 31.93 -0.44
CA MET A 622 -5.16 31.47 0.93
C MET A 622 -4.54 30.07 1.14
N GLY A 623 -4.70 29.49 2.34
CA GLY A 623 -3.94 28.29 2.68
C GLY A 623 -4.84 27.07 2.85
N LYS A 624 -5.60 27.09 3.95
CA LYS A 624 -6.52 26.05 4.37
C LYS A 624 -7.38 26.66 5.47
N GLY A 625 -8.68 26.33 5.47
CA GLY A 625 -9.58 26.78 6.53
C GLY A 625 -11.04 26.51 6.18
N GLN A 626 -11.94 27.38 6.65
CA GLN A 626 -13.37 27.29 6.37
C GLN A 626 -13.89 28.64 5.89
N ILE A 627 -14.97 28.61 5.11
CA ILE A 627 -15.59 29.80 4.54
C ILE A 627 -17.05 29.83 4.99
N TRP A 628 -17.50 31.01 5.44
CA TRP A 628 -18.91 31.27 5.72
C TRP A 628 -19.40 32.47 4.92
N ILE A 629 -20.68 32.44 4.53
CA ILE A 629 -21.38 33.53 3.85
C ILE A 629 -22.70 33.71 4.57
N ASN A 630 -22.93 34.92 5.09
CA ASN A 630 -24.03 35.26 5.99
C ASN A 630 -24.31 34.12 6.96
N GLY A 631 -23.26 33.58 7.57
CA GLY A 631 -23.38 32.59 8.64
C GLY A 631 -23.64 31.18 8.13
N GLU A 632 -23.63 30.99 6.81
CA GLU A 632 -23.83 29.67 6.21
C GLU A 632 -22.51 29.12 5.68
N GLY A 633 -22.14 27.90 6.10
CA GLY A 633 -20.90 27.23 5.75
C GLY A 633 -20.82 26.89 4.25
N VAL A 634 -19.91 27.58 3.55
CA VAL A 634 -19.64 27.30 2.15
C VAL A 634 -18.84 25.99 2.06
N GLY A 635 -17.92 25.78 3.01
CA GLY A 635 -17.11 24.57 3.11
C GLY A 635 -15.66 24.84 3.51
N ARG A 636 -14.85 23.78 3.58
CA ARG A 636 -13.41 23.90 3.83
C ARG A 636 -12.72 24.32 2.54
N HIS A 637 -11.77 25.26 2.64
CA HIS A 637 -10.83 25.51 1.55
C HIS A 637 -9.52 24.80 1.89
N TRP A 638 -8.80 24.34 0.86
CA TRP A 638 -7.43 23.90 1.05
C TRP A 638 -6.63 24.11 -0.24
N PRO A 639 -6.60 25.34 -0.81
CA PRO A 639 -5.84 25.61 -2.04
C PRO A 639 -4.38 25.32 -1.80
N GLY A 640 -3.95 25.39 -0.53
CA GLY A 640 -2.57 25.16 -0.13
C GLY A 640 -2.09 23.77 -0.54
N TYR A 641 -3.00 22.80 -0.58
CA TYR A 641 -2.62 21.43 -0.91
C TYR A 641 -2.52 21.32 -2.44
N ILE A 642 -1.29 21.19 -2.95
CA ILE A 642 -1.07 21.08 -4.38
C ILE A 642 -1.41 19.67 -4.84
N ALA A 643 -2.14 19.57 -5.97
CA ALA A 643 -2.55 18.33 -6.59
C ALA A 643 -1.32 17.53 -7.06
N GLN A 644 -1.22 16.28 -6.62
CA GLN A 644 -0.18 15.37 -7.06
C GLN A 644 -0.81 14.16 -7.72
N GLY A 645 -0.20 13.66 -8.81
CA GLY A 645 -0.70 12.48 -9.52
C GLY A 645 0.03 12.27 -10.84
N ASP A 646 -0.41 11.28 -11.62
CA ASP A 646 0.02 11.13 -13.00
C ASP A 646 -1.12 11.63 -13.88
N CYS A 647 -0.83 12.65 -14.71
CA CYS A 647 -1.84 13.33 -15.51
C CYS A 647 -1.43 13.33 -16.97
N SER A 648 -1.43 12.13 -17.55
CA SER A 648 -1.18 11.95 -18.98
C SER A 648 -2.42 12.39 -19.77
N LYS A 649 -2.20 12.73 -21.03
CA LYS A 649 -3.29 12.97 -21.97
C LYS A 649 -3.87 11.60 -22.32
N CYS A 650 -5.20 11.52 -22.47
CA CYS A 650 -5.86 10.23 -22.62
C CYS A 650 -6.78 10.24 -23.85
N SER A 651 -7.13 9.06 -24.36
CA SER A 651 -8.15 8.96 -25.38
C SER A 651 -9.35 8.19 -24.80
N TYR A 652 -10.53 8.37 -25.42
CA TYR A 652 -11.76 7.77 -24.94
C TYR A 652 -11.66 6.24 -24.98
N ALA A 653 -10.92 5.71 -25.97
CA ALA A 653 -10.92 4.27 -26.28
C ALA A 653 -10.15 3.52 -25.21
N GLY A 654 -10.58 2.28 -24.93
CA GLY A 654 -9.90 1.41 -23.97
C GLY A 654 -10.49 1.52 -22.57
N THR A 655 -10.29 0.46 -21.78
CA THR A 655 -10.85 0.33 -20.45
C THR A 655 -10.40 1.49 -19.56
N PHE A 656 -11.39 2.25 -19.08
CA PHE A 656 -11.15 3.43 -18.27
C PHE A 656 -10.88 2.99 -16.84
N ASN A 657 -10.03 3.76 -16.13
CA ASN A 657 -9.87 3.64 -14.69
C ASN A 657 -9.80 5.08 -14.18
N GLU A 658 -10.04 5.26 -12.87
CA GLU A 658 -10.17 6.59 -12.27
C GLU A 658 -8.92 7.45 -12.45
N LYS A 659 -7.76 6.85 -12.79
CA LYS A 659 -6.52 7.62 -12.85
C LYS A 659 -6.19 8.03 -14.29
N LYS A 660 -6.95 7.51 -15.28
CA LYS A 660 -6.63 7.66 -16.71
C LYS A 660 -6.61 9.12 -17.18
N CYS A 661 -7.67 9.90 -16.87
CA CYS A 661 -7.81 11.22 -17.44
C CYS A 661 -7.79 12.28 -16.35
N GLN A 662 -6.65 12.40 -15.65
CA GLN A 662 -6.55 13.33 -14.55
C GLN A 662 -5.97 14.64 -15.04
N THR A 663 -6.39 15.75 -14.42
CA THR A 663 -6.05 17.11 -14.82
C THR A 663 -5.69 17.97 -13.60
N ASN A 664 -4.97 19.07 -13.86
CA ASN A 664 -4.76 20.14 -12.89
C ASN A 664 -3.65 19.79 -11.91
N CYS A 665 -2.66 19.01 -12.36
CA CYS A 665 -1.57 18.57 -11.51
C CYS A 665 -0.56 19.69 -11.31
N GLY A 666 -0.07 19.85 -10.08
CA GLY A 666 0.87 20.91 -9.76
C GLY A 666 0.17 22.25 -9.64
N GLN A 667 -1.15 22.18 -9.44
CA GLN A 667 -2.00 23.34 -9.19
C GLN A 667 -2.70 23.12 -7.86
N PRO A 668 -3.30 24.17 -7.25
CA PRO A 668 -4.09 23.96 -6.03
C PRO A 668 -5.21 22.96 -6.32
N SER A 669 -5.39 21.97 -5.43
CA SER A 669 -6.36 20.89 -5.54
C SER A 669 -7.72 21.42 -5.94
N GLN A 670 -8.15 22.45 -5.21
CA GLN A 670 -9.36 23.23 -5.48
C GLN A 670 -9.04 24.69 -5.18
N ARG A 671 -9.18 25.54 -6.20
CA ARG A 671 -8.91 26.97 -6.11
C ARG A 671 -10.22 27.73 -5.92
N TRP A 672 -11.28 27.28 -6.62
CA TRP A 672 -12.56 27.98 -6.61
C TRP A 672 -13.57 27.28 -5.69
N TYR A 673 -14.26 28.09 -4.88
CA TYR A 673 -15.20 27.59 -3.89
C TYR A 673 -16.59 28.15 -4.20
N HIS A 674 -17.53 27.24 -4.53
CA HIS A 674 -18.89 27.55 -4.96
C HIS A 674 -19.62 28.33 -3.86
N VAL A 675 -20.29 29.42 -4.25
CA VAL A 675 -21.19 30.18 -3.38
C VAL A 675 -22.58 30.22 -4.01
N PRO A 676 -23.54 29.43 -3.46
CA PRO A 676 -24.92 29.45 -3.95
C PRO A 676 -25.53 30.85 -3.96
N ARG A 677 -26.02 31.30 -5.12
CA ARG A 677 -26.61 32.63 -5.24
C ARG A 677 -27.74 32.82 -4.23
N SER A 678 -28.48 31.75 -3.91
CA SER A 678 -29.56 31.84 -2.94
C SER A 678 -29.08 32.19 -1.53
N TRP A 679 -27.77 32.29 -1.32
CA TRP A 679 -27.21 32.55 0.00
C TRP A 679 -26.97 34.05 0.22
N LEU A 680 -27.12 34.82 -0.86
CA LEU A 680 -26.78 36.23 -0.92
C LEU A 680 -28.05 37.10 -0.81
N LYS A 681 -27.90 38.23 -0.12
CA LYS A 681 -28.78 39.39 -0.19
C LYS A 681 -28.23 40.30 -1.28
N PRO A 682 -28.97 41.35 -1.72
CA PRO A 682 -28.44 42.23 -2.76
C PRO A 682 -27.19 42.95 -2.24
N SER A 683 -27.26 43.42 -0.98
CA SER A 683 -26.15 44.11 -0.33
C SER A 683 -26.01 43.61 1.10
N GLY A 684 -24.89 43.98 1.75
CA GLY A 684 -24.61 43.68 3.14
C GLY A 684 -24.44 42.18 3.39
N ASN A 685 -23.54 41.55 2.62
CA ASN A 685 -23.23 40.13 2.77
C ASN A 685 -21.98 39.99 3.64
N LEU A 686 -21.99 39.03 4.57
CA LEU A 686 -20.87 38.83 5.48
C LEU A 686 -20.05 37.60 5.07
N LEU A 687 -18.80 37.82 4.65
CA LEU A 687 -17.88 36.76 4.25
C LEU A 687 -16.87 36.54 5.37
N VAL A 688 -16.93 35.37 6.02
CA VAL A 688 -15.96 35.06 7.07
C VAL A 688 -15.12 33.87 6.63
N VAL A 689 -13.80 33.99 6.76
CA VAL A 689 -12.88 32.93 6.43
C VAL A 689 -11.98 32.69 7.64
N PHE A 690 -12.05 31.48 8.22
CA PHE A 690 -10.99 31.02 9.10
C PHE A 690 -9.82 30.49 8.26
N GLU A 691 -8.64 31.10 8.41
CA GLU A 691 -7.43 30.68 7.73
C GLU A 691 -6.57 29.87 8.71
N GLU A 692 -6.38 28.58 8.43
CA GLU A 692 -5.68 27.70 9.34
C GLU A 692 -4.16 27.90 9.20
N TRP A 693 -3.67 28.08 7.97
CA TRP A 693 -2.25 28.00 7.63
C TRP A 693 -1.57 29.38 7.51
N GLY A 694 -2.21 30.30 6.79
CA GLY A 694 -1.61 31.58 6.45
C GLY A 694 -1.97 31.93 5.02
N GLY A 695 -2.48 33.14 4.81
CA GLY A 695 -2.87 33.61 3.49
C GLY A 695 -3.02 35.13 3.46
N ASN A 696 -3.03 35.67 2.24
CA ASN A 696 -3.30 37.08 2.02
C ASN A 696 -4.77 37.22 1.63
N PRO A 697 -5.61 37.82 2.49
CA PRO A 697 -7.03 37.90 2.20
C PRO A 697 -7.37 38.92 1.13
N THR A 698 -6.48 39.90 0.89
CA THR A 698 -6.77 40.99 -0.02
C THR A 698 -7.14 40.43 -1.40
N GLY A 699 -6.31 39.49 -1.90
CA GLY A 699 -6.44 38.92 -3.23
C GLY A 699 -7.61 37.96 -3.39
N ILE A 700 -8.25 37.56 -2.27
CA ILE A 700 -9.54 36.87 -2.29
C ILE A 700 -10.50 37.70 -3.16
N SER A 701 -10.98 37.07 -4.23
CA SER A 701 -11.84 37.70 -5.23
C SER A 701 -13.08 36.85 -5.49
N LEU A 702 -14.20 37.52 -5.69
CA LEU A 702 -15.44 36.82 -5.99
C LEU A 702 -15.50 36.65 -7.52
N VAL A 703 -16.06 35.54 -8.01
CA VAL A 703 -15.95 35.25 -9.43
C VAL A 703 -17.27 34.75 -10.02
N ARG A 704 -17.46 34.93 -11.33
CA ARG A 704 -18.68 34.58 -12.05
C ARG A 704 -18.38 33.48 -13.06
N ARG A 705 -19.13 32.36 -13.00
CA ARG A 705 -18.87 31.20 -13.83
C ARG A 705 -19.80 31.16 -15.05
N SER A 706 -19.18 30.97 -16.21
CA SER A 706 -19.83 30.77 -17.48
C SER A 706 -19.10 29.63 -18.21
N ARG A 707 -19.77 29.06 -19.21
CA ARG A 707 -19.18 28.00 -20.01
C ARG A 707 -19.27 28.32 -21.49
N SER A 708 -18.10 28.51 -22.11
CA SER A 708 -17.89 28.92 -23.50
C SER A 708 -17.76 27.68 -24.38
N ALA A 709 -17.49 27.87 -25.68
CA ALA A 709 -17.30 26.77 -26.61
C ALA A 709 -15.91 26.85 -27.25
N GLU B 5 -10.70 -7.14 -22.42
CA GLU B 5 -9.52 -6.39 -22.97
C GLU B 5 -8.29 -6.66 -22.12
N PHE B 6 -8.43 -6.51 -20.78
CA PHE B 6 -7.41 -6.91 -19.82
C PHE B 6 -7.88 -8.13 -19.00
N SER B 7 -7.12 -9.23 -19.08
CA SER B 7 -7.35 -10.40 -18.25
C SER B 7 -6.06 -11.19 -18.14
N VAL B 8 -6.00 -12.06 -17.12
CA VAL B 8 -4.96 -13.08 -17.07
C VAL B 8 -5.61 -14.44 -16.80
N SER B 9 -5.33 -15.42 -17.68
CA SER B 9 -5.71 -16.81 -17.48
C SER B 9 -4.52 -17.72 -17.78
N TYR B 10 -4.79 -19.02 -18.02
CA TYR B 10 -3.76 -20.01 -18.31
C TYR B 10 -4.38 -21.28 -18.88
N ASP B 11 -3.62 -21.97 -19.75
CA ASP B 11 -4.03 -23.27 -20.26
C ASP B 11 -2.89 -24.25 -19.99
N ASP B 12 -2.93 -25.43 -20.63
CA ASP B 12 -1.92 -26.46 -20.46
C ASP B 12 -0.55 -25.97 -20.97
N ARG B 13 -0.53 -24.98 -21.86
CA ARG B 13 0.69 -24.54 -22.52
C ARG B 13 1.38 -23.40 -21.76
N ALA B 14 0.62 -22.39 -21.32
CA ALA B 14 1.20 -21.12 -20.90
C ALA B 14 0.23 -20.30 -20.04
N ILE B 15 0.79 -19.25 -19.39
CA ILE B 15 -0.01 -18.12 -18.95
C ILE B 15 -0.56 -17.42 -20.20
N ILE B 16 -1.85 -17.06 -20.16
CA ILE B 16 -2.48 -16.33 -21.25
C ILE B 16 -2.77 -14.91 -20.76
N ILE B 17 -2.13 -13.93 -21.41
CA ILE B 17 -2.31 -12.53 -21.05
C ILE B 17 -3.05 -11.81 -22.17
N ASN B 18 -4.19 -11.20 -21.80
CA ASN B 18 -5.04 -10.49 -22.75
C ASN B 18 -5.30 -11.42 -23.94
N GLY B 19 -5.62 -12.69 -23.65
CA GLY B 19 -6.03 -13.64 -24.67
C GLY B 19 -4.88 -14.19 -25.50
N LYS B 20 -3.62 -13.81 -25.18
CA LYS B 20 -2.44 -14.29 -25.89
C LYS B 20 -1.52 -15.10 -24.96
N ARG B 21 -1.10 -16.30 -25.41
CA ARG B 21 -0.10 -17.11 -24.70
C ARG B 21 1.28 -16.46 -24.74
N LYS B 22 2.02 -16.62 -23.65
CA LYS B 22 3.30 -15.94 -23.46
C LYS B 22 4.32 -16.91 -22.89
N ILE B 23 5.57 -16.76 -23.32
CA ILE B 23 6.72 -17.40 -22.67
C ILE B 23 7.41 -16.32 -21.84
N LEU B 24 7.06 -16.25 -20.54
CA LEU B 24 7.42 -15.14 -19.67
C LEU B 24 8.79 -15.38 -19.02
N ILE B 25 9.72 -14.44 -19.29
CA ILE B 25 11.03 -14.34 -18.68
C ILE B 25 10.99 -13.34 -17.52
N SER B 26 11.29 -13.83 -16.32
CA SER B 26 11.14 -13.10 -15.06
C SER B 26 12.46 -13.06 -14.28
N GLY B 27 12.57 -12.09 -13.38
CA GLY B 27 13.69 -12.07 -12.45
C GLY B 27 13.29 -11.38 -11.16
N SER B 28 13.89 -11.81 -10.04
CA SER B 28 13.54 -11.31 -8.73
C SER B 28 14.34 -10.05 -8.41
N ILE B 29 13.64 -9.00 -7.93
CA ILE B 29 14.25 -7.84 -7.31
C ILE B 29 13.47 -7.53 -6.03
N HIS B 30 14.11 -7.63 -4.87
CA HIS B 30 13.45 -7.34 -3.61
C HIS B 30 13.57 -5.85 -3.28
N TYR B 31 12.42 -5.14 -3.30
CA TYR B 31 12.36 -3.69 -3.15
C TYR B 31 13.19 -3.20 -1.95
N PRO B 32 13.12 -3.82 -0.75
CA PRO B 32 13.85 -3.28 0.40
C PRO B 32 15.33 -3.68 0.41
N ARG B 33 15.79 -4.38 -0.64
CA ARG B 33 17.19 -4.80 -0.74
C ARG B 33 18.02 -3.82 -1.60
N SER B 34 17.41 -2.71 -2.00
CA SER B 34 18.06 -1.60 -2.68
C SER B 34 17.30 -0.35 -2.27
N THR B 35 17.70 0.83 -2.80
CA THR B 35 17.07 2.10 -2.45
C THR B 35 16.16 2.57 -3.58
N PRO B 36 15.18 3.45 -3.28
CA PRO B 36 14.28 3.95 -4.31
C PRO B 36 15.00 4.63 -5.49
N GLN B 37 16.21 5.16 -5.26
CA GLN B 37 16.97 5.80 -6.33
C GLN B 37 17.50 4.73 -7.26
N MET B 38 17.83 3.55 -6.70
CA MET B 38 18.40 2.44 -7.45
C MET B 38 17.32 1.76 -8.31
N TRP B 39 16.06 1.73 -7.84
CA TRP B 39 15.00 0.94 -8.45
C TRP B 39 14.91 1.15 -9.96
N PRO B 40 14.71 2.41 -10.44
CA PRO B 40 14.57 2.69 -11.88
C PRO B 40 15.69 2.05 -12.67
N ASP B 41 16.92 2.14 -12.14
CA ASP B 41 18.09 1.68 -12.87
C ASP B 41 18.10 0.15 -12.91
N LEU B 42 17.94 -0.47 -11.75
CA LEU B 42 17.76 -1.91 -11.64
C LEU B 42 16.69 -2.39 -12.64
N ILE B 43 15.53 -1.72 -12.67
CA ILE B 43 14.42 -2.17 -13.48
C ILE B 43 14.78 -2.03 -14.96
N GLN B 44 15.44 -0.91 -15.32
CA GLN B 44 15.84 -0.64 -16.69
C GLN B 44 16.84 -1.70 -17.15
N LYS B 45 17.76 -2.07 -16.26
CA LYS B 45 18.78 -3.04 -16.62
C LYS B 45 18.12 -4.40 -16.85
N ALA B 46 17.09 -4.73 -16.06
CA ALA B 46 16.23 -5.89 -16.23
C ALA B 46 15.57 -5.91 -17.61
N LYS B 47 14.98 -4.77 -18.00
CA LYS B 47 14.31 -4.65 -19.28
C LYS B 47 15.32 -4.92 -20.39
N ASP B 48 16.48 -4.22 -20.36
CA ASP B 48 17.50 -4.43 -21.37
C ASP B 48 18.04 -5.85 -21.25
N GLY B 49 17.83 -6.46 -20.09
CA GLY B 49 18.31 -7.79 -19.79
C GLY B 49 17.44 -8.85 -20.46
N GLY B 50 16.25 -8.46 -20.93
CA GLY B 50 15.31 -9.31 -21.65
C GLY B 50 14.21 -9.84 -20.75
N LEU B 51 13.92 -9.13 -19.65
CA LEU B 51 12.94 -9.60 -18.68
C LEU B 51 11.55 -9.06 -19.05
N ASP B 52 10.51 -9.88 -18.87
CA ASP B 52 9.12 -9.53 -19.12
C ASP B 52 8.47 -9.23 -17.78
N VAL B 53 8.99 -9.89 -16.73
CA VAL B 53 8.41 -9.86 -15.40
C VAL B 53 9.49 -9.61 -14.36
N ILE B 54 9.18 -8.76 -13.38
CA ILE B 54 9.90 -8.62 -12.13
C ILE B 54 9.07 -9.31 -11.04
N GLU B 55 9.76 -10.07 -10.20
CA GLU B 55 9.15 -10.88 -9.17
C GLU B 55 9.66 -10.40 -7.81
N THR B 56 8.74 -10.24 -6.84
CA THR B 56 9.16 -9.86 -5.49
C THR B 56 8.26 -10.46 -4.42
N TYR B 57 8.86 -10.77 -3.26
CA TYR B 57 8.11 -11.05 -2.05
C TYR B 57 7.54 -9.75 -1.49
N VAL B 58 6.61 -9.90 -0.53
CA VAL B 58 6.19 -8.83 0.36
C VAL B 58 6.75 -9.19 1.74
N PHE B 59 7.22 -8.19 2.51
CA PHE B 59 7.95 -8.43 3.73
C PHE B 59 7.25 -7.74 4.89
N TRP B 60 6.33 -8.39 5.62
CA TRP B 60 5.58 -7.50 6.48
C TRP B 60 6.23 -7.22 7.82
N ASN B 61 7.20 -8.03 8.24
CA ASN B 61 8.00 -7.66 9.41
C ASN B 61 8.53 -6.25 9.19
N GLY B 62 8.79 -5.92 7.92
CA GLY B 62 9.19 -4.58 7.54
C GLY B 62 7.97 -3.65 7.51
N HIS B 63 6.82 -4.18 7.07
CA HIS B 63 5.63 -3.40 6.78
C HIS B 63 4.76 -3.20 8.02
N GLU B 64 4.96 -4.00 9.08
CA GLU B 64 4.21 -3.91 10.33
C GLU B 64 5.14 -4.18 11.53
N PRO B 65 6.02 -3.22 11.91
CA PRO B 65 6.94 -3.43 13.04
C PRO B 65 6.27 -3.63 14.40
N SER B 66 4.97 -3.32 14.50
CA SER B 66 4.16 -3.61 15.67
C SER B 66 2.68 -3.44 15.32
N PRO B 67 1.77 -4.15 16.02
CA PRO B 67 0.42 -4.39 15.48
C PRO B 67 -0.25 -3.06 15.21
N GLY B 68 -0.85 -2.92 14.01
CA GLY B 68 -1.61 -1.75 13.64
C GLY B 68 -0.76 -0.63 13.04
N LYS B 69 0.56 -0.66 13.29
CA LYS B 69 1.46 0.40 12.82
C LYS B 69 2.18 -0.05 11.55
N TYR B 70 1.90 0.59 10.40
CA TYR B 70 2.39 0.11 9.12
C TYR B 70 3.47 1.04 8.56
N ASN B 71 4.34 0.46 7.71
CA ASN B 71 5.41 1.20 7.06
C ASN B 71 5.39 0.88 5.58
N PHE B 72 5.24 1.93 4.76
CA PHE B 72 5.26 1.82 3.31
C PHE B 72 6.04 3.00 2.76
N GLU B 73 7.04 3.47 3.51
CA GLU B 73 7.83 4.64 3.15
C GLU B 73 9.23 4.18 2.76
N GLY B 74 9.92 5.01 1.96
CA GLY B 74 11.28 4.73 1.51
C GLY B 74 11.38 3.40 0.78
N ARG B 75 12.43 2.63 1.11
CA ARG B 75 12.68 1.34 0.51
C ARG B 75 11.51 0.38 0.73
N TYR B 76 10.57 0.74 1.61
CA TYR B 76 9.41 -0.12 1.85
C TYR B 76 8.14 0.36 1.13
N ASP B 77 8.28 1.38 0.26
CA ASP B 77 7.21 1.86 -0.59
C ASP B 77 6.92 0.85 -1.71
N LEU B 78 6.24 -0.25 -1.35
CA LEU B 78 5.90 -1.35 -2.24
C LEU B 78 5.24 -0.82 -3.52
N VAL B 79 4.24 0.04 -3.32
CA VAL B 79 3.44 0.57 -4.42
C VAL B 79 4.34 1.37 -5.35
N ARG B 80 5.25 2.19 -4.78
CA ARG B 80 6.16 3.00 -5.59
C ARG B 80 6.95 2.09 -6.52
N PHE B 81 7.43 0.96 -5.98
CA PHE B 81 8.24 0.00 -6.71
C PHE B 81 7.45 -0.57 -7.90
N ILE B 82 6.30 -1.19 -7.61
CA ILE B 82 5.46 -1.83 -8.60
C ILE B 82 5.11 -0.83 -9.70
N LYS B 83 4.80 0.42 -9.31
CA LYS B 83 4.49 1.47 -10.26
C LYS B 83 5.69 1.75 -11.17
N MET B 84 6.92 1.59 -10.65
CA MET B 84 8.10 1.89 -11.46
C MET B 84 8.30 0.80 -12.52
N VAL B 85 7.94 -0.44 -12.15
CA VAL B 85 7.97 -1.59 -13.05
C VAL B 85 6.97 -1.37 -14.17
N GLN B 86 5.76 -0.92 -13.80
CA GLN B 86 4.69 -0.63 -14.75
C GLN B 86 5.15 0.45 -15.76
N ARG B 87 5.83 1.50 -15.26
CA ARG B 87 6.34 2.59 -16.09
C ARG B 87 7.36 2.04 -17.10
N ALA B 88 8.08 0.97 -16.74
CA ALA B 88 9.06 0.37 -17.62
C ALA B 88 8.38 -0.60 -18.58
N GLY B 89 7.07 -0.81 -18.39
CA GLY B 89 6.29 -1.68 -19.26
C GLY B 89 6.62 -3.14 -19.01
N LEU B 90 6.91 -3.49 -17.76
CA LEU B 90 7.10 -4.89 -17.37
C LEU B 90 5.96 -5.33 -16.47
N TYR B 91 5.78 -6.64 -16.33
CA TYR B 91 4.76 -7.19 -15.45
C TYR B 91 5.36 -7.57 -14.09
N VAL B 92 4.51 -7.89 -13.10
CA VAL B 92 4.96 -8.20 -11.74
C VAL B 92 4.36 -9.54 -11.27
N ASN B 93 5.18 -10.38 -10.63
CA ASN B 93 4.74 -11.52 -9.86
C ASN B 93 4.86 -11.17 -8.37
N LEU B 94 3.73 -10.85 -7.72
CA LEU B 94 3.75 -10.47 -6.31
C LEU B 94 3.61 -11.71 -5.43
N ARG B 95 4.72 -12.08 -4.77
CA ARG B 95 4.74 -13.25 -3.91
C ARG B 95 4.47 -12.75 -2.50
N ILE B 96 3.21 -12.79 -2.09
CA ILE B 96 2.82 -12.04 -0.91
C ILE B 96 3.21 -12.81 0.35
N GLY B 97 3.12 -14.15 0.28
CA GLY B 97 3.50 -15.01 1.38
C GLY B 97 2.33 -15.22 2.31
N PRO B 98 2.31 -14.61 3.52
CA PRO B 98 3.38 -13.69 3.95
C PRO B 98 4.62 -14.32 4.56
N TYR B 99 4.58 -15.64 4.83
CA TYR B 99 5.83 -16.35 5.04
C TYR B 99 6.54 -16.33 3.69
N VAL B 100 7.81 -15.93 3.70
CA VAL B 100 8.46 -15.65 2.44
C VAL B 100 9.83 -16.33 2.40
N CYS B 101 10.34 -16.79 3.53
CA CYS B 101 11.67 -17.37 3.61
C CYS B 101 12.72 -16.30 3.26
N ALA B 102 13.23 -16.32 2.01
CA ALA B 102 13.91 -15.17 1.42
C ALA B 102 15.22 -14.83 2.14
N GLU B 103 15.72 -15.73 3.00
CA GLU B 103 16.89 -15.47 3.83
C GLU B 103 16.69 -14.19 4.63
N TRP B 104 15.42 -13.96 5.00
CA TRP B 104 14.97 -12.72 5.59
C TRP B 104 14.56 -12.99 7.04
N ASN B 105 14.93 -12.06 7.94
CA ASN B 105 14.65 -12.09 9.37
C ASN B 105 13.30 -12.75 9.68
N PHE B 106 13.34 -13.92 10.34
CA PHE B 106 12.16 -14.62 10.81
C PHE B 106 11.27 -15.12 9.66
N GLY B 107 11.77 -15.13 8.42
CA GLY B 107 11.01 -15.62 7.28
C GLY B 107 9.97 -14.58 6.83
N GLY B 108 10.05 -13.38 7.41
CA GLY B 108 9.18 -12.28 7.04
C GLY B 108 8.11 -11.99 8.10
N PHE B 109 7.86 -12.94 9.00
CA PHE B 109 6.90 -12.77 10.07
C PHE B 109 7.36 -11.69 11.05
N PRO B 110 6.45 -10.80 11.50
CA PRO B 110 6.77 -9.85 12.57
C PRO B 110 6.99 -10.65 13.84
N VAL B 111 8.00 -10.26 14.64
CA VAL B 111 8.39 -11.03 15.82
C VAL B 111 7.23 -11.06 16.82
N TRP B 112 6.53 -9.94 16.93
CA TRP B 112 5.41 -9.79 17.86
C TRP B 112 4.32 -10.81 17.58
N LEU B 113 4.25 -11.34 16.36
CA LEU B 113 3.17 -12.25 16.01
C LEU B 113 3.31 -13.53 16.82
N LYS B 114 4.53 -13.79 17.32
CA LYS B 114 4.81 -15.03 18.00
C LYS B 114 4.11 -14.99 19.36
N TYR B 115 3.94 -13.78 19.90
CA TYR B 115 3.53 -13.54 21.27
C TYR B 115 2.05 -13.20 21.38
N VAL B 116 1.31 -13.31 20.28
CA VAL B 116 -0.15 -13.23 20.33
C VAL B 116 -0.65 -14.51 21.00
N PRO B 117 -1.56 -14.44 22.00
CA PRO B 117 -2.00 -15.65 22.69
C PRO B 117 -2.65 -16.62 21.70
N GLY B 118 -2.37 -17.91 21.89
CA GLY B 118 -2.99 -18.98 21.11
C GLY B 118 -2.26 -19.26 19.79
N MET B 119 -1.23 -18.44 19.50
CA MET B 119 -0.57 -18.39 18.20
C MET B 119 0.21 -19.66 17.92
N GLU B 120 0.21 -20.06 16.63
CA GLU B 120 1.09 -21.08 16.08
C GLU B 120 1.30 -20.80 14.58
N PHE B 121 2.55 -20.79 14.09
CA PHE B 121 2.80 -20.41 12.72
C PHE B 121 2.49 -21.54 11.73
N ARG B 122 2.06 -21.16 10.53
CA ARG B 122 2.02 -22.01 9.33
C ARG B 122 1.39 -23.37 9.66
N THR B 123 0.18 -23.33 10.20
CA THR B 123 -0.60 -24.52 10.54
C THR B 123 -2.06 -24.11 10.73
N ASN B 124 -2.92 -25.10 11.01
CA ASN B 124 -4.35 -24.91 11.18
C ASN B 124 -4.61 -24.21 12.52
N ASN B 125 -4.34 -22.90 12.56
CA ASN B 125 -4.35 -22.15 13.80
C ASN B 125 -5.12 -20.84 13.61
N GLN B 126 -6.09 -20.62 14.51
CA GLN B 126 -7.07 -19.56 14.35
C GLN B 126 -6.38 -18.20 14.49
N PRO B 127 -5.61 -17.90 15.56
CA PRO B 127 -4.91 -16.62 15.63
C PRO B 127 -4.03 -16.38 14.39
N PHE B 128 -3.34 -17.44 13.91
CA PHE B 128 -2.45 -17.30 12.78
C PHE B 128 -3.23 -16.93 11.52
N LYS B 129 -4.27 -17.71 11.24
CA LYS B 129 -5.11 -17.55 10.06
C LYS B 129 -5.71 -16.14 10.00
N VAL B 130 -6.07 -15.56 11.16
CA VAL B 130 -6.67 -14.24 11.22
C VAL B 130 -5.60 -13.20 10.88
N ALA B 131 -4.41 -13.38 11.46
CA ALA B 131 -3.31 -12.46 11.24
C ALA B 131 -2.87 -12.53 9.77
N MET B 132 -2.60 -13.76 9.28
CA MET B 132 -2.16 -13.97 7.91
C MET B 132 -3.19 -13.39 6.93
N GLN B 133 -4.48 -13.78 7.09
CA GLN B 133 -5.57 -13.33 6.22
C GLN B 133 -5.59 -11.80 6.19
N GLY B 134 -5.52 -11.19 7.39
CA GLY B 134 -5.63 -9.75 7.57
C GLY B 134 -4.58 -9.01 6.77
N PHE B 135 -3.32 -9.47 6.87
CA PHE B 135 -2.23 -8.81 6.16
C PHE B 135 -2.34 -9.08 4.65
N VAL B 136 -2.67 -10.31 4.24
CA VAL B 136 -2.79 -10.59 2.81
C VAL B 136 -3.91 -9.74 2.21
N GLN B 137 -5.01 -9.56 2.96
CA GLN B 137 -6.11 -8.73 2.49
C GLN B 137 -5.68 -7.26 2.40
N LYS B 138 -4.93 -6.78 3.41
CA LYS B 138 -4.35 -5.43 3.38
C LYS B 138 -3.59 -5.22 2.07
N ILE B 139 -2.70 -6.16 1.70
CA ILE B 139 -1.84 -6.01 0.54
C ILE B 139 -2.66 -6.05 -0.74
N VAL B 140 -3.66 -6.96 -0.79
CA VAL B 140 -4.44 -7.11 -2.00
C VAL B 140 -5.30 -5.87 -2.24
N ASN B 141 -5.97 -5.40 -1.16
CA ASN B 141 -6.78 -4.19 -1.23
C ASN B 141 -5.92 -2.96 -1.58
N MET B 142 -4.68 -2.91 -1.06
CA MET B 142 -3.79 -1.81 -1.38
C MET B 142 -3.49 -1.77 -2.89
N MET B 143 -3.30 -2.97 -3.47
CA MET B 143 -2.96 -3.16 -4.88
C MET B 143 -4.13 -2.75 -5.75
N LYS B 144 -5.34 -3.22 -5.37
CA LYS B 144 -6.58 -2.95 -6.09
C LYS B 144 -6.87 -1.44 -6.15
N SER B 145 -6.70 -0.78 -5.01
CA SER B 145 -6.84 0.66 -4.85
C SER B 145 -6.03 1.45 -5.87
N GLU B 146 -4.92 0.90 -6.36
CA GLU B 146 -4.04 1.60 -7.29
C GLU B 146 -4.09 0.93 -8.67
N ASN B 147 -5.10 0.07 -8.90
CA ASN B 147 -5.36 -0.59 -10.16
C ASN B 147 -4.11 -1.32 -10.65
N LEU B 148 -3.50 -2.13 -9.77
CA LEU B 148 -2.18 -2.65 -10.04
C LEU B 148 -2.23 -4.11 -10.51
N PHE B 149 -3.39 -4.78 -10.38
CA PHE B 149 -3.55 -6.08 -11.01
C PHE B 149 -3.76 -5.90 -12.52
N GLU B 150 -3.25 -6.84 -13.33
CA GLU B 150 -3.32 -6.76 -14.78
C GLU B 150 -4.78 -6.64 -15.24
N SER B 151 -5.67 -7.39 -14.58
CA SER B 151 -7.11 -7.36 -14.80
C SER B 151 -7.65 -5.93 -14.75
N GLN B 152 -7.01 -5.04 -13.98
CA GLN B 152 -7.42 -3.64 -13.84
C GLN B 152 -6.61 -2.74 -14.76
N GLY B 153 -5.71 -3.35 -15.56
CA GLY B 153 -4.79 -2.62 -16.43
C GLY B 153 -3.45 -2.32 -15.75
N GLY B 154 -3.21 -2.95 -14.59
CA GLY B 154 -1.94 -2.82 -13.87
C GLY B 154 -0.95 -3.91 -14.28
N PRO B 155 0.25 -3.93 -13.66
CA PRO B 155 1.29 -4.90 -14.04
C PRO B 155 1.23 -6.26 -13.36
N ILE B 156 0.46 -6.41 -12.28
CA ILE B 156 0.53 -7.66 -11.52
C ILE B 156 -0.21 -8.76 -12.28
N ILE B 157 0.52 -9.82 -12.62
CA ILE B 157 0.11 -10.91 -13.50
C ILE B 157 -0.36 -12.10 -12.66
N MET B 158 0.04 -12.15 -11.38
CA MET B 158 -0.14 -13.33 -10.55
C MET B 158 0.45 -13.05 -9.18
N ALA B 159 0.07 -13.85 -8.17
CA ALA B 159 0.54 -13.67 -6.81
C ALA B 159 0.77 -15.03 -6.16
N GLN B 160 1.67 -15.05 -5.18
CA GLN B 160 2.00 -16.29 -4.49
C GLN B 160 1.43 -16.21 -3.09
N ILE B 161 0.73 -17.27 -2.68
CA ILE B 161 0.30 -17.45 -1.31
C ILE B 161 1.21 -18.49 -0.66
N GLU B 162 1.73 -18.15 0.54
CA GLU B 162 2.63 -19.01 1.31
C GLU B 162 3.96 -19.08 0.56
N ASN B 163 4.84 -20.02 0.93
CA ASN B 163 6.10 -20.20 0.23
C ASN B 163 6.71 -21.55 0.63
N ALA B 164 6.85 -22.45 -0.37
CA ALA B 164 7.44 -23.77 -0.16
C ALA B 164 6.85 -24.46 1.08
N TYR B 165 5.52 -24.47 1.19
CA TYR B 165 4.89 -25.11 2.34
C TYR B 165 4.89 -26.63 2.19
N GLY B 166 4.92 -27.10 0.92
CA GLY B 166 4.87 -28.52 0.58
C GLY B 166 5.68 -29.37 1.55
N PRO B 167 7.00 -29.16 1.68
CA PRO B 167 7.83 -29.95 2.59
C PRO B 167 7.37 -29.90 4.04
N VAL B 168 6.90 -28.73 4.49
CA VAL B 168 6.50 -28.50 5.88
C VAL B 168 5.18 -29.24 6.15
N GLU B 169 4.28 -29.21 5.16
CA GLU B 169 3.01 -29.91 5.17
C GLU B 169 3.22 -31.38 5.46
N TRP B 170 4.13 -31.99 4.67
CA TRP B 170 4.39 -33.42 4.70
C TRP B 170 4.82 -33.84 6.11
N GLU B 171 5.44 -32.92 6.83
CA GLU B 171 5.98 -33.18 8.17
C GLU B 171 4.93 -32.87 9.24
N ILE B 172 4.11 -31.84 9.04
CA ILE B 172 3.15 -31.37 10.03
C ILE B 172 1.89 -32.25 10.05
N GLY B 173 1.62 -32.96 8.93
CA GLY B 173 0.49 -33.88 8.83
C GLY B 173 -0.83 -33.20 8.46
N ALA B 174 -1.94 -33.78 8.94
CA ALA B 174 -3.30 -33.37 8.56
C ALA B 174 -3.49 -31.87 8.77
N PRO B 175 -3.04 -31.26 9.90
CA PRO B 175 -3.29 -29.84 10.13
C PRO B 175 -2.69 -29.00 9.01
N GLY B 176 -1.57 -29.47 8.45
CA GLY B 176 -0.96 -28.85 7.29
C GLY B 176 -1.87 -28.91 6.08
N LYS B 177 -2.41 -30.10 5.80
CA LYS B 177 -3.30 -30.31 4.67
C LYS B 177 -4.47 -29.34 4.75
N ALA B 178 -5.02 -29.12 5.97
CA ALA B 178 -6.16 -28.24 6.19
C ALA B 178 -5.74 -26.77 6.01
N TYR B 179 -4.51 -26.44 6.39
CA TYR B 179 -3.98 -25.09 6.28
C TYR B 179 -3.74 -24.74 4.81
N THR B 180 -3.23 -25.72 4.05
CA THR B 180 -2.98 -25.57 2.62
C THR B 180 -4.28 -25.22 1.91
N LYS B 181 -5.32 -26.05 2.12
CA LYS B 181 -6.63 -25.87 1.50
C LYS B 181 -7.18 -24.50 1.89
N TRP B 182 -7.07 -24.15 3.18
CA TRP B 182 -7.49 -22.84 3.67
C TRP B 182 -6.75 -21.71 2.95
N ALA B 183 -5.41 -21.77 2.92
CA ALA B 183 -4.60 -20.69 2.38
C ALA B 183 -4.94 -20.45 0.90
N ALA B 184 -5.10 -21.55 0.15
CA ALA B 184 -5.41 -21.43 -1.27
C ALA B 184 -6.79 -20.78 -1.47
N GLN B 185 -7.79 -21.29 -0.74
CA GLN B 185 -9.17 -20.84 -0.87
C GLN B 185 -9.27 -19.36 -0.49
N MET B 186 -8.62 -18.93 0.61
CA MET B 186 -8.72 -17.55 1.07
C MET B 186 -8.03 -16.62 0.08
N ALA B 187 -6.89 -17.06 -0.46
CA ALA B 187 -6.19 -16.28 -1.46
C ALA B 187 -7.12 -16.09 -2.66
N VAL B 188 -7.60 -17.20 -3.23
CA VAL B 188 -8.44 -17.14 -4.42
C VAL B 188 -9.66 -16.26 -4.10
N GLY B 189 -10.18 -16.37 -2.87
CA GLY B 189 -11.39 -15.67 -2.46
C GLY B 189 -11.26 -14.15 -2.47
N LEU B 190 -10.02 -13.65 -2.53
CA LEU B 190 -9.77 -12.21 -2.57
C LEU B 190 -10.03 -11.64 -3.95
N LYS B 191 -10.24 -12.50 -4.96
CA LYS B 191 -10.66 -12.14 -6.31
C LYS B 191 -9.76 -11.03 -6.86
N THR B 192 -8.48 -11.39 -7.11
CA THR B 192 -7.49 -10.46 -7.65
C THR B 192 -7.72 -10.24 -9.15
N GLY B 193 -8.31 -11.25 -9.80
CA GLY B 193 -8.62 -11.22 -11.22
C GLY B 193 -7.58 -11.98 -12.01
N VAL B 194 -6.46 -12.32 -11.35
CA VAL B 194 -5.30 -12.93 -12.00
C VAL B 194 -4.98 -14.22 -11.26
N PRO B 195 -4.26 -15.18 -11.90
CA PRO B 195 -3.94 -16.46 -11.29
C PRO B 195 -3.20 -16.31 -9.96
N TRP B 196 -3.27 -17.37 -9.14
CA TRP B 196 -2.51 -17.52 -7.92
C TRP B 196 -1.63 -18.76 -8.08
N ILE B 197 -0.44 -18.72 -7.44
CA ILE B 197 0.56 -19.78 -7.49
C ILE B 197 0.96 -20.16 -6.07
N MET B 198 1.47 -21.38 -5.91
CA MET B 198 2.19 -21.76 -4.71
C MET B 198 3.39 -22.59 -5.16
N CYS B 199 4.57 -22.32 -4.60
CA CYS B 199 5.79 -23.01 -5.03
C CYS B 199 5.99 -24.22 -4.15
N LYS B 200 6.47 -25.32 -4.76
CA LYS B 200 6.77 -26.56 -4.04
C LYS B 200 5.55 -26.94 -3.21
N GLN B 201 4.42 -27.13 -3.90
CA GLN B 201 3.15 -27.45 -3.27
C GLN B 201 2.43 -28.43 -4.20
N GLU B 202 2.90 -29.69 -4.22
CA GLU B 202 2.51 -30.69 -5.21
C GLU B 202 1.01 -30.99 -5.14
N ASP B 203 0.33 -30.49 -4.11
CA ASP B 203 -1.08 -30.75 -3.88
C ASP B 203 -1.87 -29.44 -3.89
N ALA B 204 -1.36 -28.40 -4.57
CA ALA B 204 -2.02 -27.10 -4.59
C ALA B 204 -3.41 -27.28 -5.20
N PRO B 205 -4.51 -26.98 -4.46
CA PRO B 205 -5.86 -27.09 -5.03
C PRO B 205 -6.13 -26.10 -6.15
N ASP B 206 -6.84 -26.59 -7.18
CA ASP B 206 -7.39 -25.77 -8.24
C ASP B 206 -8.14 -24.61 -7.60
N PRO B 207 -8.09 -23.39 -8.19
CA PRO B 207 -7.40 -23.15 -9.45
C PRO B 207 -5.97 -22.61 -9.33
N VAL B 208 -5.26 -23.01 -8.25
CA VAL B 208 -3.92 -22.50 -7.96
C VAL B 208 -2.90 -23.32 -8.74
N ILE B 209 -1.91 -22.65 -9.36
CA ILE B 209 -0.86 -23.35 -10.09
C ILE B 209 0.30 -23.65 -9.16
N ASP B 210 0.75 -24.93 -9.09
CA ASP B 210 1.93 -25.26 -8.32
C ASP B 210 3.17 -25.10 -9.18
N THR B 211 4.20 -24.43 -8.62
CA THR B 211 5.41 -24.16 -9.37
C THR B 211 6.60 -24.87 -8.74
N CYS B 212 7.76 -24.75 -9.39
CA CYS B 212 9.01 -25.42 -9.06
C CYS B 212 10.05 -24.35 -8.69
N ASN B 213 10.96 -24.70 -7.78
CA ASN B 213 12.12 -23.92 -7.40
C ASN B 213 13.34 -24.83 -7.40
N GLY B 214 14.50 -24.32 -7.84
CA GLY B 214 15.77 -25.03 -7.69
C GLY B 214 16.81 -24.59 -8.72
N PHE B 215 17.87 -25.39 -8.88
CA PHE B 215 18.91 -25.13 -9.87
C PHE B 215 18.46 -25.61 -11.25
N TYR B 216 17.68 -26.70 -11.26
CA TYR B 216 17.08 -27.27 -12.46
C TYR B 216 15.65 -27.65 -12.11
N CYS B 217 14.71 -27.46 -13.06
CA CYS B 217 13.31 -27.82 -12.89
C CYS B 217 12.75 -28.42 -14.17
N GLU B 218 13.61 -29.01 -15.01
CA GLU B 218 13.23 -29.41 -16.37
C GLU B 218 12.30 -30.61 -16.34
N GLY B 219 12.36 -31.43 -15.27
CA GLY B 219 11.56 -32.65 -15.16
C GLY B 219 10.24 -32.43 -14.41
N PHE B 220 10.06 -31.22 -13.86
CA PHE B 220 8.90 -30.87 -13.05
C PHE B 220 7.65 -30.85 -13.93
N ARG B 221 6.48 -31.11 -13.33
CA ARG B 221 5.21 -31.04 -14.04
C ARG B 221 4.15 -30.56 -13.05
N PRO B 222 3.33 -29.53 -13.38
CA PRO B 222 2.33 -29.03 -12.42
C PRO B 222 1.33 -30.13 -12.11
N ASN B 223 0.55 -29.98 -11.02
CA ASN B 223 -0.25 -31.07 -10.49
C ASN B 223 -1.47 -31.37 -11.35
N LYS B 224 -1.68 -30.63 -12.44
CA LYS B 224 -2.79 -30.88 -13.37
C LYS B 224 -2.31 -30.68 -14.80
N PRO B 225 -2.81 -31.45 -15.79
CA PRO B 225 -2.43 -31.23 -17.19
C PRO B 225 -2.89 -29.89 -17.75
N TYR B 226 -3.90 -29.25 -17.14
CA TYR B 226 -4.46 -27.99 -17.64
C TYR B 226 -3.85 -26.77 -16.93
N LYS B 227 -2.70 -26.97 -16.25
CA LYS B 227 -1.93 -25.89 -15.65
C LYS B 227 -0.58 -25.78 -16.36
N PRO B 228 -0.08 -24.55 -16.62
CA PRO B 228 1.21 -24.40 -17.29
C PRO B 228 2.34 -24.80 -16.35
N LYS B 229 3.51 -25.11 -16.92
CA LYS B 229 4.71 -25.46 -16.19
C LYS B 229 5.52 -24.18 -15.93
N MET B 230 5.75 -23.86 -14.65
CA MET B 230 6.40 -22.62 -14.22
C MET B 230 7.46 -22.86 -13.15
N TRP B 231 8.57 -22.12 -13.28
CA TRP B 231 9.76 -22.23 -12.45
C TRP B 231 9.96 -20.90 -11.71
N THR B 232 9.48 -20.81 -10.46
CA THR B 232 9.45 -19.52 -9.76
C THR B 232 10.83 -19.10 -9.24
N GLU B 233 11.77 -20.02 -9.07
CA GLU B 233 13.08 -19.66 -8.53
C GLU B 233 14.19 -20.43 -9.25
N VAL B 234 14.79 -19.82 -10.29
CA VAL B 234 16.02 -20.29 -10.89
C VAL B 234 17.16 -19.72 -10.06
N TRP B 235 17.79 -20.57 -9.23
CA TRP B 235 18.83 -20.08 -8.33
C TRP B 235 20.06 -19.69 -9.13
N THR B 236 20.42 -18.40 -9.04
CA THR B 236 21.48 -17.80 -9.84
C THR B 236 22.83 -17.95 -9.15
N GLY B 237 22.83 -18.64 -8.00
CA GLY B 237 23.93 -18.69 -7.05
C GLY B 237 23.40 -19.17 -5.70
N TRP B 238 23.82 -18.52 -4.61
CA TRP B 238 23.40 -18.91 -3.26
C TRP B 238 23.67 -17.71 -2.36
N TYR B 239 23.02 -17.65 -1.19
CA TYR B 239 23.27 -16.58 -0.24
C TYR B 239 24.69 -16.68 0.34
N THR B 240 25.21 -15.54 0.78
CA THR B 240 26.45 -15.53 1.55
C THR B 240 26.09 -15.53 3.04
N LYS B 241 26.65 -16.47 3.80
CA LYS B 241 26.47 -16.45 5.24
C LYS B 241 27.75 -15.96 5.88
N PHE B 242 27.64 -15.23 7.00
CA PHE B 242 28.80 -14.94 7.83
C PHE B 242 29.44 -16.28 8.22
N GLY B 243 30.74 -16.42 8.00
CA GLY B 243 31.44 -17.66 8.26
C GLY B 243 31.64 -18.49 6.98
N GLY B 244 30.95 -18.10 5.89
CA GLY B 244 30.92 -18.88 4.65
C GLY B 244 31.50 -18.14 3.44
N PRO B 245 31.69 -18.86 2.31
CA PRO B 245 32.31 -18.31 1.10
C PRO B 245 31.33 -17.52 0.23
N ILE B 246 31.84 -16.81 -0.79
CA ILE B 246 30.99 -16.25 -1.83
C ILE B 246 30.64 -17.36 -2.84
N PRO B 247 29.38 -17.85 -2.86
CA PRO B 247 29.04 -18.98 -3.73
C PRO B 247 28.60 -18.46 -5.10
N GLN B 248 29.14 -19.07 -6.16
CA GLN B 248 28.86 -18.57 -7.51
C GLN B 248 28.22 -19.70 -8.30
N ARG B 249 27.46 -19.34 -9.35
CA ARG B 249 26.95 -20.31 -10.30
C ARG B 249 27.32 -19.83 -11.69
N PRO B 250 27.91 -20.71 -12.53
CA PRO B 250 28.37 -20.32 -13.87
C PRO B 250 27.22 -20.01 -14.84
N ALA B 251 27.33 -18.88 -15.53
CA ALA B 251 26.38 -18.40 -16.54
C ALA B 251 26.03 -19.50 -17.53
N GLU B 252 27.05 -20.26 -17.97
CA GLU B 252 26.85 -21.29 -18.98
C GLU B 252 25.97 -22.40 -18.42
N ASP B 253 26.01 -22.61 -17.09
CA ASP B 253 25.18 -23.65 -16.46
C ASP B 253 23.75 -23.14 -16.30
N ILE B 254 23.61 -21.85 -15.93
CA ILE B 254 22.30 -21.24 -15.80
C ILE B 254 21.59 -21.29 -17.16
N ALA B 255 22.25 -20.76 -18.21
CA ALA B 255 21.65 -20.74 -19.54
C ALA B 255 21.23 -22.15 -19.94
N PHE B 256 22.10 -23.14 -19.65
CA PHE B 256 21.74 -24.53 -19.88
C PHE B 256 20.46 -24.88 -19.11
N SER B 257 20.43 -24.59 -17.81
CA SER B 257 19.31 -24.98 -16.97
C SER B 257 18.01 -24.39 -17.51
N VAL B 258 18.06 -23.13 -17.95
CA VAL B 258 16.90 -22.43 -18.47
C VAL B 258 16.48 -23.05 -19.80
N ALA B 259 17.44 -23.21 -20.72
CA ALA B 259 17.16 -23.78 -22.02
C ALA B 259 16.48 -25.13 -21.82
N ARG B 260 16.99 -25.90 -20.86
CA ARG B 260 16.54 -27.27 -20.64
C ARG B 260 15.09 -27.28 -20.16
N PHE B 261 14.66 -26.22 -19.46
CA PHE B 261 13.30 -26.07 -18.96
C PHE B 261 12.38 -25.67 -20.10
N VAL B 262 12.72 -24.57 -20.76
CA VAL B 262 11.99 -24.05 -21.92
C VAL B 262 11.81 -25.11 -23.00
N GLN B 263 12.83 -25.94 -23.27
CA GLN B 263 12.78 -26.89 -24.37
C GLN B 263 11.76 -27.98 -24.04
N ASN B 264 11.44 -28.09 -22.76
CA ASN B 264 10.57 -29.15 -22.27
C ASN B 264 9.28 -28.52 -21.72
N ASN B 265 8.63 -27.69 -22.55
CA ASN B 265 7.29 -27.19 -22.29
C ASN B 265 7.23 -26.16 -21.16
N GLY B 266 8.40 -25.72 -20.64
CA GLY B 266 8.46 -24.63 -19.67
C GLY B 266 8.00 -23.30 -20.27
N SER B 267 7.20 -22.54 -19.52
CA SER B 267 6.56 -21.36 -20.06
C SER B 267 6.70 -20.15 -19.12
N PHE B 268 7.18 -20.38 -17.89
CA PHE B 268 7.53 -19.27 -16.99
C PHE B 268 8.77 -19.65 -16.19
N PHE B 269 9.82 -18.81 -16.27
CA PHE B 269 10.99 -18.96 -15.42
C PHE B 269 11.45 -17.61 -14.84
N ASN B 270 11.94 -17.64 -13.60
CA ASN B 270 12.29 -16.45 -12.86
C ASN B 270 13.63 -16.64 -12.15
N TYR B 271 14.63 -15.82 -12.52
CA TYR B 271 15.91 -15.80 -11.84
C TYR B 271 15.71 -15.37 -10.38
N TYR B 272 16.13 -16.21 -9.42
CA TYR B 272 16.24 -15.86 -8.01
C TYR B 272 17.73 -15.87 -7.66
N MET B 273 18.40 -14.73 -7.58
CA MET B 273 17.90 -13.36 -7.73
C MET B 273 18.33 -12.83 -9.10
N TYR B 274 17.60 -11.82 -9.61
CA TYR B 274 18.09 -11.05 -10.74
C TYR B 274 18.92 -9.89 -10.22
N HIS B 275 18.40 -9.21 -9.19
CA HIS B 275 19.18 -8.32 -8.34
C HIS B 275 19.01 -8.78 -6.90
N GLY B 276 20.13 -9.21 -6.30
CA GLY B 276 20.14 -9.67 -4.92
C GLY B 276 20.13 -8.51 -3.96
N GLY B 277 21.11 -7.61 -4.13
CA GLY B 277 21.21 -6.40 -3.31
C GLY B 277 21.71 -6.67 -1.89
N THR B 278 21.18 -5.92 -0.92
CA THR B 278 21.79 -5.79 0.40
C THR B 278 20.75 -5.89 1.50
N ASN B 279 21.08 -6.61 2.58
CA ASN B 279 20.28 -6.63 3.79
C ASN B 279 20.68 -5.43 4.66
N PHE B 280 20.03 -4.28 4.44
CA PHE B 280 20.30 -3.08 5.23
C PHE B 280 19.83 -3.24 6.67
N GLY B 281 20.24 -2.30 7.55
CA GLY B 281 19.70 -2.14 8.89
C GLY B 281 19.99 -3.36 9.76
N ARG B 282 19.00 -3.75 10.58
CA ARG B 282 19.18 -4.89 11.50
C ARG B 282 17.91 -5.75 11.56
N THR B 283 16.97 -5.55 10.63
CA THR B 283 15.74 -6.32 10.60
C THR B 283 15.48 -6.88 9.20
N SER B 284 16.55 -7.18 8.48
CA SER B 284 16.47 -7.59 7.08
C SER B 284 16.99 -9.02 6.92
N SER B 285 18.29 -9.21 7.20
CA SER B 285 18.89 -10.51 6.99
C SER B 285 18.33 -11.47 8.03
N GLY B 286 18.19 -12.74 7.64
CA GLY B 286 17.88 -13.83 8.54
C GLY B 286 19.14 -14.42 9.18
N LEU B 287 18.94 -15.55 9.88
CA LEU B 287 19.95 -16.13 10.75
C LEU B 287 21.28 -16.30 10.00
N PHE B 288 22.29 -15.51 10.40
CA PHE B 288 23.66 -15.61 9.93
C PHE B 288 23.76 -15.30 8.43
N ILE B 289 22.68 -14.81 7.84
CA ILE B 289 22.79 -14.26 6.50
C ILE B 289 23.61 -12.98 6.56
N ALA B 290 24.61 -12.89 5.68
CA ALA B 290 25.55 -11.77 5.61
C ALA B 290 24.81 -10.50 5.17
N THR B 291 25.45 -9.33 5.35
CA THR B 291 24.81 -8.11 4.92
C THR B 291 24.58 -8.15 3.41
N SER B 292 25.61 -8.59 2.67
CA SER B 292 25.54 -8.75 1.22
C SER B 292 24.61 -9.90 0.83
N TYR B 293 23.70 -9.63 -0.10
CA TYR B 293 22.82 -10.66 -0.63
C TYR B 293 23.08 -10.84 -2.13
N ASP B 294 24.34 -10.95 -2.53
CA ASP B 294 24.70 -10.71 -3.92
C ASP B 294 24.10 -11.80 -4.82
N TYR B 295 24.16 -13.04 -4.32
CA TYR B 295 23.59 -14.19 -5.01
C TYR B 295 24.19 -14.37 -6.40
N ASP B 296 25.43 -13.88 -6.61
CA ASP B 296 26.06 -13.93 -7.94
C ASP B 296 25.01 -13.62 -9.01
N ALA B 297 24.12 -12.68 -8.69
CA ALA B 297 22.98 -12.33 -9.53
C ALA B 297 23.46 -11.61 -10.79
N PRO B 298 22.70 -11.64 -11.91
CA PRO B 298 23.07 -10.93 -13.13
C PRO B 298 23.34 -9.45 -12.89
N LEU B 299 22.58 -8.84 -11.96
CA LEU B 299 22.92 -7.53 -11.41
C LEU B 299 23.57 -7.76 -10.04
N ASP B 300 24.83 -7.32 -9.89
CA ASP B 300 25.56 -7.52 -8.64
C ASP B 300 24.90 -6.71 -7.52
N GLU B 301 25.45 -6.83 -6.30
CA GLU B 301 24.86 -6.24 -5.09
C GLU B 301 24.68 -4.75 -5.31
N TYR B 302 25.65 -4.14 -6.01
CA TYR B 302 25.78 -2.68 -6.15
C TYR B 302 24.96 -2.18 -7.33
N GLY B 303 24.45 -3.13 -8.14
CA GLY B 303 23.58 -2.84 -9.26
C GLY B 303 24.35 -2.73 -10.58
N LEU B 304 25.63 -3.12 -10.58
CA LEU B 304 26.38 -3.21 -11.83
C LEU B 304 26.07 -4.53 -12.56
N LEU B 305 26.30 -4.55 -13.87
CA LEU B 305 26.14 -5.73 -14.70
C LEU B 305 27.21 -6.75 -14.30
N ASN B 306 26.73 -7.95 -13.95
CA ASN B 306 27.61 -9.06 -13.63
C ASN B 306 27.94 -9.79 -14.94
N GLU B 307 28.97 -9.29 -15.63
CA GLU B 307 29.39 -9.86 -16.90
C GLU B 307 30.32 -11.05 -16.63
N PRO B 308 30.26 -12.11 -17.46
CA PRO B 308 29.39 -12.11 -18.64
C PRO B 308 27.94 -12.54 -18.41
N LYS B 309 27.59 -12.93 -17.18
CA LYS B 309 26.31 -13.57 -16.97
C LYS B 309 25.17 -12.72 -17.52
N TYR B 310 25.20 -11.42 -17.23
CA TYR B 310 24.12 -10.51 -17.56
C TYR B 310 23.86 -10.59 -19.06
N GLY B 311 24.96 -10.47 -19.83
CA GLY B 311 24.89 -10.44 -21.28
C GLY B 311 24.47 -11.79 -21.83
N HIS B 312 25.07 -12.85 -21.29
CA HIS B 312 24.87 -14.20 -21.79
C HIS B 312 23.39 -14.56 -21.67
N LEU B 313 22.74 -14.10 -20.60
CA LEU B 313 21.32 -14.34 -20.38
C LEU B 313 20.46 -13.38 -21.20
N ARG B 314 20.95 -12.15 -21.46
CA ARG B 314 20.29 -11.26 -22.41
C ARG B 314 20.23 -11.96 -23.77
N ASP B 315 21.34 -12.61 -24.17
CA ASP B 315 21.40 -13.26 -25.47
C ASP B 315 20.46 -14.46 -25.50
N LEU B 316 20.39 -15.22 -24.39
CA LEU B 316 19.46 -16.34 -24.27
C LEU B 316 18.02 -15.86 -24.48
N HIS B 317 17.64 -14.79 -23.77
CA HIS B 317 16.29 -14.25 -23.88
C HIS B 317 15.97 -13.87 -25.32
N LYS B 318 16.87 -13.15 -26.00
CA LYS B 318 16.72 -12.75 -27.39
C LYS B 318 16.36 -13.97 -28.24
N ALA B 319 17.02 -15.10 -27.95
CA ALA B 319 16.84 -16.31 -28.74
C ALA B 319 15.48 -16.92 -28.43
N ILE B 320 15.07 -16.88 -27.16
CA ILE B 320 13.77 -17.39 -26.77
C ILE B 320 12.67 -16.56 -27.44
N LYS B 321 12.90 -15.24 -27.59
CA LYS B 321 11.91 -14.35 -28.18
C LYS B 321 11.73 -14.70 -29.65
N LEU B 322 12.84 -14.95 -30.36
CA LEU B 322 12.77 -15.33 -31.75
C LEU B 322 11.94 -16.62 -31.88
N SER B 323 12.02 -17.50 -30.87
CA SER B 323 11.35 -18.77 -30.89
C SER B 323 9.89 -18.67 -30.42
N GLU B 324 9.54 -17.57 -29.73
CA GLU B 324 8.28 -17.49 -29.02
C GLU B 324 7.08 -17.86 -29.89
N PRO B 325 6.89 -17.27 -31.10
CA PRO B 325 5.69 -17.56 -31.90
C PRO B 325 5.50 -19.06 -32.14
N ALA B 326 6.59 -19.78 -32.45
CA ALA B 326 6.57 -21.24 -32.54
C ALA B 326 6.27 -21.87 -31.18
N LEU B 327 6.92 -21.37 -30.11
CA LEU B 327 6.84 -21.96 -28.77
C LEU B 327 5.40 -21.98 -28.27
N VAL B 328 4.62 -20.94 -28.61
CA VAL B 328 3.33 -20.70 -27.96
C VAL B 328 2.20 -21.27 -28.80
N SER B 329 2.53 -21.83 -29.97
CA SER B 329 1.54 -22.43 -30.86
C SER B 329 1.88 -23.89 -31.17
N SER B 330 2.62 -24.56 -30.27
CA SER B 330 2.93 -25.98 -30.35
C SER B 330 3.37 -26.53 -29.00
N TYR B 331 3.77 -27.80 -29.00
CA TYR B 331 4.25 -28.46 -27.80
C TYR B 331 5.58 -29.14 -28.14
N ALA B 332 6.40 -29.38 -27.11
CA ALA B 332 7.74 -29.91 -27.32
C ALA B 332 7.65 -31.37 -27.79
N ALA B 333 8.20 -31.64 -28.98
CA ALA B 333 8.34 -33.00 -29.50
C ALA B 333 9.80 -33.41 -29.45
N VAL B 334 10.07 -34.65 -29.00
CA VAL B 334 11.44 -35.09 -28.78
C VAL B 334 11.91 -36.03 -29.91
N THR B 335 13.06 -35.70 -30.50
CA THR B 335 13.80 -36.57 -31.41
C THR B 335 15.16 -36.84 -30.80
N SER B 336 15.48 -38.11 -30.56
CA SER B 336 16.78 -38.50 -30.04
C SER B 336 17.81 -38.23 -31.13
N LEU B 337 18.99 -37.70 -30.77
CA LEU B 337 20.01 -37.38 -31.75
C LEU B 337 21.25 -38.25 -31.61
N GLY B 338 21.45 -38.84 -30.43
CA GLY B 338 22.65 -39.59 -30.07
C GLY B 338 22.52 -40.18 -28.66
N SER B 339 23.59 -40.76 -28.12
CA SER B 339 23.48 -41.42 -26.82
C SER B 339 23.23 -40.42 -25.69
N ASN B 340 23.39 -39.13 -25.96
CA ASN B 340 23.19 -38.16 -24.89
C ASN B 340 22.77 -36.83 -25.46
N GLN B 341 22.09 -36.88 -26.61
CA GLN B 341 21.82 -35.68 -27.39
C GLN B 341 20.40 -35.76 -27.88
N GLU B 342 19.69 -34.63 -27.84
CA GLU B 342 18.28 -34.61 -28.17
C GLU B 342 17.96 -33.39 -29.01
N ALA B 343 16.90 -33.49 -29.81
CA ALA B 343 16.23 -32.35 -30.41
C ALA B 343 14.86 -32.18 -29.75
N HIS B 344 14.55 -30.94 -29.37
CA HIS B 344 13.24 -30.54 -28.88
C HIS B 344 12.66 -29.57 -29.90
N VAL B 345 11.61 -29.99 -30.61
CA VAL B 345 11.16 -29.27 -31.78
C VAL B 345 9.73 -28.78 -31.56
N TYR B 346 9.51 -27.50 -31.88
CA TYR B 346 8.21 -26.86 -31.75
C TYR B 346 7.75 -26.40 -33.13
N ARG B 347 7.02 -27.28 -33.84
CA ARG B 347 6.48 -26.96 -35.16
C ARG B 347 4.95 -26.85 -35.04
N SER B 348 4.39 -25.69 -35.41
CA SER B 348 2.95 -25.53 -35.52
C SER B 348 2.49 -25.77 -36.95
N LYS B 349 1.17 -25.84 -37.14
CA LYS B 349 0.55 -25.76 -38.46
C LYS B 349 0.93 -24.41 -39.12
N SER B 350 1.43 -24.49 -40.36
CA SER B 350 2.27 -23.45 -40.95
C SER B 350 3.44 -23.14 -40.02
N GLY B 351 3.35 -21.97 -39.36
CA GLY B 351 4.29 -21.50 -38.34
C GLY B 351 5.71 -22.01 -38.51
N ALA B 352 6.56 -21.73 -37.51
CA ALA B 352 7.96 -22.10 -37.51
C ALA B 352 8.11 -23.42 -36.76
N CYS B 353 9.39 -23.79 -36.55
CA CYS B 353 9.72 -25.10 -36.01
C CYS B 353 10.83 -24.95 -34.97
N ALA B 354 10.88 -23.77 -34.35
CA ALA B 354 11.92 -23.57 -33.35
C ALA B 354 12.39 -24.85 -32.68
N ALA B 355 13.69 -25.14 -32.82
CA ALA B 355 14.31 -26.35 -32.30
C ALA B 355 15.35 -26.03 -31.23
N PHE B 356 15.46 -26.95 -30.25
CA PHE B 356 16.52 -26.92 -29.26
C PHE B 356 17.33 -28.19 -29.40
N LEU B 357 18.64 -28.04 -29.65
CA LEU B 357 19.55 -29.16 -29.79
C LEU B 357 20.43 -29.24 -28.54
N SER B 358 20.34 -30.37 -27.84
CA SER B 358 20.94 -30.53 -26.53
C SER B 358 22.08 -31.55 -26.56
N ASN B 359 23.07 -31.37 -25.68
CA ASN B 359 24.12 -32.34 -25.42
C ASN B 359 24.33 -32.44 -23.90
N TYR B 360 23.85 -33.53 -23.29
CA TYR B 360 23.91 -33.73 -21.85
C TYR B 360 25.25 -34.29 -21.40
N ASP B 361 26.11 -34.71 -22.34
CA ASP B 361 27.46 -35.15 -22.03
C ASP B 361 28.22 -34.00 -21.36
N SER B 362 28.81 -34.28 -20.19
CA SER B 362 29.43 -33.22 -19.40
C SER B 362 30.93 -33.16 -19.67
N ARG B 363 31.40 -33.99 -20.62
CA ARG B 363 32.83 -34.17 -20.83
C ARG B 363 33.23 -33.83 -22.27
N TYR B 364 32.44 -34.23 -23.26
CA TYR B 364 32.85 -34.18 -24.66
C TYR B 364 31.94 -33.27 -25.49
N SER B 365 32.51 -32.61 -26.51
CA SER B 365 31.73 -32.01 -27.58
C SER B 365 31.18 -33.14 -28.46
N VAL B 366 29.98 -32.96 -29.05
CA VAL B 366 29.53 -33.92 -30.06
C VAL B 366 28.92 -33.19 -31.25
N LYS B 367 29.18 -33.76 -32.44
CA LYS B 367 28.62 -33.32 -33.70
C LYS B 367 27.28 -34.03 -33.89
N VAL B 368 26.25 -33.27 -34.25
CA VAL B 368 24.89 -33.75 -34.39
C VAL B 368 24.41 -33.38 -35.79
N THR B 369 23.57 -34.22 -36.39
CA THR B 369 22.98 -33.85 -37.66
C THR B 369 21.48 -33.63 -37.46
N PHE B 370 21.03 -32.41 -37.78
CA PHE B 370 19.64 -32.04 -37.61
C PHE B 370 19.17 -31.38 -38.90
N GLN B 371 18.18 -32.02 -39.52
CA GLN B 371 17.56 -31.60 -40.77
C GLN B 371 18.64 -31.26 -41.79
N ASN B 372 19.63 -32.17 -41.92
CA ASN B 372 20.61 -32.14 -42.99
C ASN B 372 21.76 -31.18 -42.70
N ARG B 373 21.75 -30.54 -41.53
CA ARG B 373 22.80 -29.58 -41.18
C ARG B 373 23.62 -30.12 -40.01
N PRO B 374 24.96 -29.86 -39.98
CA PRO B 374 25.80 -30.30 -38.87
C PRO B 374 25.84 -29.24 -37.76
N TYR B 375 25.79 -29.67 -36.49
CA TYR B 375 25.85 -28.76 -35.36
C TYR B 375 26.81 -29.29 -34.28
N ASN B 376 27.83 -28.48 -33.95
CA ASN B 376 28.74 -28.79 -32.86
C ASN B 376 28.14 -28.34 -31.54
N LEU B 377 27.91 -29.30 -30.63
CA LEU B 377 27.40 -29.01 -29.30
C LEU B 377 28.52 -29.19 -28.28
N PRO B 378 29.04 -28.08 -27.70
CA PRO B 378 29.95 -28.17 -26.54
C PRO B 378 29.31 -28.99 -25.43
N PRO B 379 30.10 -29.55 -24.48
CA PRO B 379 29.53 -30.39 -23.42
C PRO B 379 28.55 -29.57 -22.60
N TRP B 380 27.45 -30.21 -22.17
CA TRP B 380 26.51 -29.59 -21.23
C TRP B 380 25.99 -28.27 -21.81
N SER B 381 25.56 -28.33 -23.08
CA SER B 381 25.10 -27.14 -23.77
C SER B 381 23.85 -27.46 -24.58
N ILE B 382 23.09 -26.41 -24.88
CA ILE B 382 21.96 -26.46 -25.80
C ILE B 382 22.11 -25.31 -26.82
N SER B 383 21.81 -25.63 -28.08
CA SER B 383 21.75 -24.66 -29.16
C SER B 383 20.27 -24.36 -29.48
N ILE B 384 19.94 -23.06 -29.61
CA ILE B 384 18.58 -22.64 -29.94
C ILE B 384 18.53 -22.21 -31.41
N LEU B 385 17.72 -22.93 -32.20
CA LEU B 385 17.45 -22.60 -33.59
C LEU B 385 16.04 -22.04 -33.72
N PRO B 386 15.84 -20.70 -33.68
CA PRO B 386 14.48 -20.13 -33.71
C PRO B 386 13.70 -20.45 -34.99
N ASP B 387 14.40 -20.71 -36.10
CA ASP B 387 13.72 -21.08 -37.33
C ASP B 387 13.96 -22.54 -37.68
N CYS B 388 14.67 -23.26 -36.79
CA CYS B 388 15.14 -24.63 -36.93
C CYS B 388 16.21 -24.80 -38.01
N LYS B 389 16.82 -23.69 -38.46
CA LYS B 389 17.85 -23.72 -39.48
C LYS B 389 19.17 -23.16 -38.94
N THR B 390 19.17 -21.96 -38.36
CA THR B 390 20.43 -21.38 -37.90
C THR B 390 20.46 -21.26 -36.38
N ALA B 391 21.53 -21.80 -35.79
CA ALA B 391 21.76 -21.76 -34.36
C ALA B 391 22.22 -20.36 -34.00
N VAL B 392 21.28 -19.55 -33.47
CA VAL B 392 21.59 -18.17 -33.13
C VAL B 392 22.38 -18.12 -31.82
N TYR B 393 22.35 -19.21 -31.05
CA TYR B 393 22.85 -19.17 -29.67
C TYR B 393 23.10 -20.58 -29.14
N ASN B 394 24.10 -20.68 -28.25
CA ASN B 394 24.36 -21.92 -27.54
C ASN B 394 24.73 -21.60 -26.09
N THR B 395 24.28 -22.45 -25.15
CA THR B 395 24.33 -22.10 -23.73
C THR B 395 25.77 -22.01 -23.25
N ALA B 396 26.71 -22.68 -23.93
CA ALA B 396 28.09 -22.71 -23.47
C ALA B 396 29.00 -21.76 -24.26
N GLN B 397 28.49 -21.16 -25.34
CA GLN B 397 29.30 -20.25 -26.14
C GLN B 397 28.93 -18.83 -25.76
N VAL B 398 29.77 -18.25 -24.89
CA VAL B 398 29.50 -16.97 -24.26
C VAL B 398 30.18 -15.89 -25.11
N ASN B 399 29.37 -14.98 -25.71
CA ASN B 399 29.86 -13.93 -26.59
C ASN B 399 29.81 -12.57 -25.91
N SER B 400 29.41 -12.52 -24.62
CA SER B 400 29.64 -11.35 -23.77
C SER B 400 31.06 -11.40 -23.20
N GLN B 401 31.63 -10.22 -22.94
CA GLN B 401 32.93 -10.09 -22.28
C GLN B 401 32.76 -10.39 -20.79
N SER B 402 33.77 -11.00 -20.15
CA SER B 402 33.81 -11.06 -18.70
C SER B 402 34.00 -9.67 -18.09
N SER B 403 33.72 -9.53 -16.79
CA SER B 403 34.03 -8.30 -16.04
C SER B 403 34.59 -8.68 -14.67
N SER B 404 35.71 -8.06 -14.31
CA SER B 404 36.36 -8.34 -13.03
C SER B 404 36.15 -7.16 -12.10
N ILE B 405 35.76 -7.50 -10.85
CA ILE B 405 35.36 -6.57 -9.80
C ILE B 405 36.59 -5.93 -9.16
N LYS B 406 36.61 -4.59 -9.09
CA LYS B 406 37.65 -3.91 -8.32
C LYS B 406 36.99 -2.98 -7.31
N MET B 407 37.55 -2.96 -6.10
CA MET B 407 37.12 -2.04 -5.06
C MET B 407 38.35 -1.21 -4.70
N THR B 408 38.46 0.03 -5.20
CA THR B 408 39.71 0.75 -4.98
C THR B 408 39.46 1.87 -3.99
N PRO B 409 40.35 2.00 -2.98
CA PRO B 409 40.15 2.98 -1.91
C PRO B 409 39.97 4.38 -2.50
N ALA B 410 39.10 5.17 -1.87
CA ALA B 410 38.89 6.55 -2.26
C ALA B 410 38.84 7.43 -1.01
N GLY B 411 39.66 8.50 -0.99
CA GLY B 411 39.77 9.37 0.17
C GLY B 411 41.08 9.13 0.93
N GLY B 412 41.13 8.01 1.65
CA GLY B 412 42.33 7.57 2.35
C GLY B 412 42.20 7.53 3.88
N GLY B 413 41.61 8.60 4.46
CA GLY B 413 41.80 8.99 5.87
C GLY B 413 40.60 8.73 6.79
N LEU B 414 39.83 9.79 7.10
CA LEU B 414 38.75 9.79 8.09
C LEU B 414 39.30 9.98 9.50
N SER B 415 38.94 11.09 10.14
CA SER B 415 39.33 11.35 11.52
C SER B 415 38.26 10.80 12.46
N TRP B 416 38.71 9.97 13.39
CA TRP B 416 37.80 9.21 14.24
C TRP B 416 37.69 9.86 15.63
N GLN B 417 36.52 9.73 16.26
CA GLN B 417 36.39 9.88 17.70
C GLN B 417 35.80 8.57 18.26
N SER B 418 36.20 8.17 19.47
CA SER B 418 35.68 6.95 20.06
C SER B 418 34.77 7.28 21.24
N TYR B 419 33.93 6.30 21.62
CA TYR B 419 33.17 6.35 22.87
C TYR B 419 32.95 4.92 23.36
N ASN B 420 33.56 4.63 24.51
CA ASN B 420 33.55 3.30 25.11
C ASN B 420 32.18 3.01 25.71
N GLU B 421 31.63 1.86 25.35
CA GLU B 421 30.39 1.35 25.93
C GLU B 421 30.72 0.79 27.31
N GLU B 422 29.85 1.06 28.29
CA GLU B 422 30.04 0.59 29.65
C GLU B 422 29.51 -0.83 29.75
N THR B 423 30.14 -1.63 30.61
CA THR B 423 29.73 -3.01 30.87
C THR B 423 28.78 -2.99 32.06
N PRO B 424 27.44 -3.13 31.87
CA PRO B 424 26.51 -3.11 33.01
C PRO B 424 26.78 -4.32 33.92
N THR B 425 27.17 -4.01 35.16
CA THR B 425 27.56 -4.97 36.17
C THR B 425 26.42 -5.08 37.20
N ALA B 426 25.47 -6.01 36.93
CA ALA B 426 24.30 -6.25 37.77
C ALA B 426 24.16 -5.15 38.81
N ASP B 427 23.77 -3.94 38.36
CA ASP B 427 23.65 -2.78 39.25
C ASP B 427 22.18 -2.59 39.62
N ASP B 428 21.31 -3.43 39.03
CA ASP B 428 19.87 -3.48 39.28
C ASP B 428 19.27 -2.07 39.24
N SER B 429 19.79 -1.22 38.34
CA SER B 429 19.40 0.18 38.22
C SER B 429 18.49 0.42 37.01
N ASP B 430 18.98 0.09 35.81
CA ASP B 430 18.14 0.04 34.62
C ASP B 430 17.48 -1.34 34.54
N THR B 431 18.24 -2.32 35.01
CA THR B 431 17.94 -3.75 34.93
C THR B 431 16.61 -4.10 35.61
N LEU B 432 15.77 -4.87 34.90
CA LEU B 432 14.62 -5.58 35.46
C LEU B 432 15.04 -7.04 35.72
N THR B 433 14.33 -7.78 36.58
CA THR B 433 14.89 -8.98 37.20
C THR B 433 13.93 -10.16 37.16
N ALA B 434 14.49 -11.35 37.45
CA ALA B 434 13.76 -12.61 37.52
C ALA B 434 14.66 -13.69 38.11
N ASN B 435 14.02 -14.71 38.72
CA ASN B 435 14.69 -15.80 39.41
C ASN B 435 14.89 -16.95 38.41
N GLY B 436 15.44 -16.64 37.23
CA GLY B 436 15.52 -17.63 36.17
C GLY B 436 16.04 -17.02 34.87
N LEU B 437 16.23 -17.89 33.87
CA LEU B 437 16.84 -17.50 32.61
C LEU B 437 15.75 -17.37 31.54
N TRP B 438 15.70 -16.18 30.92
CA TRP B 438 14.69 -15.83 29.94
C TRP B 438 15.22 -15.94 28.51
N GLU B 439 14.38 -16.44 27.59
CA GLU B 439 14.70 -16.52 26.17
C GLU B 439 14.76 -15.12 25.55
N GLN B 440 15.81 -14.87 24.75
CA GLN B 440 16.19 -13.54 24.27
C GLN B 440 15.06 -12.88 23.48
N LYS B 441 14.58 -13.54 22.41
CA LYS B 441 13.47 -13.01 21.61
C LYS B 441 12.35 -12.50 22.53
N ASN B 442 12.03 -13.25 23.59
CA ASN B 442 10.91 -12.94 24.49
C ASN B 442 11.16 -11.61 25.19
N VAL B 443 12.39 -11.41 25.64
CA VAL B 443 12.78 -10.23 26.39
C VAL B 443 12.99 -9.03 25.45
N THR B 444 13.66 -9.21 24.31
CA THR B 444 14.04 -8.09 23.46
C THR B 444 12.94 -7.77 22.44
N ARG B 445 12.10 -8.77 22.12
CA ARG B 445 11.14 -8.70 21.03
C ARG B 445 11.86 -8.29 19.74
N ASP B 446 13.17 -8.54 19.68
CA ASP B 446 13.93 -8.26 18.49
C ASP B 446 14.07 -6.75 18.30
N SER B 447 13.92 -5.96 19.37
CA SER B 447 14.13 -4.53 19.31
C SER B 447 15.62 -4.21 19.17
N SER B 448 16.47 -5.17 19.56
CA SER B 448 17.91 -5.01 19.47
C SER B 448 18.54 -6.38 19.30
N ASP B 449 19.77 -6.44 18.79
CA ASP B 449 20.48 -7.70 18.71
C ASP B 449 21.00 -8.10 20.09
N TYR B 450 21.07 -7.14 21.03
CA TYR B 450 21.79 -7.29 22.29
C TYR B 450 20.89 -7.46 23.51
N LEU B 451 21.21 -8.48 24.33
CA LEU B 451 20.58 -8.66 25.63
C LEU B 451 21.64 -9.03 26.66
N TRP B 452 21.72 -8.25 27.76
CA TRP B 452 22.60 -8.54 28.88
C TRP B 452 21.90 -9.47 29.85
N TYR B 453 22.60 -10.57 30.22
CA TYR B 453 22.17 -11.52 31.22
C TYR B 453 23.14 -11.36 32.38
N MET B 454 22.64 -10.91 33.53
CA MET B 454 23.51 -10.44 34.59
C MET B 454 23.16 -11.10 35.93
N THR B 455 24.19 -11.51 36.69
CA THR B 455 24.02 -12.17 37.99
C THR B 455 25.26 -11.98 38.83
N ASN B 456 25.06 -12.02 40.15
CA ASN B 456 26.11 -11.83 41.15
C ASN B 456 26.51 -13.21 41.70
N VAL B 457 27.81 -13.43 41.85
CA VAL B 457 28.29 -14.65 42.47
C VAL B 457 29.10 -14.27 43.70
N ASN B 458 28.59 -14.64 44.89
CA ASN B 458 29.24 -14.36 46.17
C ASN B 458 30.28 -15.43 46.48
N ILE B 459 31.52 -15.02 46.73
CA ILE B 459 32.61 -15.95 47.01
C ILE B 459 33.05 -15.76 48.46
N ALA B 460 32.94 -16.86 49.23
CA ALA B 460 33.29 -16.89 50.64
C ALA B 460 34.79 -16.75 50.79
N SER B 461 35.22 -16.03 51.85
CA SER B 461 36.59 -15.54 51.94
C SER B 461 37.58 -16.67 52.16
N ASN B 462 37.06 -17.85 52.53
CA ASN B 462 37.83 -19.04 52.87
C ASN B 462 37.85 -20.01 51.67
N GLU B 463 37.37 -19.56 50.51
CA GLU B 463 37.29 -20.47 49.36
C GLU B 463 38.68 -21.01 49.04
N GLY B 464 38.74 -22.32 48.77
CA GLY B 464 39.97 -23.03 48.47
C GLY B 464 40.78 -22.35 47.38
N PHE B 465 40.11 -21.97 46.27
CA PHE B 465 40.82 -21.46 45.09
C PHE B 465 41.52 -20.14 45.42
N LEU B 466 41.03 -19.42 46.43
CA LEU B 466 41.62 -18.14 46.84
C LEU B 466 43.00 -18.36 47.44
N LYS B 467 43.13 -19.43 48.26
CA LYS B 467 44.40 -19.78 48.90
C LYS B 467 45.45 -20.07 47.83
N ASN B 468 45.08 -20.82 46.78
CA ASN B 468 46.03 -21.21 45.74
C ASN B 468 45.85 -20.31 44.52
N GLY B 469 46.58 -20.63 43.44
CA GLY B 469 46.59 -19.80 42.25
C GLY B 469 45.55 -20.22 41.23
N LYS B 470 44.68 -21.18 41.60
CA LYS B 470 43.62 -21.66 40.73
C LYS B 470 42.54 -20.59 40.57
N ASP B 471 41.77 -20.72 39.48
CA ASP B 471 40.57 -19.96 39.23
C ASP B 471 39.42 -20.95 39.10
N PRO B 472 38.19 -20.65 39.57
CA PRO B 472 37.05 -21.54 39.34
C PRO B 472 36.73 -21.65 37.85
N TYR B 473 35.89 -22.62 37.47
CA TYR B 473 35.60 -22.89 36.07
C TYR B 473 34.14 -22.54 35.78
N LEU B 474 33.92 -21.70 34.77
CA LEU B 474 32.56 -21.27 34.42
C LEU B 474 32.12 -21.89 33.10
N THR B 475 30.91 -22.48 33.12
CA THR B 475 30.25 -23.05 31.96
C THR B 475 28.96 -22.28 31.67
N VAL B 476 28.85 -21.69 30.46
CA VAL B 476 27.64 -21.01 30.03
C VAL B 476 27.17 -21.65 28.72
N MET B 477 26.02 -22.32 28.79
CA MET B 477 25.33 -22.89 27.63
C MET B 477 24.29 -21.87 27.14
N SER B 478 24.34 -21.55 25.84
CA SER B 478 23.45 -20.56 25.24
C SER B 478 22.88 -21.12 23.94
N ALA B 479 21.66 -20.69 23.60
CA ALA B 479 20.99 -21.10 22.39
C ALA B 479 21.54 -20.30 21.20
N GLY B 480 22.37 -19.28 21.49
CA GLY B 480 23.08 -18.53 20.47
C GLY B 480 22.78 -17.03 20.53
N HIS B 481 23.39 -16.24 19.63
CA HIS B 481 24.24 -16.70 18.54
C HIS B 481 25.68 -16.27 18.75
N VAL B 482 25.92 -15.20 19.51
CA VAL B 482 27.23 -14.82 20.01
C VAL B 482 27.11 -14.60 21.52
N LEU B 483 28.19 -14.91 22.25
CA LEU B 483 28.21 -14.69 23.69
C LEU B 483 29.53 -14.09 24.11
N HIS B 484 29.45 -12.97 24.83
CA HIS B 484 30.60 -12.38 25.51
C HIS B 484 30.44 -12.58 27.01
N VAL B 485 31.41 -13.29 27.61
CA VAL B 485 31.41 -13.46 29.05
C VAL B 485 32.30 -12.37 29.66
N PHE B 486 31.66 -11.53 30.48
CA PHE B 486 32.31 -10.47 31.23
C PHE B 486 32.34 -10.84 32.72
N VAL B 487 33.54 -10.82 33.32
CA VAL B 487 33.67 -11.02 34.75
C VAL B 487 34.18 -9.74 35.41
N ASN B 488 33.41 -9.23 36.39
CA ASN B 488 33.82 -8.05 37.16
C ASN B 488 34.25 -6.96 36.17
N GLY B 489 33.45 -6.76 35.11
CA GLY B 489 33.64 -5.65 34.18
C GLY B 489 34.61 -5.94 33.02
N LYS B 490 35.48 -6.97 33.15
CA LYS B 490 36.51 -7.31 32.17
C LYS B 490 36.05 -8.43 31.24
N LEU B 491 36.37 -8.35 29.93
CA LEU B 491 35.95 -9.36 28.96
C LEU B 491 36.79 -10.62 29.13
N SER B 492 36.14 -11.77 29.31
CA SER B 492 36.83 -12.97 29.75
C SER B 492 36.92 -14.00 28.62
N GLY B 493 36.01 -13.90 27.67
CA GLY B 493 36.00 -14.81 26.52
C GLY B 493 34.83 -14.47 25.60
N THR B 494 34.93 -14.92 24.34
CA THR B 494 33.88 -14.77 23.35
C THR B 494 33.75 -16.09 22.58
N VAL B 495 32.53 -16.63 22.54
CA VAL B 495 32.25 -17.76 21.67
C VAL B 495 31.14 -17.35 20.70
N TYR B 496 31.12 -17.97 19.51
CA TYR B 496 30.07 -17.69 18.54
C TYR B 496 29.73 -18.96 17.77
N GLY B 497 28.56 -18.95 17.11
CA GLY B 497 28.02 -20.13 16.45
C GLY B 497 28.15 -20.03 14.92
N THR B 498 27.44 -20.92 14.24
CA THR B 498 27.36 -20.89 12.79
C THR B 498 25.88 -20.95 12.44
N LEU B 499 25.58 -20.83 11.13
CA LEU B 499 24.20 -20.88 10.67
C LEU B 499 23.57 -22.23 11.08
N ASP B 500 24.35 -23.31 10.92
CA ASP B 500 23.83 -24.63 11.17
C ASP B 500 23.81 -24.91 12.66
N ASN B 501 24.79 -24.41 13.42
CA ASN B 501 24.86 -24.68 14.85
C ASN B 501 25.00 -23.36 15.61
N PRO B 502 23.90 -22.58 15.74
CA PRO B 502 23.93 -21.37 16.52
C PRO B 502 24.07 -21.59 18.03
N LYS B 503 23.79 -22.80 18.52
CA LYS B 503 23.90 -23.09 19.95
C LYS B 503 25.37 -22.90 20.37
N LEU B 504 25.64 -22.63 21.65
CA LEU B 504 26.99 -22.35 22.09
C LEU B 504 27.22 -22.78 23.54
N THR B 505 28.49 -23.06 23.86
CA THR B 505 28.97 -23.23 25.23
C THR B 505 30.28 -22.49 25.40
N TYR B 506 30.33 -21.62 26.41
CA TYR B 506 31.59 -21.08 26.91
C TYR B 506 32.02 -21.91 28.12
N SER B 507 33.32 -22.24 28.17
CA SER B 507 33.85 -23.03 29.27
C SER B 507 35.29 -22.60 29.50
N GLY B 508 35.54 -21.95 30.65
CA GLY B 508 36.85 -21.38 30.92
C GLY B 508 37.04 -21.00 32.39
N ASN B 509 38.31 -20.93 32.77
CA ASN B 509 38.71 -20.45 34.09
C ASN B 509 38.43 -18.95 34.15
N VAL B 510 37.73 -18.52 35.21
CA VAL B 510 37.45 -17.10 35.39
C VAL B 510 38.05 -16.61 36.72
N LYS B 511 38.74 -15.47 36.65
CA LYS B 511 39.38 -14.82 37.79
C LYS B 511 38.31 -14.20 38.71
N LEU B 512 37.79 -14.97 39.68
CA LEU B 512 36.93 -14.40 40.70
C LEU B 512 37.78 -14.04 41.92
N ARG B 513 37.25 -13.13 42.76
CA ARG B 513 37.86 -12.72 44.01
C ARG B 513 36.83 -12.87 45.13
N ALA B 514 37.28 -12.73 46.39
CA ALA B 514 36.43 -12.88 47.56
C ALA B 514 35.37 -11.77 47.56
N GLY B 515 34.14 -12.11 47.98
CA GLY B 515 33.03 -11.16 48.03
C GLY B 515 32.09 -11.33 46.83
N ILE B 516 31.41 -10.24 46.46
CA ILE B 516 30.44 -10.24 45.37
C ILE B 516 31.18 -10.06 44.05
N ASN B 517 30.94 -10.99 43.10
CA ASN B 517 31.50 -10.93 41.76
C ASN B 517 30.37 -10.72 40.77
N LYS B 518 30.60 -9.83 39.79
CA LYS B 518 29.56 -9.45 38.85
C LYS B 518 29.83 -10.10 37.49
N ILE B 519 28.93 -11.01 37.13
CA ILE B 519 29.00 -11.74 35.87
C ILE B 519 27.95 -11.15 34.94
N SER B 520 28.41 -10.69 33.77
CA SER B 520 27.58 -10.03 32.78
C SER B 520 27.80 -10.72 31.43
N LEU B 521 26.72 -11.29 30.89
CA LEU B 521 26.79 -12.05 29.66
C LEU B 521 26.06 -11.27 28.56
N LEU B 522 26.79 -10.90 27.52
CA LEU B 522 26.22 -10.21 26.38
C LEU B 522 25.83 -11.24 25.32
N SER B 523 24.53 -11.45 25.15
CA SER B 523 23.98 -12.39 24.20
C SER B 523 23.54 -11.67 22.93
N VAL B 524 23.99 -12.16 21.78
CA VAL B 524 23.76 -11.45 20.54
C VAL B 524 23.07 -12.40 19.56
N SER B 525 21.99 -11.95 18.93
CA SER B 525 21.38 -12.65 17.79
C SER B 525 21.86 -12.02 16.48
N VAL B 526 22.09 -12.86 15.44
CA VAL B 526 22.56 -12.39 14.14
C VAL B 526 21.51 -12.76 13.09
N GLY B 527 20.40 -12.00 13.04
CA GLY B 527 19.24 -12.41 12.27
C GLY B 527 18.52 -13.58 12.95
N LEU B 528 17.22 -13.72 12.68
CA LEU B 528 16.40 -14.78 13.25
C LEU B 528 16.16 -15.86 12.18
N PRO B 529 16.08 -17.16 12.59
CA PRO B 529 15.92 -18.24 11.63
C PRO B 529 14.71 -17.98 10.73
N ASN B 530 14.75 -18.53 9.49
CA ASN B 530 13.83 -18.12 8.44
C ASN B 530 13.36 -19.34 7.65
N VAL B 531 13.71 -20.54 8.11
CA VAL B 531 13.40 -21.75 7.36
C VAL B 531 13.50 -22.96 8.30
N GLY B 532 12.55 -23.88 8.18
CA GLY B 532 12.54 -25.08 8.98
C GLY B 532 11.17 -25.29 9.61
N VAL B 533 10.83 -26.55 9.90
CA VAL B 533 9.57 -26.84 10.56
C VAL B 533 9.69 -26.39 12.02
N HIS B 534 8.77 -25.51 12.44
CA HIS B 534 8.72 -24.95 13.79
C HIS B 534 9.97 -24.13 14.05
N TYR B 535 10.46 -23.38 13.04
CA TYR B 535 11.67 -22.59 13.22
C TYR B 535 11.40 -21.43 14.18
N ASP B 536 10.14 -21.04 14.30
CA ASP B 536 9.71 -19.92 15.14
C ASP B 536 9.83 -20.28 16.62
N THR B 537 9.95 -21.59 16.92
CA THR B 537 9.91 -22.04 18.30
C THR B 537 11.33 -22.19 18.82
N TRP B 538 12.31 -22.12 17.91
CA TRP B 538 13.73 -22.22 18.25
C TRP B 538 14.15 -21.01 19.09
N ASN B 539 15.00 -21.24 20.10
CA ASN B 539 15.37 -20.24 21.09
C ASN B 539 16.64 -19.49 20.69
N ALA B 540 16.81 -18.32 21.31
CA ALA B 540 18.04 -17.55 21.31
C ALA B 540 18.33 -17.15 22.76
N GLY B 541 19.60 -16.93 23.09
CA GLY B 541 19.95 -16.36 24.38
C GLY B 541 20.46 -17.43 25.34
N VAL B 542 20.86 -16.97 26.53
CA VAL B 542 21.49 -17.80 27.54
C VAL B 542 20.40 -18.45 28.41
N LEU B 543 20.02 -19.67 28.05
CA LEU B 543 19.02 -20.40 28.81
C LEU B 543 19.68 -21.45 29.68
N GLY B 544 21.02 -21.47 29.66
CA GLY B 544 21.80 -22.36 30.50
C GLY B 544 21.81 -23.81 30.01
N PRO B 545 22.29 -24.76 30.83
CA PRO B 545 22.64 -24.47 32.23
C PRO B 545 23.97 -23.74 32.42
N VAL B 546 24.05 -22.85 33.43
CA VAL B 546 25.26 -22.14 33.81
C VAL B 546 25.77 -22.61 35.17
N THR B 547 26.96 -23.22 35.16
CA THR B 547 27.57 -23.86 36.32
C THR B 547 28.92 -23.22 36.64
N LEU B 548 29.27 -23.23 37.94
CA LEU B 548 30.53 -22.74 38.45
C LEU B 548 31.20 -23.82 39.30
N SER B 549 32.33 -24.36 38.82
CA SER B 549 32.99 -25.50 39.45
C SER B 549 34.34 -25.10 40.07
N GLY B 550 34.81 -25.93 41.02
CA GLY B 550 36.06 -25.70 41.72
C GLY B 550 35.90 -24.93 43.04
N LEU B 551 34.72 -25.00 43.67
CA LEU B 551 34.48 -24.35 44.96
C LEU B 551 34.48 -25.39 46.09
N ASN B 552 34.46 -24.92 47.35
CA ASN B 552 34.48 -25.75 48.54
C ASN B 552 33.22 -26.61 48.57
N GLU B 553 32.09 -25.98 48.22
CA GLU B 553 30.77 -26.56 48.28
C GLU B 553 30.52 -27.45 47.07
N GLY B 554 31.50 -27.59 46.15
CA GLY B 554 31.27 -28.29 44.90
C GLY B 554 31.08 -27.32 43.75
N SER B 555 29.96 -27.44 43.03
CA SER B 555 29.63 -26.57 41.92
C SER B 555 28.46 -25.67 42.31
N ARG B 556 28.22 -24.59 41.56
CA ARG B 556 27.02 -23.78 41.76
C ARG B 556 26.26 -23.70 40.44
N ASN B 557 25.02 -24.24 40.43
CA ASN B 557 24.09 -24.02 39.34
C ASN B 557 23.47 -22.63 39.51
N LEU B 558 23.88 -21.66 38.67
CA LEU B 558 23.48 -20.25 38.83
C LEU B 558 22.21 -19.94 38.04
N ALA B 559 21.67 -20.94 37.31
CA ALA B 559 20.50 -20.73 36.45
C ALA B 559 19.27 -20.34 37.28
N LYS B 560 19.25 -20.70 38.56
CA LYS B 560 18.07 -20.56 39.41
C LYS B 560 18.14 -19.36 40.35
N GLN B 561 19.14 -18.48 40.19
CA GLN B 561 19.26 -17.31 41.06
C GLN B 561 18.78 -16.05 40.34
N LYS B 562 19.02 -14.87 40.95
CA LYS B 562 18.46 -13.62 40.46
C LYS B 562 19.26 -13.11 39.27
N TRP B 563 18.57 -12.99 38.12
CA TRP B 563 19.14 -12.45 36.90
C TRP B 563 18.54 -11.07 36.63
N SER B 564 19.43 -10.11 36.37
CA SER B 564 19.11 -8.80 35.82
C SER B 564 19.19 -8.91 34.30
N TYR B 565 18.41 -8.07 33.61
CA TYR B 565 18.40 -7.98 32.16
C TYR B 565 18.49 -6.52 31.69
N LYS B 566 19.27 -6.29 30.63
CA LYS B 566 19.23 -5.02 29.90
C LYS B 566 19.18 -5.30 28.41
N VAL B 567 18.09 -4.86 27.79
CA VAL B 567 17.85 -4.92 26.36
C VAL B 567 18.68 -3.83 25.70
N GLY B 568 19.41 -4.18 24.64
CA GLY B 568 20.11 -3.19 23.80
C GLY B 568 21.37 -2.66 24.45
N LEU B 569 22.08 -1.76 23.75
CA LEU B 569 23.27 -1.08 24.26
C LEU B 569 22.88 0.30 24.77
N LYS B 570 23.73 0.93 25.59
CA LYS B 570 23.51 2.29 26.06
C LYS B 570 23.59 3.27 24.89
N GLY B 571 24.48 2.98 23.94
CA GLY B 571 24.66 3.81 22.76
C GLY B 571 23.42 3.80 21.88
N GLU B 572 22.71 2.66 21.89
CA GLU B 572 21.43 2.51 21.23
C GLU B 572 20.38 3.35 21.94
N SER B 573 20.31 3.26 23.29
CA SER B 573 19.32 4.02 24.03
C SER B 573 19.60 5.52 23.93
N LEU B 574 20.86 5.91 23.63
CA LEU B 574 21.28 7.29 23.46
C LEU B 574 21.32 7.68 21.99
N SER B 575 20.98 6.76 21.07
CA SER B 575 20.95 7.00 19.63
C SER B 575 22.23 7.69 19.15
N LEU B 576 23.38 7.05 19.38
CA LEU B 576 24.67 7.60 19.00
C LEU B 576 24.83 7.50 17.49
N HIS B 577 23.94 6.74 16.83
CA HIS B 577 23.95 6.52 15.38
C HIS B 577 23.29 7.68 14.63
N SER B 578 22.34 8.40 15.30
CA SER B 578 21.51 9.41 14.67
C SER B 578 22.23 10.76 14.56
N LEU B 579 21.79 11.55 13.59
CA LEU B 579 22.53 12.64 12.99
C LEU B 579 22.29 13.92 13.79
N SER B 580 21.21 13.92 14.59
CA SER B 580 20.77 15.10 15.32
C SER B 580 19.95 14.76 16.57
N GLY B 581 19.78 13.46 16.88
CA GLY B 581 19.16 13.01 18.13
C GLY B 581 20.16 12.32 19.05
N SER B 582 21.43 12.71 18.94
CA SER B 582 22.61 11.96 19.39
C SER B 582 22.59 11.70 20.89
N SER B 583 22.20 12.69 21.71
CA SER B 583 22.25 12.51 23.15
C SER B 583 23.72 12.45 23.58
N SER B 584 24.47 13.49 23.22
CA SER B 584 25.89 13.71 23.44
C SER B 584 26.51 13.02 24.67
N VAL B 585 27.58 12.24 24.42
CA VAL B 585 28.45 11.69 25.45
C VAL B 585 29.86 12.26 25.25
N GLU B 586 30.82 11.83 26.09
CA GLU B 586 32.18 12.36 26.02
C GLU B 586 32.99 11.56 24.98
N TRP B 587 33.16 12.13 23.78
CA TRP B 587 33.97 11.46 22.78
C TRP B 587 35.44 11.81 22.96
N VAL B 588 36.31 10.92 22.49
CA VAL B 588 37.77 11.01 22.60
C VAL B 588 38.35 11.24 21.20
N ARG B 589 39.39 12.09 21.06
CA ARG B 589 40.12 12.27 19.81
C ARG B 589 41.61 11.97 20.00
N GLY B 590 42.40 12.22 18.94
CA GLY B 590 43.86 12.18 18.95
C GLY B 590 44.39 10.78 19.23
N SER B 591 45.37 10.70 20.16
CA SER B 591 46.09 9.49 20.52
C SER B 591 45.14 8.49 21.16
N LEU B 592 44.43 8.95 22.20
CA LEU B 592 43.66 8.16 23.15
C LEU B 592 42.47 7.47 22.48
N MET B 593 42.40 7.57 21.14
CA MET B 593 41.58 6.75 20.25
C MET B 593 41.55 5.29 20.67
N ALA B 594 40.36 4.78 21.05
CA ALA B 594 40.24 3.39 21.48
C ALA B 594 40.60 2.46 20.33
N GLN B 595 41.67 1.67 20.56
CA GLN B 595 42.14 0.64 19.64
C GLN B 595 41.89 -0.72 20.27
N LYS B 596 41.39 -1.66 19.46
CA LYS B 596 41.28 -3.06 19.80
C LYS B 596 40.36 -3.26 21.00
N GLN B 597 39.47 -2.30 21.28
CA GLN B 597 38.66 -2.33 22.50
C GLN B 597 37.26 -2.81 22.16
N PRO B 598 36.72 -3.83 22.88
CA PRO B 598 35.33 -4.28 22.71
C PRO B 598 34.28 -3.21 23.05
N LEU B 599 33.07 -3.38 22.49
CA LEU B 599 31.95 -2.50 22.73
C LEU B 599 32.37 -1.03 22.62
N THR B 600 32.85 -0.61 21.45
CA THR B 600 33.23 0.78 21.25
C THR B 600 32.44 1.40 20.11
N TRP B 601 32.04 2.67 20.29
CA TRP B 601 31.47 3.50 19.25
C TRP B 601 32.57 4.31 18.55
N TYR B 602 32.44 4.47 17.24
CA TYR B 602 33.34 5.33 16.48
C TYR B 602 32.54 6.21 15.53
N LYS B 603 32.97 7.47 15.37
CA LYS B 603 32.30 8.39 14.48
C LYS B 603 33.33 9.27 13.77
N ALA B 604 32.97 9.66 12.55
CA ALA B 604 33.82 10.38 11.61
C ALA B 604 32.91 11.07 10.60
N THR B 605 33.38 12.21 10.06
CA THR B 605 32.58 13.07 9.22
C THR B 605 33.37 13.32 7.92
N PHE B 606 32.74 13.04 6.78
CA PHE B 606 33.44 12.91 5.51
C PHE B 606 32.68 13.55 4.36
N ASN B 607 33.43 13.82 3.29
CA ASN B 607 32.88 14.22 2.01
C ASN B 607 32.59 12.99 1.15
N ALA B 608 31.45 13.04 0.44
CA ALA B 608 31.15 12.07 -0.59
C ALA B 608 32.29 12.06 -1.61
N PRO B 609 32.89 10.89 -1.95
CA PRO B 609 33.78 10.81 -3.11
C PRO B 609 33.03 11.18 -4.40
N GLY B 610 33.78 11.61 -5.41
CA GLY B 610 33.22 12.02 -6.68
C GLY B 610 32.63 10.84 -7.46
N GLY B 611 31.98 11.16 -8.57
CA GLY B 611 31.57 10.19 -9.57
C GLY B 611 30.17 9.65 -9.26
N ASN B 612 29.77 8.65 -10.06
CA ASN B 612 28.46 8.02 -10.05
C ASN B 612 28.61 6.51 -9.84
N ASP B 613 29.84 6.06 -9.50
CA ASP B 613 30.21 4.68 -9.35
C ASP B 613 29.86 4.22 -7.94
N PRO B 614 29.37 2.97 -7.78
CA PRO B 614 28.97 2.49 -6.45
C PRO B 614 30.08 2.59 -5.40
N LEU B 615 29.66 2.69 -4.12
CA LEU B 615 30.53 2.91 -2.98
C LEU B 615 30.30 1.84 -1.92
N ALA B 616 31.37 1.49 -1.20
CA ALA B 616 31.28 0.61 -0.05
C ALA B 616 32.24 1.10 1.03
N LEU B 617 32.13 0.49 2.23
CA LEU B 617 33.11 0.64 3.29
C LEU B 617 33.98 -0.60 3.36
N ASP B 618 35.31 -0.41 3.31
CA ASP B 618 36.28 -1.49 3.50
C ASP B 618 36.51 -1.64 5.00
N MET B 619 35.94 -2.70 5.58
CA MET B 619 35.82 -2.84 7.02
C MET B 619 36.78 -3.92 7.52
N ALA B 620 37.75 -4.32 6.69
CA ALA B 620 38.65 -5.42 6.97
C ALA B 620 39.38 -5.22 8.30
N SER B 621 39.63 -3.96 8.67
CA SER B 621 40.38 -3.66 9.88
C SER B 621 39.53 -3.83 11.14
N MET B 622 38.25 -4.20 10.98
CA MET B 622 37.28 -4.14 12.06
C MET B 622 36.81 -5.56 12.43
N GLY B 623 35.87 -5.68 13.39
CA GLY B 623 35.57 -6.99 13.96
C GLY B 623 34.17 -7.48 13.62
N LYS B 624 33.19 -6.87 14.31
CA LYS B 624 31.77 -7.11 14.15
C LYS B 624 31.04 -5.92 14.76
N GLY B 625 29.88 -5.53 14.19
CA GLY B 625 29.09 -4.43 14.73
C GLY B 625 28.00 -3.99 13.76
N GLN B 626 27.65 -2.69 13.81
CA GLN B 626 26.70 -2.08 12.90
C GLN B 626 27.28 -0.79 12.33
N ILE B 627 26.81 -0.41 11.13
CA ILE B 627 27.26 0.78 10.43
C ILE B 627 26.04 1.68 10.17
N TRP B 628 26.20 2.98 10.45
CA TRP B 628 25.22 3.99 10.08
C TRP B 628 25.88 5.06 9.22
N ILE B 629 25.11 5.62 8.28
CA ILE B 629 25.51 6.76 7.46
C ILE B 629 24.37 7.76 7.51
N ASN B 630 24.68 8.98 7.99
CA ASN B 630 23.72 10.02 8.30
C ASN B 630 22.47 9.42 8.92
N GLY B 631 22.66 8.54 9.92
CA GLY B 631 21.58 8.00 10.74
C GLY B 631 20.79 6.88 10.06
N GLU B 632 21.22 6.44 8.87
CA GLU B 632 20.58 5.36 8.15
C GLU B 632 21.44 4.10 8.24
N GLY B 633 20.83 2.99 8.68
CA GLY B 633 21.48 1.72 8.88
C GLY B 633 21.97 1.09 7.57
N VAL B 634 23.29 1.03 7.42
CA VAL B 634 23.91 0.36 6.28
C VAL B 634 23.80 -1.14 6.47
N GLY B 635 23.96 -1.60 7.71
CA GLY B 635 23.82 -3.02 8.06
C GLY B 635 24.83 -3.46 9.12
N ARG B 636 24.79 -4.78 9.45
CA ARG B 636 25.76 -5.37 10.36
C ARG B 636 27.04 -5.64 9.58
N HIS B 637 28.20 -5.33 10.17
CA HIS B 637 29.47 -5.82 9.65
C HIS B 637 29.91 -7.02 10.49
N TRP B 638 30.58 -7.98 9.85
CA TRP B 638 31.24 -9.04 10.59
C TRP B 638 32.48 -9.52 9.83
N PRO B 639 33.41 -8.60 9.43
CA PRO B 639 34.61 -9.00 8.70
C PRO B 639 35.45 -9.97 9.51
N GLY B 640 35.27 -9.93 10.83
CA GLY B 640 35.97 -10.82 11.74
C GLY B 640 35.66 -12.29 11.47
N TYR B 641 34.49 -12.59 10.91
CA TYR B 641 34.13 -13.97 10.63
C TYR B 641 34.75 -14.39 9.31
N ILE B 642 35.81 -15.21 9.36
CA ILE B 642 36.53 -15.61 8.14
C ILE B 642 35.77 -16.74 7.43
N ALA B 643 35.64 -16.63 6.11
CA ALA B 643 34.97 -17.60 5.26
C ALA B 643 35.68 -18.94 5.27
N GLN B 644 34.97 -20.01 5.65
CA GLN B 644 35.50 -21.37 5.65
C GLN B 644 34.66 -22.23 4.71
N GLY B 645 35.34 -23.13 3.97
CA GLY B 645 34.64 -23.92 2.98
C GLY B 645 35.59 -24.66 2.05
N ASP B 646 35.01 -25.30 1.04
CA ASP B 646 35.79 -25.93 -0.02
C ASP B 646 35.66 -24.99 -1.22
N CYS B 647 36.79 -24.50 -1.73
CA CYS B 647 36.79 -23.54 -2.81
C CYS B 647 37.68 -24.03 -3.94
N SER B 648 37.44 -25.25 -4.44
CA SER B 648 38.15 -25.78 -5.60
C SER B 648 37.57 -25.13 -6.86
N LYS B 649 38.38 -25.10 -7.93
CA LYS B 649 37.95 -24.47 -9.17
C LYS B 649 36.89 -25.39 -9.81
N CYS B 650 35.95 -24.78 -10.54
CA CYS B 650 34.88 -25.53 -11.16
C CYS B 650 34.82 -25.26 -12.66
N SER B 651 34.17 -26.15 -13.39
CA SER B 651 33.76 -25.84 -14.76
C SER B 651 32.23 -25.74 -14.80
N TYR B 652 31.70 -25.03 -15.81
CA TYR B 652 30.26 -24.90 -16.00
C TYR B 652 29.57 -26.25 -16.16
N ALA B 653 30.26 -27.23 -16.77
CA ALA B 653 29.65 -28.50 -17.17
C ALA B 653 29.37 -29.37 -15.95
N GLY B 654 28.27 -30.15 -16.00
CA GLY B 654 27.91 -31.06 -14.92
C GLY B 654 26.92 -30.43 -13.94
N THR B 655 26.16 -31.30 -13.23
CA THR B 655 25.11 -30.89 -12.32
C THR B 655 25.68 -30.00 -11.22
N PHE B 656 25.15 -28.78 -11.15
CA PHE B 656 25.59 -27.75 -10.21
C PHE B 656 24.97 -28.03 -8.84
N ASN B 657 25.69 -27.68 -7.78
CA ASN B 657 25.12 -27.61 -6.44
C ASN B 657 25.76 -26.39 -5.79
N GLU B 658 25.15 -25.89 -4.70
CA GLU B 658 25.55 -24.62 -4.08
C GLU B 658 27.01 -24.63 -3.60
N LYS B 659 27.65 -25.80 -3.46
CA LYS B 659 29.02 -25.87 -2.95
C LYS B 659 30.05 -25.91 -4.07
N LYS B 660 29.62 -26.11 -5.33
CA LYS B 660 30.51 -26.37 -6.47
C LYS B 660 31.46 -25.20 -6.76
N CYS B 661 30.97 -23.96 -6.86
CA CYS B 661 31.81 -22.86 -7.29
C CYS B 661 31.93 -21.82 -6.17
N GLN B 662 32.56 -22.19 -5.06
CA GLN B 662 32.69 -21.27 -3.94
C GLN B 662 33.99 -20.50 -4.09
N THR B 663 33.99 -19.23 -3.62
CA THR B 663 35.13 -18.33 -3.74
C THR B 663 35.34 -17.57 -2.43
N ASN B 664 36.53 -16.99 -2.26
CA ASN B 664 36.79 -16.03 -1.21
C ASN B 664 37.03 -16.73 0.12
N CYS B 665 37.57 -17.96 0.07
CA CYS B 665 37.89 -18.75 1.25
C CYS B 665 39.12 -18.15 1.93
N GLY B 666 39.07 -18.02 3.27
CA GLY B 666 40.21 -17.53 4.04
C GLY B 666 40.34 -16.02 3.89
N GLN B 667 39.21 -15.42 3.53
CA GLN B 667 39.01 -13.98 3.48
C GLN B 667 37.86 -13.65 4.42
N PRO B 668 37.68 -12.39 4.84
CA PRO B 668 36.50 -12.04 5.62
C PRO B 668 35.27 -12.39 4.77
N SER B 669 34.26 -13.03 5.39
CA SER B 669 33.05 -13.51 4.70
C SER B 669 32.44 -12.38 3.87
N GLN B 670 32.35 -11.21 4.49
CA GLN B 670 32.07 -9.95 3.83
C GLN B 670 33.03 -8.90 4.36
N ARG B 671 33.83 -8.34 3.43
CA ARG B 671 34.81 -7.31 3.72
C ARG B 671 34.24 -5.93 3.41
N TRP B 672 33.49 -5.86 2.29
CA TRP B 672 32.97 -4.60 1.79
C TRP B 672 31.49 -4.45 2.10
N TYR B 673 31.12 -3.26 2.59
CA TYR B 673 29.77 -2.95 3.02
C TYR B 673 29.19 -1.84 2.15
N HIS B 674 28.14 -2.19 1.38
CA HIS B 674 27.52 -1.32 0.38
C HIS B 674 27.02 -0.04 1.06
N VAL B 675 27.33 1.13 0.47
CA VAL B 675 26.81 2.41 0.90
C VAL B 675 26.06 3.05 -0.26
N PRO B 676 24.71 3.03 -0.24
CA PRO B 676 23.91 3.66 -1.30
C PRO B 676 24.27 5.13 -1.49
N ARG B 677 24.66 5.50 -2.71
CA ARG B 677 25.06 6.87 -3.04
C ARG B 677 24.00 7.87 -2.59
N SER B 678 22.71 7.51 -2.71
CA SER B 678 21.63 8.43 -2.39
C SER B 678 21.56 8.72 -0.89
N TRP B 679 22.45 8.12 -0.09
CA TRP B 679 22.44 8.32 1.36
C TRP B 679 23.39 9.45 1.75
N LEU B 680 24.19 9.93 0.78
CA LEU B 680 25.25 10.90 0.98
C LEU B 680 24.83 12.29 0.52
N LYS B 681 25.29 13.30 1.26
CA LYS B 681 25.33 14.70 0.87
C LYS B 681 26.72 14.95 0.29
N PRO B 682 26.98 16.11 -0.37
CA PRO B 682 28.30 16.36 -0.93
C PRO B 682 29.35 16.40 0.17
N SER B 683 29.00 17.05 1.29
CA SER B 683 29.87 17.21 2.44
C SER B 683 29.08 16.98 3.71
N GLY B 684 29.81 16.83 4.83
CA GLY B 684 29.23 16.69 6.15
C GLY B 684 28.41 15.43 6.29
N ASN B 685 29.01 14.28 5.99
CA ASN B 685 28.38 12.97 6.18
C ASN B 685 28.83 12.40 7.52
N LEU B 686 27.89 11.78 8.24
CA LEU B 686 28.20 11.18 9.53
C LEU B 686 28.27 9.66 9.41
N LEU B 687 29.47 9.10 9.62
CA LEU B 687 29.68 7.65 9.65
C LEU B 687 29.80 7.19 11.10
N VAL B 688 28.82 6.42 11.57
CA VAL B 688 28.91 5.86 12.91
C VAL B 688 29.02 4.35 12.81
N VAL B 689 29.98 3.80 13.54
CA VAL B 689 30.17 2.35 13.59
C VAL B 689 30.18 1.95 15.05
N PHE B 690 29.25 1.09 15.44
CA PHE B 690 29.43 0.34 16.67
C PHE B 690 30.32 -0.88 16.40
N GLU B 691 31.46 -0.96 17.11
CA GLU B 691 32.37 -2.09 17.02
C GLU B 691 32.15 -3.00 18.22
N GLU B 692 31.65 -4.22 17.97
CA GLU B 692 31.27 -5.15 19.03
C GLU B 692 32.53 -5.79 19.64
N TRP B 693 33.50 -6.15 18.80
CA TRP B 693 34.62 -7.02 19.17
C TRP B 693 35.91 -6.24 19.46
N GLY B 694 36.27 -5.32 18.56
CA GLY B 694 37.57 -4.68 18.60
C GLY B 694 38.11 -4.56 17.18
N GLY B 695 38.53 -3.34 16.81
CA GLY B 695 39.13 -3.09 15.51
C GLY B 695 39.91 -1.79 15.50
N ASN B 696 40.71 -1.60 14.45
CA ASN B 696 41.39 -0.34 14.25
C ASN B 696 40.57 0.47 13.25
N PRO B 697 39.95 1.59 13.66
CA PRO B 697 39.07 2.34 12.76
C PRO B 697 39.86 3.08 11.68
N THR B 698 41.11 3.45 11.97
CA THR B 698 41.93 4.18 11.03
C THR B 698 42.06 3.35 9.74
N GLY B 699 41.89 2.03 9.87
CA GLY B 699 42.02 1.09 8.75
C GLY B 699 40.82 1.14 7.79
N ILE B 700 39.68 1.64 8.28
CA ILE B 700 38.45 1.80 7.53
C ILE B 700 38.68 2.85 6.44
N SER B 701 38.28 2.52 5.21
CA SER B 701 38.29 3.44 4.08
C SER B 701 37.06 3.23 3.21
N LEU B 702 36.60 4.31 2.58
CA LEU B 702 35.57 4.20 1.55
C LEU B 702 36.21 3.66 0.28
N VAL B 703 35.46 2.88 -0.51
CA VAL B 703 35.97 2.33 -1.76
C VAL B 703 34.97 2.53 -2.89
N ARG B 704 35.54 2.57 -4.11
CA ARG B 704 34.79 2.85 -5.33
C ARG B 704 34.80 1.60 -6.20
N ARG B 705 33.61 1.17 -6.65
CA ARG B 705 33.45 -0.07 -7.38
C ARG B 705 33.43 0.16 -8.90
N SER B 706 34.31 -0.57 -9.59
CA SER B 706 34.33 -0.62 -11.04
C SER B 706 34.47 -2.07 -11.48
N ARG B 707 34.01 -2.35 -12.70
CA ARG B 707 34.14 -3.65 -13.33
C ARG B 707 34.56 -3.46 -14.78
N SER B 708 35.71 -4.05 -15.16
CA SER B 708 36.26 -3.94 -16.49
C SER B 708 36.58 -5.33 -17.04
N ALA B 709 36.52 -5.48 -18.38
CA ALA B 709 36.99 -6.67 -19.09
C ALA B 709 38.51 -6.83 -18.90
C1 NAG C . -31.04 -11.82 -22.35
C2 NAG C . -29.85 -12.64 -22.80
C3 NAG C . -30.33 -13.98 -23.32
C4 NAG C . -31.15 -14.75 -22.30
C5 NAG C . -32.36 -13.91 -21.88
C6 NAG C . -33.08 -14.50 -20.66
C7 NAG C . -27.86 -11.85 -23.97
C8 NAG C . -27.26 -10.80 -24.87
N2 NAG C . -29.18 -11.91 -23.86
O3 NAG C . -29.20 -14.79 -23.64
O4 NAG C . -31.54 -15.96 -22.95
O5 NAG C . -31.96 -12.58 -21.53
O6 NAG C . -33.70 -13.50 -19.82
O7 NAG C . -27.17 -12.58 -23.35
C1 NAG C . -31.52 -17.03 -21.99
C2 NAG C . -32.65 -18.06 -22.24
C3 NAG C . -32.38 -19.36 -21.45
C4 NAG C . -30.90 -19.80 -21.42
C5 NAG C . -30.12 -18.59 -20.86
C6 NAG C . -28.70 -18.85 -20.36
C7 NAG C . -35.01 -17.25 -22.79
C8 NAG C . -36.37 -16.87 -22.22
N2 NAG C . -34.01 -17.58 -21.93
O3 NAG C . -33.19 -20.41 -21.99
O4 NAG C . -30.75 -21.00 -20.64
O5 NAG C . -30.19 -17.58 -21.88
O6 NAG C . -27.76 -18.78 -21.43
O7 NAG C . -34.83 -17.23 -24.00
C1 GAL D . -15.08 -0.57 -4.24
C2 GAL D . -15.29 -1.73 -3.29
C3 GAL D . -16.73 -1.87 -2.79
C4 GAL D . -17.42 -0.56 -2.55
C5 GAL D . -17.12 0.44 -3.64
C6 GAL D . -17.69 1.80 -3.35
O1 GAL D . -13.73 -0.25 -4.40
O2 GAL D . -14.87 -2.95 -3.89
O3 GAL D . -16.70 -2.55 -1.53
O4 GAL D . -16.95 -0.07 -1.31
O5 GAL D . -15.70 0.59 -3.72
O6 GAL D . -16.88 2.78 -4.00
C1 GAL D . -17.42 4.08 -3.93
C2 GAL D . -16.81 4.83 -5.09
C3 GAL D . -17.24 6.27 -4.97
C4 GAL D . -18.76 6.40 -4.96
C5 GAL D . -19.35 5.53 -3.84
C6 GAL D . -20.88 5.51 -3.81
O2 GAL D . -15.41 4.60 -5.05
O3 GAL D . -16.65 7.01 -6.02
O4 GAL D . -19.30 5.97 -6.20
O5 GAL D . -18.85 4.16 -3.98
O6 GAL D . -21.43 4.23 -3.44
C1 NAG E . 4.76 -31.15 -23.95
C2 NAG E . 5.13 -32.66 -23.86
C3 NAG E . 4.15 -33.56 -24.59
C4 NAG E . 2.69 -33.22 -24.26
C5 NAG E . 2.38 -31.72 -24.28
C6 NAG E . 1.00 -31.45 -23.69
C7 NAG E . 7.41 -33.28 -23.62
C8 NAG E . 8.55 -34.09 -24.12
N2 NAG E . 6.40 -33.04 -24.43
O3 NAG E . 4.45 -34.91 -24.25
O4 NAG E . 1.83 -33.84 -25.21
O5 NAG E . 3.38 -30.94 -23.60
O6 NAG E . 1.10 -31.02 -22.33
O7 NAG E . 7.39 -32.84 -22.50
C1 NAG E . 1.14 -34.93 -24.57
C2 NAG E . -0.34 -35.11 -24.99
C3 NAG E . -0.90 -36.31 -24.23
C4 NAG E . 0.00 -37.54 -24.37
C5 NAG E . 1.46 -37.23 -23.98
C6 NAG E . 2.40 -38.40 -24.22
C7 NAG E . -1.70 -33.03 -25.42
C8 NAG E . -2.85 -32.21 -24.86
N2 NAG E . -1.27 -34.03 -24.64
O3 NAG E . -2.23 -36.56 -24.67
O4 NAG E . -0.57 -38.56 -23.54
O5 NAG E . 1.93 -36.12 -24.74
O6 NAG E . 3.69 -37.94 -24.62
O7 NAG E . -1.19 -32.79 -26.51
C1 GAL F . 15.20 -26.23 -0.33
C2 GAL F . 14.12 -26.98 0.45
C3 GAL F . 12.82 -26.16 0.50
C4 GAL F . 13.08 -24.76 1.03
C5 GAL F . 14.28 -24.10 0.36
C6 GAL F . 14.74 -22.84 1.07
O1 GAL F . 16.42 -26.90 -0.47
O2 GAL F . 13.90 -28.28 -0.12
O3 GAL F . 11.83 -26.81 1.30
O4 GAL F . 13.32 -24.82 2.43
O5 GAL F . 15.44 -24.98 0.33
O6 GAL F . 15.93 -22.37 0.43
C1 GAL F . 15.88 -21.06 0.01
C2 GAL F . 16.90 -20.90 -1.08
C3 GAL F . 17.07 -19.43 -1.37
C4 GAL F . 15.74 -18.80 -1.74
C5 GAL F . 14.63 -19.17 -0.77
C6 GAL F . 13.24 -18.81 -1.25
O2 GAL F . 18.09 -21.55 -0.67
O3 GAL F . 17.97 -19.29 -2.45
O4 GAL F . 15.38 -19.23 -3.05
O5 GAL F . 14.64 -20.62 -0.52
O6 GAL F . 12.70 -17.72 -0.47
C1 NAG G . -12.32 8.29 25.43
C2 NAG G . -11.01 7.71 25.96
C3 NAG G . -11.31 7.06 27.31
C4 NAG G . -11.77 8.11 28.33
C5 NAG G . -12.88 9.02 27.72
C6 NAG G . -12.88 10.37 28.46
C7 NAG G . -9.77 6.95 23.89
C8 NAG G . -9.16 8.27 23.61
N2 NAG G . -10.42 6.73 25.04
O3 NAG G . -10.19 6.32 27.85
O4 NAG G . -12.16 7.46 29.58
O5 NAG G . -12.79 9.31 26.31
O6 NAG G . -13.94 11.20 27.99
O7 NAG G . -9.65 6.09 23.04
C1 NAG H . 8.80 -14.47 28.75
C2 NAG H . 9.17 -15.58 29.75
C3 NAG H . 8.11 -15.60 30.86
C4 NAG H . 8.11 -14.24 31.56
C5 NAG H . 8.05 -13.04 30.57
C6 NAG H . 8.42 -11.75 31.32
C7 NAG H . 10.56 -17.37 28.72
C8 NAG H . 11.79 -16.64 29.14
N2 NAG H . 9.37 -16.90 29.12
O3 NAG H . 8.49 -16.63 31.77
O4 NAG H . 7.09 -14.17 32.59
O5 NAG H . 8.92 -13.20 29.42
O6 NAG H . 8.65 -10.64 30.45
O7 NAG H . 10.71 -18.37 28.02
C1 GAL I . 5.58 -32.42 -1.54
C2 GAL I . 6.28 -31.07 -1.61
C3 GAL I . 7.70 -31.18 -2.22
C4 GAL I . 8.48 -32.40 -1.71
C5 GAL I . 7.62 -33.66 -1.83
C6 GAL I . 8.41 -34.90 -1.42
O1 GAL I . 4.37 -32.28 -0.78
O2 GAL I . 5.46 -30.24 -2.40
O3 GAL I . 8.44 -29.96 -2.00
O4 GAL I . 8.87 -32.17 -0.34
O5 GAL I . 6.44 -33.47 -1.03
O6 GAL I . 7.54 -36.03 -1.26
#